data_9K9R
#
_entry.id   9K9R
#
_cell.length_a   1.00
_cell.length_b   1.00
_cell.length_c   1.00
_cell.angle_alpha   90.00
_cell.angle_beta   90.00
_cell.angle_gamma   90.00
#
_symmetry.space_group_name_H-M   'P 1'
#
loop_
_entity.id
_entity.type
_entity.pdbx_description
1 polymer 'DNA polymerase'
2 polymer E4R
3 polymer 'DNA polymerase processivity factor component A20'
4 polymer 'DNA (25-MER)'
5 polymer 'DNA (5U 38-MER)'
6 non-polymer 'MAGNESIUM ION'
7 non-polymer "THYMIDINE-5'-TRIPHOSPHATE"
#
loop_
_entity_poly.entity_id
_entity_poly.type
_entity_poly.pdbx_seq_one_letter_code
_entity_poly.pdbx_strand_id
1 'polypeptide(L)'
;MWSHPQFEKGSGSWSHPQFEKGSGSMDVRCINWFESHGENRFLYLKSRCRNGETVFIRFPHYFYYVVTDEIYQSLSPPPF
NARPMGKMRTIDIDETISYNLDIKDRKCSVADMWLIEEPKKRSIQNATMDEFFNISWFYISNGISPDGCYSLDEQYLTKI
NNGCYHCDDPRNCFAKEIPRFDIPRSYLFLAIACHFDKKFPSVFINPISHTSYCYIDLSGKRLLFTLINEEMLTEQEIQE
AVDRGCLRIQSLMEMDYERELVLCSEIVLLRIAKQLLELTFDYVVTFNGHNFDLRYITNRLELLTGEKIIFRSPDKKEAV
HLCIYERNQSSHKGVCGMANTTFHVNNNNGTIFFDLYSFIQKSEKLDSYKLDSISKNAFSCMGKVLNRGVREMTFIGDDT
TDAKGKADTFAKVLTTGNYVTVDEDIICKVIRKDILENGFKVVLSCPTLPNDIYKLSFGKDDIDLAQMYKDYNLNIALDM
ARYCIHDACLCQYLWEYYGVETKTDAGAATYVLPQSMVFEYRASTIIKGPLLKLLLETKTILVRSETKQKFPYEGGKVFA
PKQKMFSNNVLIFDYNSLYPNVCIFGNLSPETLVGVVVSTNRLEEEINNQLLLQKYPPPRYITVHCEPRLPNLISEIAIF
DRSIEGTIPRLLRTFLAERARYKKMLKQATSSTEKAIYDSMQYTYKIVANSVYGLMGFRNSALYSYASAKSCTSIGRRMI
LYLESVLNGAELSNGMLRFANTLSNPFYMDDRDINPIVKTSLPIDYRFRFRSVYGDTDSVFTEIDSQDVDKSIEIAKELE
RLINSRVLFNNFKIEFEAVYKNLIMQSKKKYTTMKYSASSNSKSVPERINKGTSETRRDVSKFHKNMIKTYKTRLSEMLS
EGRMNSNQVCIDILRSLETDLRSEFDSRSSPLELFMLSRMHHSNYKSADNPNMYLVTEYNKNNPETIELGERYYFAYICP
ANVPWTKKLVNIKTYETIIDRSFKLGSNQRIFYEVYFKRLTSEIVNLLDNKVLCISFFQRMFGSRPTFYEA
;
A
2 'polypeptide(L)'
;MNSVTISHAPYTITYHDDWEPVMSQLVEFYNEVASWLLRDETSPIPDKFFIQLKQPLRNKRVCVCGIDPYPKDGTGVPFE
SPNFTKKSIKEIASSISRLTGVIDYKGYNLNIIDGVIPWNYYLSCKLGETKSHAIYWDKISKLLLQHITKHVSVLYCLGK
TDFSNIRAKLESPVTTIVGYHPAARDHQFEKDRSFEIINVLLELDNKTPINWAQGFIY
;
B
3 'polypeptide(L)'
;MTSSADLTNLKELLSLYKSLRFSDSVAIEKYNSLVEWGTSTYWKIGVQKVTNVETSISDYYDEVKNKPFNIDPGYYIFLP
VYFGSVFIYSKGKNMVELGSGNSFQIPDEIRSACNKVLDSDNGIDFLRFVLLNNRWIMEDAISKYQSPVNIFKLASEYGL
NIPNYLEIEIEEDTLFDDELYSIMERSFDDTFPKISISYIKLGELKRQVVDFFKFSFMYIESIKVDRIGDNIFIPSVITK
SGKKILVKDVDHLIRSKVREHTFVKVKKKNTFSILYDYDGNGTETRGEVIKRIIDTIGRDYYVNGKYFSKVGIAGLKQLT
NKLDINECATVDELVDEINKSGTVKRKIKNQSVFDLSRECLGYPEADFITLVNNMRFKIENCKVVNFNIENTNCLNNPSI
ETIYGNFNQFVSIFNTVTDVKKRLFE
;
C
4 'polydeoxyribonucleotide'
;(DA)(DG)(DC)(DT)(DA)(DT)(DG)(DA)(DC)(DC)(DA)(DT)(DG)(DA)(DT)(DT)(DA)(DC)(DG)(DA)
(DA)(DT)(DT)(DG)(DC)
;
P
5 'polydeoxyribonucleotide'
;(DC)(DT)(DG)(DC)(ORP)(DC)(DG)(DA)(DA)(DT)(DT)(DA)(DA)(DG)(DC)(DA)(DA)(DT)(DT)
(DC)(DG)(DT)(DA)(DA)(DT)(DC)(DA)(DT)(DG)(DG)(DT)(DC)(DA)(DT)(DA)(DG)(DC)(DT)
;
T
#
# COMPACT_ATOMS: atom_id res chain seq x y z
N SER A 25 2.42 0.84 -49.78
CA SER A 25 1.89 0.52 -48.46
C SER A 25 0.53 -0.15 -48.57
N MET A 26 -0.52 0.67 -48.65
CA MET A 26 -1.91 0.20 -48.74
C MET A 26 -2.21 -0.66 -47.52
N ASP A 27 -2.49 -1.95 -47.67
CA ASP A 27 -2.96 -2.75 -46.55
C ASP A 27 -1.81 -3.07 -45.60
N VAL A 28 -1.97 -2.67 -44.35
CA VAL A 28 -0.97 -2.91 -43.32
C VAL A 28 -1.65 -3.45 -42.07
N ARG A 29 -0.97 -4.37 -41.38
CA ARG A 29 -1.39 -4.86 -40.08
C ARG A 29 -0.30 -4.54 -39.07
N CYS A 30 -0.70 -3.98 -37.93
CA CYS A 30 0.24 -3.44 -36.95
C CYS A 30 0.84 -4.55 -36.10
N ILE A 31 2.08 -4.32 -35.66
CA ILE A 31 2.82 -5.27 -34.83
C ILE A 31 3.25 -4.62 -33.52
N ASN A 32 3.81 -3.42 -33.58
CA ASN A 32 4.32 -2.77 -32.38
C ASN A 32 4.33 -1.26 -32.60
N TRP A 33 4.28 -0.53 -31.47
CA TRP A 33 4.48 0.91 -31.45
C TRP A 33 5.55 1.24 -30.43
N PHE A 34 6.53 2.04 -30.83
CA PHE A 34 7.65 2.34 -29.96
C PHE A 34 8.11 3.78 -30.19
N GLU A 35 8.81 4.32 -29.20
CA GLU A 35 9.24 5.71 -29.17
C GLU A 35 10.74 5.82 -29.39
N SER A 36 11.16 7.01 -29.81
CA SER A 36 12.57 7.35 -29.95
C SER A 36 12.91 8.45 -28.97
N HIS A 37 14.09 8.35 -28.35
CA HIS A 37 14.44 9.27 -27.28
C HIS A 37 15.72 10.04 -27.61
N GLY A 38 15.82 10.58 -28.82
CA GLY A 38 16.93 11.41 -29.22
C GLY A 38 16.64 12.88 -29.00
N GLU A 39 17.36 13.71 -29.76
CA GLU A 39 17.13 15.15 -29.71
C GLU A 39 15.73 15.49 -30.18
N ASN A 40 15.28 14.86 -31.26
CA ASN A 40 13.92 15.01 -31.75
C ASN A 40 13.14 13.74 -31.42
N ARG A 41 11.95 13.90 -30.85
CA ARG A 41 11.15 12.79 -30.38
C ARG A 41 10.09 12.44 -31.41
N PHE A 42 9.96 11.15 -31.71
CA PHE A 42 9.05 10.64 -32.70
C PHE A 42 8.31 9.44 -32.15
N LEU A 43 7.28 9.01 -32.87
CA LEU A 43 6.54 7.80 -32.57
C LEU A 43 6.54 6.91 -33.80
N TYR A 44 6.76 5.61 -33.61
CA TYR A 44 6.97 4.69 -34.71
C TYR A 44 5.89 3.61 -34.72
N LEU A 45 5.45 3.25 -35.92
CA LEU A 45 4.55 2.14 -36.14
C LEU A 45 5.23 1.12 -37.05
N LYS A 46 5.27 -0.13 -36.59
CA LYS A 46 5.79 -1.25 -37.37
C LYS A 46 4.62 -2.08 -37.86
N SER A 47 4.61 -2.41 -39.15
CA SER A 47 3.49 -3.11 -39.72
C SER A 47 3.98 -4.05 -40.82
N ARG A 48 3.13 -4.99 -41.19
CA ARG A 48 3.43 -5.88 -42.31
C ARG A 48 2.28 -5.91 -43.29
N CYS A 49 2.61 -6.14 -44.56
CA CYS A 49 1.65 -6.21 -45.64
C CYS A 49 1.26 -7.66 -45.88
N ARG A 50 0.38 -7.87 -46.87
CA ARG A 50 -0.08 -9.22 -47.17
C ARG A 50 1.04 -10.10 -47.70
N ASN A 51 1.89 -9.54 -48.56
CA ASN A 51 2.95 -10.34 -49.16
C ASN A 51 4.04 -10.69 -48.16
N GLY A 52 4.29 -9.82 -47.18
CA GLY A 52 5.29 -10.10 -46.18
C GLY A 52 6.31 -8.99 -46.01
N GLU A 53 6.03 -7.84 -46.60
CA GLU A 53 6.93 -6.70 -46.51
C GLU A 53 6.68 -5.92 -45.23
N THR A 54 7.76 -5.49 -44.59
CA THR A 54 7.67 -4.71 -43.37
C THR A 54 7.74 -3.22 -43.69
N VAL A 55 6.89 -2.44 -43.02
CA VAL A 55 6.75 -1.02 -43.28
C VAL A 55 6.76 -0.29 -41.95
N PHE A 56 7.56 0.78 -41.87
CA PHE A 56 7.63 1.63 -40.69
C PHE A 56 7.07 3.00 -41.04
N ILE A 57 6.25 3.55 -40.15
CA ILE A 57 5.69 4.89 -40.32
C ILE A 57 6.05 5.72 -39.10
N ARG A 58 6.51 6.95 -39.34
CA ARG A 58 6.98 7.83 -38.29
C ARG A 58 6.06 9.03 -38.16
N PHE A 59 5.63 9.33 -36.92
CA PHE A 59 4.78 10.45 -36.59
C PHE A 59 5.49 11.39 -35.62
N PRO A 60 5.19 12.68 -35.65
CA PRO A 60 5.63 13.57 -34.57
C PRO A 60 4.81 13.34 -33.32
N HIS A 61 5.47 13.36 -32.17
CA HIS A 61 4.83 13.08 -30.90
C HIS A 61 4.84 14.35 -30.05
N TYR A 62 3.66 14.77 -29.62
CA TYR A 62 3.46 16.02 -28.90
C TYR A 62 3.13 15.75 -27.43
N PHE A 63 3.04 16.83 -26.67
CA PHE A 63 2.46 16.83 -25.33
C PHE A 63 1.07 17.42 -25.43
N TYR A 64 0.09 16.74 -24.83
CA TYR A 64 -1.31 17.10 -25.00
C TYR A 64 -1.85 17.75 -23.73
N TYR A 65 -2.55 18.86 -23.90
CA TYR A 65 -3.19 19.55 -22.78
C TYR A 65 -4.61 19.91 -23.15
N VAL A 66 -5.48 20.00 -22.13
CA VAL A 66 -6.89 20.32 -22.31
C VAL A 66 -7.19 21.59 -21.54
N VAL A 67 -7.70 22.60 -22.23
CA VAL A 67 -7.98 23.90 -21.65
C VAL A 67 -9.37 24.37 -22.09
N THR A 68 -9.81 25.48 -21.52
CA THR A 68 -11.07 26.10 -21.87
C THR A 68 -10.85 27.24 -22.86
N ASP A 69 -11.95 27.79 -23.35
CA ASP A 69 -11.87 28.89 -24.32
C ASP A 69 -11.25 30.13 -23.69
N GLU A 70 -11.65 30.46 -22.46
CA GLU A 70 -11.12 31.64 -21.80
C GLU A 70 -9.63 31.52 -21.54
N ILE A 71 -9.16 30.31 -21.17
CA ILE A 71 -7.73 30.10 -21.01
C ILE A 71 -7.04 30.10 -22.37
N TYR A 72 -7.68 29.52 -23.38
CA TYR A 72 -7.06 29.43 -24.70
C TYR A 72 -6.82 30.81 -25.29
N GLN A 73 -7.77 31.73 -25.14
CA GLN A 73 -7.61 33.07 -25.67
C GLN A 73 -6.57 33.88 -24.91
N SER A 74 -6.09 33.39 -23.77
CA SER A 74 -5.19 34.15 -22.91
C SER A 74 -3.82 33.49 -22.80
N LEU A 75 -3.41 32.71 -23.79
CA LEU A 75 -2.09 32.08 -23.79
C LEU A 75 -1.14 33.00 -24.54
N SER A 76 -0.19 33.59 -23.82
CA SER A 76 0.65 34.63 -24.42
C SER A 76 1.49 34.11 -25.58
N PRO A 77 2.25 33.01 -25.46
CA PRO A 77 2.79 32.38 -26.67
C PRO A 77 1.79 31.40 -27.23
N PRO A 78 1.24 31.67 -28.41
CA PRO A 78 0.19 30.82 -28.95
C PRO A 78 0.68 29.39 -29.13
N PRO A 79 -0.17 28.41 -28.87
CA PRO A 79 0.27 27.02 -28.95
C PRO A 79 0.56 26.59 -30.38
N PHE A 80 1.29 25.48 -30.49
CA PHE A 80 1.64 24.95 -31.81
C PHE A 80 0.41 24.56 -32.59
N ASN A 81 -0.53 23.87 -31.94
CA ASN A 81 -1.76 23.46 -32.61
C ASN A 81 -2.84 23.24 -31.57
N ALA A 82 -4.06 23.62 -31.92
CA ALA A 82 -5.22 23.45 -31.05
C ALA A 82 -6.38 22.92 -31.87
N ARG A 83 -7.16 22.01 -31.28
CA ARG A 83 -8.29 21.42 -31.96
C ARG A 83 -9.55 21.56 -31.10
N PRO A 84 -10.69 21.93 -31.71
CA PRO A 84 -11.91 22.16 -30.94
C PRO A 84 -12.54 20.84 -30.49
N MET A 85 -12.71 20.70 -29.19
CA MET A 85 -13.31 19.50 -28.60
C MET A 85 -14.80 19.67 -28.31
N GLY A 86 -15.38 20.83 -28.61
CA GLY A 86 -16.78 21.03 -28.38
C GLY A 86 -17.11 21.45 -26.96
N LYS A 87 -18.39 21.38 -26.65
CA LYS A 87 -18.91 21.78 -25.35
C LYS A 87 -18.85 20.59 -24.40
N MET A 88 -18.30 20.83 -23.21
CA MET A 88 -18.09 19.78 -22.23
C MET A 88 -18.58 20.24 -20.87
N ARG A 89 -18.97 19.27 -20.05
CA ARG A 89 -19.53 19.50 -18.73
C ARG A 89 -18.53 19.07 -17.68
N THR A 90 -18.15 19.99 -16.80
CA THR A 90 -17.19 19.76 -15.73
C THR A 90 -17.94 19.65 -14.41
N ILE A 91 -17.65 18.59 -13.65
CA ILE A 91 -18.32 18.29 -12.40
C ILE A 91 -17.30 18.11 -11.30
N ASP A 92 -17.57 18.70 -10.15
CA ASP A 92 -16.74 18.55 -8.97
C ASP A 92 -17.18 17.32 -8.19
N ILE A 93 -16.25 16.40 -7.93
CA ILE A 93 -16.57 15.11 -7.36
C ILE A 93 -16.13 15.00 -5.90
N ASP A 94 -15.98 16.13 -5.21
CA ASP A 94 -15.68 16.09 -3.79
C ASP A 94 -16.92 15.71 -2.99
N GLU A 95 -16.68 15.11 -1.82
CA GLU A 95 -17.75 14.59 -0.98
C GLU A 95 -17.74 15.29 0.36
N THR A 96 -18.90 15.83 0.74
CA THR A 96 -19.05 16.56 1.99
C THR A 96 -20.24 15.99 2.76
N ILE A 97 -20.23 16.22 4.06
CA ILE A 97 -21.20 15.67 4.98
C ILE A 97 -22.24 16.73 5.28
N SER A 98 -23.50 16.32 5.43
CA SER A 98 -24.60 17.25 5.64
C SER A 98 -25.44 16.79 6.83
N TYR A 99 -25.83 17.73 7.68
CA TYR A 99 -26.56 17.44 8.90
C TYR A 99 -28.05 17.66 8.78
N ASN A 100 -28.54 18.01 7.60
CA ASN A 100 -29.96 18.26 7.39
C ASN A 100 -30.24 18.15 5.89
N LEU A 101 -31.53 18.12 5.56
CA LEU A 101 -31.95 17.90 4.17
C LEU A 101 -31.79 19.11 3.28
N ASP A 102 -31.06 20.14 3.72
CA ASP A 102 -30.73 21.27 2.85
C ASP A 102 -29.40 20.95 2.17
N ILE A 103 -29.48 20.29 1.02
CA ILE A 103 -28.31 19.84 0.28
C ILE A 103 -28.11 20.73 -0.93
N LYS A 104 -26.91 21.29 -1.06
CA LYS A 104 -26.58 22.11 -2.22
C LYS A 104 -26.26 21.22 -3.42
N ASP A 105 -26.57 21.73 -4.61
CA ASP A 105 -26.33 20.98 -5.82
C ASP A 105 -24.83 20.90 -6.11
N ARG A 106 -24.47 19.92 -6.93
CA ARG A 106 -23.08 19.72 -7.31
C ARG A 106 -22.64 20.82 -8.27
N LYS A 107 -21.40 21.28 -8.09
CA LYS A 107 -20.84 22.33 -8.93
C LYS A 107 -20.63 21.81 -10.34
N CYS A 108 -21.44 22.28 -11.29
CA CYS A 108 -21.39 21.83 -12.67
C CYS A 108 -21.27 23.03 -13.59
N SER A 109 -20.40 22.91 -14.60
CA SER A 109 -20.17 23.96 -15.57
C SER A 109 -20.19 23.39 -16.97
N VAL A 110 -20.50 24.21 -17.96
CA VAL A 110 -20.52 23.81 -19.36
C VAL A 110 -19.74 24.84 -20.16
N ALA A 111 -18.74 24.38 -20.90
CA ALA A 111 -17.87 25.32 -21.61
C ALA A 111 -17.27 24.67 -22.84
N ASP A 112 -16.87 25.52 -23.79
CA ASP A 112 -16.08 25.07 -24.93
C ASP A 112 -14.68 24.67 -24.47
N MET A 113 -14.18 23.57 -25.02
CA MET A 113 -12.88 23.05 -24.64
C MET A 113 -11.98 22.88 -25.85
N TRP A 114 -10.68 23.08 -25.64
CA TRP A 114 -9.68 22.97 -26.68
C TRP A 114 -8.60 21.99 -26.23
N LEU A 115 -8.10 21.21 -27.19
CA LEU A 115 -7.00 20.27 -26.97
C LEU A 115 -5.78 20.81 -27.70
N ILE A 116 -4.78 21.25 -26.95
CA ILE A 116 -3.60 21.86 -27.51
C ILE A 116 -2.46 20.86 -27.49
N GLU A 117 -1.59 20.95 -28.49
CA GLU A 117 -0.46 20.07 -28.67
C GLU A 117 0.82 20.88 -28.72
N GLU A 118 1.81 20.48 -27.93
CA GLU A 118 3.04 21.24 -27.76
C GLU A 118 4.24 20.37 -28.11
N PRO A 119 5.21 20.90 -28.87
CA PRO A 119 6.45 20.14 -29.08
C PRO A 119 7.23 19.88 -27.81
N LYS A 120 7.16 20.78 -26.83
CA LYS A 120 7.86 20.63 -25.56
C LYS A 120 6.90 20.90 -24.42
N LYS A 121 7.30 20.47 -23.24
CA LYS A 121 6.43 20.55 -22.07
C LYS A 121 6.19 21.98 -21.66
N ARG A 122 4.93 22.29 -21.33
CA ARG A 122 4.53 23.60 -20.86
C ARG A 122 3.70 23.44 -19.59
N SER A 123 3.83 24.41 -18.69
CA SER A 123 3.06 24.43 -17.46
C SER A 123 1.90 25.40 -17.61
N ILE A 124 0.67 24.89 -17.51
CA ILE A 124 -0.53 25.70 -17.61
C ILE A 124 -1.29 25.56 -16.29
N GLN A 125 -1.66 26.69 -15.70
CA GLN A 125 -2.14 26.69 -14.33
C GLN A 125 -3.45 25.95 -14.16
N ASN A 126 -4.39 26.14 -15.09
CA ASN A 126 -5.73 25.61 -14.90
C ASN A 126 -6.10 24.59 -15.97
N ALA A 127 -5.20 23.65 -16.25
CA ALA A 127 -5.49 22.59 -17.20
C ALA A 127 -6.20 21.44 -16.50
N THR A 128 -7.08 20.77 -17.26
CA THR A 128 -7.87 19.66 -16.76
C THR A 128 -7.50 18.39 -17.51
N MET A 129 -8.03 17.27 -17.01
CA MET A 129 -7.79 15.94 -17.61
C MET A 129 -6.31 15.62 -17.66
N ASP A 130 -5.64 15.74 -16.51
CA ASP A 130 -4.19 15.61 -16.44
C ASP A 130 -3.73 14.24 -15.95
N GLU A 131 -4.62 13.26 -15.90
CA GLU A 131 -4.27 11.92 -15.45
C GLU A 131 -4.05 10.94 -16.58
N PHE A 132 -4.21 11.37 -17.83
CA PHE A 132 -4.09 10.49 -18.97
C PHE A 132 -2.78 10.74 -19.70
N PHE A 133 -2.32 9.72 -20.42
CA PHE A 133 -1.00 9.76 -21.03
C PHE A 133 -1.07 10.36 -22.43
N ASN A 134 0.11 10.56 -23.01
CA ASN A 134 0.19 11.13 -24.35
C ASN A 134 -0.18 10.12 -25.41
N ILE A 135 0.23 8.86 -25.24
CA ILE A 135 -0.05 7.85 -26.25
C ILE A 135 -1.55 7.57 -26.31
N SER A 136 -2.23 7.59 -25.17
CA SER A 136 -3.68 7.42 -25.15
C SER A 136 -4.37 8.56 -25.90
N TRP A 137 -3.90 9.78 -25.69
CA TRP A 137 -4.46 10.92 -26.40
C TRP A 137 -4.25 10.77 -27.90
N PHE A 138 -3.04 10.38 -28.31
CA PHE A 138 -2.77 10.13 -29.71
C PHE A 138 -3.77 9.16 -30.30
N TYR A 139 -3.91 8.00 -29.67
CA TYR A 139 -4.78 6.95 -30.19
C TYR A 139 -6.22 7.42 -30.28
N ILE A 140 -6.75 7.96 -29.18
CA ILE A 140 -8.18 8.23 -29.11
C ILE A 140 -8.57 9.44 -29.94
N SER A 141 -7.75 10.49 -29.93
CA SER A 141 -8.08 11.67 -30.72
C SER A 141 -7.85 11.42 -32.20
N ASN A 142 -6.95 10.52 -32.57
CA ASN A 142 -6.73 10.23 -33.98
C ASN A 142 -7.59 9.08 -34.49
N GLY A 143 -8.36 8.43 -33.62
CA GLY A 143 -9.19 7.32 -34.03
C GLY A 143 -8.42 6.12 -34.55
N ILE A 144 -7.37 5.72 -33.85
CA ILE A 144 -6.48 4.65 -34.26
C ILE A 144 -6.49 3.56 -33.20
N SER A 145 -6.61 2.31 -33.62
CA SER A 145 -6.50 1.16 -32.74
C SER A 145 -5.10 0.58 -32.82
N PRO A 146 -4.47 0.24 -31.69
CA PRO A 146 -3.09 -0.24 -31.73
C PRO A 146 -2.92 -1.58 -32.45
N ASP A 147 -3.97 -2.36 -32.63
CA ASP A 147 -3.84 -3.70 -33.20
C ASP A 147 -4.82 -3.91 -34.35
N GLY A 148 -4.97 -2.92 -35.22
CA GLY A 148 -5.91 -3.01 -36.31
C GLY A 148 -5.23 -3.14 -37.67
N CYS A 149 -6.04 -3.49 -38.67
CA CYS A 149 -5.62 -3.56 -40.05
C CYS A 149 -6.20 -2.37 -40.80
N TYR A 150 -5.35 -1.64 -41.52
CA TYR A 150 -5.74 -0.40 -42.16
C TYR A 150 -5.34 -0.41 -43.62
N SER A 151 -5.96 0.46 -44.39
CA SER A 151 -5.66 0.68 -45.80
C SER A 151 -5.21 2.13 -45.94
N LEU A 152 -3.90 2.35 -45.84
CA LEU A 152 -3.35 3.69 -45.84
C LEU A 152 -3.42 4.31 -47.23
N ASP A 153 -3.32 5.64 -47.27
CA ASP A 153 -3.25 6.39 -48.50
C ASP A 153 -1.92 7.12 -48.57
N GLU A 154 -1.23 7.00 -49.70
CA GLU A 154 0.09 7.60 -49.86
C GLU A 154 0.05 9.10 -50.08
N GLN A 155 -1.14 9.68 -50.24
CA GLN A 155 -1.24 11.12 -50.38
C GLN A 155 -0.70 11.84 -49.15
N TYR A 156 -0.82 11.22 -47.98
CA TYR A 156 -0.36 11.81 -46.73
C TYR A 156 0.95 11.21 -46.23
N LEU A 157 1.61 10.38 -47.04
CA LEU A 157 2.83 9.72 -46.63
C LEU A 157 3.98 10.10 -47.56
N THR A 158 5.14 10.37 -47.00
CA THR A 158 6.34 10.68 -47.75
C THR A 158 7.44 9.70 -47.39
N LYS A 159 8.16 9.23 -48.40
CA LYS A 159 9.20 8.23 -48.19
C LYS A 159 10.49 8.90 -47.75
N ILE A 160 11.01 8.51 -46.60
CA ILE A 160 12.27 9.04 -46.10
C ILE A 160 13.38 7.99 -46.11
N ASN A 161 13.05 6.71 -46.22
CA ASN A 161 14.08 5.68 -46.34
C ASN A 161 13.42 4.44 -46.91
N ASN A 162 14.24 3.50 -47.35
CA ASN A 162 13.74 2.26 -47.93
C ASN A 162 13.03 1.48 -46.84
N GLY A 163 11.70 1.49 -46.87
CA GLY A 163 10.90 0.87 -45.84
C GLY A 163 10.53 1.75 -44.68
N CYS A 164 10.71 3.07 -44.78
CA CYS A 164 10.33 3.98 -43.71
C CYS A 164 9.74 5.24 -44.30
N TYR A 165 8.51 5.56 -43.90
CA TYR A 165 7.75 6.71 -44.35
C TYR A 165 7.47 7.65 -43.18
N HIS A 166 7.03 8.87 -43.51
CA HIS A 166 6.71 9.89 -42.54
C HIS A 166 5.29 10.38 -42.75
N CYS A 167 4.51 10.44 -41.68
CA CYS A 167 3.12 10.89 -41.74
C CYS A 167 2.96 12.13 -40.87
N ASP A 168 2.30 13.15 -41.42
CA ASP A 168 2.05 14.39 -40.69
C ASP A 168 0.61 14.57 -40.24
N ASP A 169 -0.35 13.87 -40.87
CA ASP A 169 -1.76 13.99 -40.52
C ASP A 169 -2.32 12.59 -40.32
N PRO A 170 -2.10 12.00 -39.14
CA PRO A 170 -2.57 10.62 -38.91
C PRO A 170 -4.07 10.48 -38.91
N ARG A 171 -4.83 11.56 -38.75
CA ARG A 171 -6.28 11.46 -38.70
C ARG A 171 -6.86 10.96 -40.02
N ASN A 172 -6.31 11.44 -41.15
CA ASN A 172 -6.80 11.06 -42.46
C ASN A 172 -6.08 9.86 -43.05
N CYS A 173 -4.85 9.59 -42.63
CA CYS A 173 -4.13 8.43 -43.13
C CYS A 173 -4.81 7.14 -42.70
N PHE A 174 -5.30 7.09 -41.46
CA PHE A 174 -5.90 5.89 -40.88
C PHE A 174 -7.42 5.95 -40.90
N ALA A 175 -8.01 6.66 -41.86
CA ALA A 175 -9.45 6.85 -41.85
C ALA A 175 -10.20 5.60 -42.30
N LYS A 176 -9.58 4.76 -43.13
CA LYS A 176 -10.24 3.59 -43.67
C LYS A 176 -9.74 2.33 -42.97
N GLU A 177 -10.67 1.54 -42.45
CA GLU A 177 -10.37 0.30 -41.75
C GLU A 177 -10.84 -0.88 -42.59
N ILE A 178 -10.09 -1.97 -42.52
CA ILE A 178 -10.38 -3.16 -43.32
C ILE A 178 -10.40 -4.38 -42.41
N PRO A 179 -11.02 -5.47 -42.85
CA PRO A 179 -11.03 -6.68 -42.03
C PRO A 179 -9.64 -7.25 -41.82
N ARG A 180 -9.48 -7.96 -40.71
CA ARG A 180 -8.18 -8.47 -40.29
C ARG A 180 -7.72 -9.63 -41.17
N PHE A 181 -6.41 -9.71 -41.39
CA PHE A 181 -5.82 -10.79 -42.16
C PHE A 181 -4.57 -11.30 -41.46
N ASP A 182 -4.14 -12.49 -41.86
CA ASP A 182 -3.03 -13.18 -41.21
C ASP A 182 -1.71 -12.83 -41.88
N ILE A 183 -0.66 -12.71 -41.08
CA ILE A 183 0.67 -12.35 -41.57
C ILE A 183 1.70 -13.31 -40.96
N PRO A 184 2.84 -13.52 -41.62
CA PRO A 184 3.91 -14.29 -41.00
C PRO A 184 4.65 -13.47 -39.94
N ARG A 185 5.35 -14.17 -39.06
CA ARG A 185 6.14 -13.56 -38.01
C ARG A 185 7.42 -14.36 -37.80
N SER A 186 8.40 -13.71 -37.18
CA SER A 186 9.73 -14.29 -36.98
C SER A 186 10.08 -14.30 -35.51
N TYR A 187 10.72 -15.39 -35.06
CA TYR A 187 11.03 -15.59 -33.65
C TYR A 187 12.48 -16.03 -33.48
N LEU A 188 13.05 -15.67 -32.33
CA LEU A 188 14.33 -16.23 -31.88
C LEU A 188 14.23 -16.61 -30.42
N PHE A 189 14.50 -17.88 -30.11
CA PHE A 189 14.57 -18.36 -28.74
C PHE A 189 15.99 -18.85 -28.49
N LEU A 190 16.59 -18.42 -27.39
CA LEU A 190 18.00 -18.74 -27.15
C LEU A 190 18.22 -19.15 -25.70
N ALA A 191 19.23 -19.98 -25.50
CA ALA A 191 19.70 -20.35 -24.17
C ALA A 191 21.22 -20.43 -24.19
N ILE A 192 21.84 -20.19 -23.04
CA ILE A 192 23.29 -20.27 -22.91
C ILE A 192 23.62 -21.17 -21.74
N ALA A 193 24.82 -21.76 -21.79
CA ALA A 193 25.33 -22.61 -20.73
C ALA A 193 26.78 -22.26 -20.49
N CYS A 194 27.09 -21.86 -19.26
CA CYS A 194 28.39 -21.31 -18.89
C CYS A 194 29.11 -22.23 -17.91
N HIS A 195 30.43 -22.17 -17.95
CA HIS A 195 31.28 -23.00 -17.12
C HIS A 195 31.34 -22.45 -15.70
N PHE A 196 31.37 -23.34 -14.72
CA PHE A 196 31.54 -22.93 -13.33
C PHE A 196 32.18 -24.08 -12.56
N ASP A 197 33.00 -23.71 -11.56
CA ASP A 197 33.81 -24.67 -10.84
C ASP A 197 33.35 -24.90 -9.41
N LYS A 198 33.02 -23.84 -8.68
CA LYS A 198 32.63 -23.97 -7.29
C LYS A 198 31.33 -23.29 -6.92
N LYS A 199 30.82 -22.38 -7.76
CA LYS A 199 29.64 -21.61 -7.41
C LYS A 199 29.02 -21.07 -8.70
N PHE A 200 28.17 -20.07 -8.57
CA PHE A 200 27.61 -19.38 -9.72
C PHE A 200 28.73 -18.82 -10.59
N PRO A 201 28.56 -18.78 -11.91
CA PRO A 201 29.62 -18.26 -12.77
C PRO A 201 29.86 -16.77 -12.58
N SER A 202 31.06 -16.35 -12.95
CA SER A 202 31.46 -14.94 -12.97
C SER A 202 31.99 -14.59 -14.35
N VAL A 203 31.70 -13.39 -14.82
CA VAL A 203 32.06 -13.01 -16.19
C VAL A 203 33.56 -12.83 -16.33
N PHE A 204 34.26 -12.53 -15.25
CA PHE A 204 35.68 -12.22 -15.33
C PHE A 204 36.57 -13.45 -15.29
N ILE A 205 36.03 -14.61 -14.94
CA ILE A 205 36.81 -15.83 -14.79
C ILE A 205 36.29 -16.95 -15.69
N ASN A 206 34.98 -17.14 -15.71
CA ASN A 206 34.38 -18.32 -16.30
C ASN A 206 33.90 -18.04 -17.71
N PRO A 207 34.25 -18.90 -18.68
CA PRO A 207 33.82 -18.67 -20.05
C PRO A 207 32.44 -19.25 -20.37
N ILE A 208 32.03 -19.13 -21.63
CA ILE A 208 30.77 -19.68 -22.11
C ILE A 208 31.06 -20.99 -22.83
N SER A 209 30.32 -22.03 -22.49
CA SER A 209 30.52 -23.35 -23.09
C SER A 209 29.60 -23.60 -24.28
N HIS A 210 28.30 -23.37 -24.12
CA HIS A 210 27.34 -23.68 -25.17
C HIS A 210 26.39 -22.52 -25.40
N THR A 211 25.96 -22.37 -26.65
CA THR A 211 24.91 -21.41 -27.00
C THR A 211 23.94 -22.07 -27.98
N SER A 212 22.67 -22.15 -27.61
CA SER A 212 21.66 -22.86 -28.40
C SER A 212 20.59 -21.90 -28.89
N TYR A 213 20.24 -22.03 -30.17
CA TYR A 213 19.28 -21.14 -30.83
C TYR A 213 18.22 -21.95 -31.56
N CYS A 214 16.97 -21.51 -31.40
CA CYS A 214 15.83 -21.92 -32.21
C CYS A 214 15.34 -20.69 -32.99
N TYR A 215 15.19 -20.85 -34.29
CA TYR A 215 15.16 -19.71 -35.21
C TYR A 215 14.04 -19.92 -36.21
N ILE A 216 13.11 -18.97 -36.28
CA ILE A 216 11.99 -19.02 -37.23
C ILE A 216 11.98 -17.73 -38.02
N ASP A 217 12.09 -17.84 -39.35
CA ASP A 217 12.10 -16.71 -40.25
C ASP A 217 10.72 -16.50 -40.85
N LEU A 218 10.62 -15.57 -41.80
CA LEU A 218 9.33 -15.24 -42.39
C LEU A 218 8.83 -16.29 -43.36
N SER A 219 9.67 -17.21 -43.79
CA SER A 219 9.27 -18.26 -44.72
C SER A 219 8.79 -19.52 -44.01
N GLY A 220 8.69 -19.51 -42.69
CA GLY A 220 8.20 -20.64 -41.96
C GLY A 220 9.22 -21.72 -41.67
N LYS A 221 10.50 -21.45 -41.91
CA LYS A 221 11.53 -22.47 -41.72
C LYS A 221 12.02 -22.45 -40.29
N ARG A 222 12.00 -23.61 -39.63
CA ARG A 222 12.41 -23.76 -38.25
C ARG A 222 13.79 -24.40 -38.20
N LEU A 223 14.74 -23.72 -37.57
CA LEU A 223 16.11 -24.21 -37.52
C LEU A 223 16.60 -24.24 -36.07
N LEU A 224 17.31 -25.30 -35.72
CA LEU A 224 17.87 -25.49 -34.39
C LEU A 224 19.37 -25.71 -34.52
N PHE A 225 20.15 -24.90 -33.81
CA PHE A 225 21.60 -25.10 -33.88
C PHE A 225 22.27 -24.71 -32.57
N THR A 226 23.31 -25.46 -32.24
CA THR A 226 24.07 -25.28 -31.01
C THR A 226 25.53 -25.06 -31.34
N LEU A 227 26.12 -24.03 -30.73
CA LEU A 227 27.52 -23.68 -30.88
C LEU A 227 28.27 -24.09 -29.62
N ILE A 228 29.37 -24.81 -29.79
CA ILE A 228 30.17 -25.36 -28.71
C ILE A 228 31.54 -24.70 -28.74
N ASN A 229 31.98 -24.23 -27.57
CA ASN A 229 33.32 -23.68 -27.43
C ASN A 229 34.36 -24.79 -27.55
N GLU A 230 35.33 -24.62 -28.44
CA GLU A 230 36.39 -25.60 -28.63
C GLU A 230 37.66 -25.26 -27.88
N GLU A 231 37.71 -24.11 -27.19
CA GLU A 231 38.91 -23.74 -26.46
C GLU A 231 39.09 -24.55 -25.18
N MET A 232 38.08 -25.34 -24.78
CA MET A 232 38.21 -26.23 -23.64
C MET A 232 38.13 -27.70 -24.04
N LEU A 233 38.64 -28.02 -25.23
CA LEU A 233 38.76 -29.38 -25.71
C LEU A 233 40.16 -29.58 -26.27
N THR A 234 40.62 -30.82 -26.23
CA THR A 234 41.92 -31.21 -26.78
C THR A 234 41.82 -31.35 -28.29
N GLU A 235 42.95 -31.19 -28.97
CA GLU A 235 42.96 -31.21 -30.43
C GLU A 235 42.46 -32.55 -30.98
N GLN A 236 42.90 -33.65 -30.37
CA GLN A 236 42.39 -34.97 -30.78
C GLN A 236 40.89 -35.07 -30.62
N GLU A 237 40.35 -34.48 -29.55
CA GLU A 237 38.91 -34.50 -29.34
C GLU A 237 38.18 -33.71 -30.42
N ILE A 238 38.74 -32.57 -30.83
CA ILE A 238 38.14 -31.80 -31.92
C ILE A 238 38.15 -32.63 -33.20
N GLN A 239 39.26 -33.33 -33.46
CA GLN A 239 39.35 -34.14 -34.67
C GLN A 239 38.32 -35.25 -34.67
N GLU A 240 38.15 -35.94 -33.53
CA GLU A 240 37.16 -37.01 -33.49
C GLU A 240 35.75 -36.46 -33.55
N ALA A 241 35.51 -35.27 -33.01
CA ALA A 241 34.18 -34.66 -33.14
C ALA A 241 33.87 -34.34 -34.60
N VAL A 242 34.85 -33.83 -35.34
CA VAL A 242 34.63 -33.56 -36.77
C VAL A 242 34.41 -34.87 -37.51
N ASP A 243 35.14 -35.92 -37.13
CA ASP A 243 34.93 -37.23 -37.75
C ASP A 243 33.55 -37.79 -37.43
N ARG A 244 32.96 -37.39 -36.31
CA ARG A 244 31.65 -37.91 -35.93
C ARG A 244 30.50 -37.16 -36.59
N GLY A 245 30.74 -36.01 -37.21
CA GLY A 245 29.69 -35.34 -37.94
C GLY A 245 29.56 -33.84 -37.69
N CYS A 246 30.31 -33.30 -36.74
CA CYS A 246 30.22 -31.89 -36.42
C CYS A 246 30.98 -31.06 -37.45
N LEU A 247 30.77 -29.75 -37.38
CA LEU A 247 31.40 -28.79 -38.28
C LEU A 247 32.25 -27.82 -37.48
N ARG A 248 33.45 -27.56 -37.98
CA ARG A 248 34.38 -26.63 -37.35
C ARG A 248 34.53 -25.41 -38.24
N ILE A 249 34.28 -24.24 -37.67
CA ILE A 249 34.38 -22.97 -38.39
C ILE A 249 35.40 -22.09 -37.69
N GLN A 250 36.20 -21.37 -38.47
CA GLN A 250 37.21 -20.48 -37.95
C GLN A 250 36.88 -19.01 -38.18
N SER A 251 35.76 -18.71 -38.81
CA SER A 251 35.38 -17.33 -39.08
C SER A 251 33.87 -17.21 -39.09
N LEU A 252 33.40 -15.98 -38.92
CA LEU A 252 31.96 -15.73 -38.91
C LEU A 252 31.33 -15.97 -40.27
N MET A 253 32.07 -15.79 -41.35
CA MET A 253 31.50 -15.86 -42.69
C MET A 253 31.32 -17.28 -43.19
N GLU A 254 31.78 -18.28 -42.47
CA GLU A 254 31.70 -19.67 -42.91
C GLU A 254 30.84 -20.49 -41.96
N MET A 255 29.75 -19.93 -41.49
CA MET A 255 28.76 -20.66 -40.71
C MET A 255 27.49 -20.85 -41.51
N ASP A 256 26.95 -22.07 -41.50
CA ASP A 256 25.64 -22.35 -42.02
C ASP A 256 24.73 -22.77 -40.87
N TYR A 257 23.52 -22.22 -40.85
CA TYR A 257 22.54 -22.52 -39.82
C TYR A 257 21.87 -23.86 -40.03
N GLU A 258 22.13 -24.53 -41.14
CA GLU A 258 21.53 -25.82 -41.42
C GLU A 258 22.22 -26.97 -40.69
N ARG A 259 23.37 -26.72 -40.08
CA ARG A 259 24.07 -27.74 -39.29
C ARG A 259 23.66 -27.60 -37.83
N GLU A 260 23.30 -28.72 -37.21
CA GLU A 260 22.82 -28.68 -35.84
C GLU A 260 23.94 -28.35 -34.86
N LEU A 261 25.07 -29.02 -34.98
CA LEU A 261 26.17 -28.87 -34.05
C LEU A 261 27.35 -28.21 -34.76
N VAL A 262 27.84 -27.10 -34.22
CA VAL A 262 28.99 -26.40 -34.76
C VAL A 262 29.92 -26.06 -33.61
N LEU A 263 31.20 -26.36 -33.75
CA LEU A 263 32.17 -26.05 -32.71
C LEU A 263 33.14 -24.97 -33.20
N CYS A 264 33.36 -23.96 -32.36
CA CYS A 264 34.17 -22.81 -32.71
C CYS A 264 34.78 -22.24 -31.44
N SER A 265 35.55 -21.17 -31.60
CA SER A 265 36.14 -20.49 -30.46
C SER A 265 35.13 -19.56 -29.80
N GLU A 266 35.50 -19.04 -28.64
CA GLU A 266 34.58 -18.20 -27.88
C GLU A 266 34.30 -16.88 -28.58
N ILE A 267 35.33 -16.28 -29.19
CA ILE A 267 35.14 -15.01 -29.87
C ILE A 267 34.16 -15.18 -31.03
N VAL A 268 34.32 -16.23 -31.83
CA VAL A 268 33.41 -16.46 -32.95
C VAL A 268 31.99 -16.71 -32.44
N LEU A 269 31.87 -17.43 -31.33
CA LEU A 269 30.56 -17.66 -30.72
C LEU A 269 29.89 -16.34 -30.36
N LEU A 270 30.62 -15.44 -29.72
CA LEU A 270 30.04 -14.17 -29.32
C LEU A 270 29.73 -13.29 -30.52
N ARG A 271 30.56 -13.35 -31.56
CA ARG A 271 30.27 -12.59 -32.77
C ARG A 271 29.00 -13.10 -33.46
N ILE A 272 28.81 -14.42 -33.50
CA ILE A 272 27.58 -14.98 -34.05
C ILE A 272 26.38 -14.54 -33.22
N ALA A 273 26.52 -14.55 -31.90
CA ALA A 273 25.44 -14.07 -31.04
C ALA A 273 25.12 -12.61 -31.32
N LYS A 274 26.14 -11.78 -31.49
CA LYS A 274 25.93 -10.37 -31.78
C LYS A 274 25.24 -10.16 -33.11
N GLN A 275 25.64 -10.92 -34.13
CA GLN A 275 24.99 -10.84 -35.43
C GLN A 275 23.52 -11.25 -35.35
N LEU A 276 23.23 -12.31 -34.60
CA LEU A 276 21.85 -12.77 -34.49
C LEU A 276 20.98 -11.78 -33.71
N LEU A 277 21.52 -11.19 -32.65
CA LEU A 277 20.72 -10.30 -31.81
C LEU A 277 20.49 -8.93 -32.44
N GLU A 278 21.24 -8.57 -33.47
CA GLU A 278 21.08 -7.29 -34.14
C GLU A 278 20.05 -7.32 -35.25
N LEU A 279 19.53 -8.49 -35.61
CA LEU A 279 18.56 -8.60 -36.67
C LEU A 279 17.21 -8.05 -36.22
N THR A 280 16.40 -7.66 -37.20
CA THR A 280 15.07 -7.11 -36.94
C THR A 280 14.07 -8.26 -36.88
N PHE A 281 14.12 -8.99 -35.77
CA PHE A 281 13.12 -10.00 -35.49
C PHE A 281 11.84 -9.35 -35.03
N ASP A 282 10.87 -10.18 -34.68
CA ASP A 282 9.65 -9.71 -34.04
C ASP A 282 9.63 -10.01 -32.55
N TYR A 283 10.09 -11.20 -32.16
CA TYR A 283 10.16 -11.57 -30.76
C TYR A 283 11.49 -12.27 -30.51
N VAL A 284 12.18 -11.84 -29.45
CA VAL A 284 13.33 -12.54 -28.91
C VAL A 284 12.92 -12.99 -27.51
N VAL A 285 12.69 -14.29 -27.34
CA VAL A 285 12.07 -14.83 -26.14
C VAL A 285 13.13 -15.59 -25.35
N THR A 286 13.23 -15.30 -24.05
CA THR A 286 14.21 -15.96 -23.21
C THR A 286 13.61 -16.15 -21.82
N PHE A 287 14.15 -17.12 -21.09
CA PHE A 287 13.77 -17.36 -19.70
C PHE A 287 14.88 -16.85 -18.79
N ASN A 288 14.60 -15.78 -18.05
CA ASN A 288 15.58 -15.11 -17.21
C ASN A 288 16.83 -14.75 -18.00
N GLY A 289 16.61 -14.16 -19.18
CA GLY A 289 17.71 -13.80 -20.04
C GLY A 289 18.17 -12.37 -19.87
N HIS A 290 17.24 -11.50 -19.46
CA HIS A 290 17.60 -10.10 -19.28
C HIS A 290 18.51 -9.90 -18.08
N ASN A 291 18.43 -10.78 -17.09
CA ASN A 291 19.31 -10.69 -15.93
C ASN A 291 20.56 -11.53 -16.07
N PHE A 292 20.51 -12.63 -16.81
CA PHE A 292 21.67 -13.52 -16.91
C PHE A 292 22.22 -13.66 -18.32
N ASP A 293 21.39 -14.06 -19.29
CA ASP A 293 21.92 -14.50 -20.59
C ASP A 293 22.45 -13.32 -21.40
N LEU A 294 21.58 -12.37 -21.70
CA LEU A 294 21.99 -11.23 -22.52
C LEU A 294 23.07 -10.41 -21.82
N ARG A 295 22.94 -10.23 -20.51
CA ARG A 295 23.95 -9.49 -19.76
C ARG A 295 25.30 -10.18 -19.83
N TYR A 296 25.33 -11.50 -19.64
CA TYR A 296 26.58 -12.24 -19.71
C TYR A 296 27.19 -12.16 -21.10
N ILE A 297 26.37 -12.30 -22.14
CA ILE A 297 26.90 -12.24 -23.50
C ILE A 297 27.50 -10.87 -23.79
N THR A 298 26.79 -9.81 -23.40
CA THR A 298 27.28 -8.46 -23.63
C THR A 298 28.58 -8.19 -22.89
N ASN A 299 28.63 -8.57 -21.61
CA ASN A 299 29.83 -8.29 -20.82
C ASN A 299 31.02 -9.10 -21.31
N ARG A 300 30.81 -10.36 -21.66
CA ARG A 300 31.91 -11.18 -22.15
C ARG A 300 32.39 -10.70 -23.51
N LEU A 301 31.46 -10.25 -24.35
CA LEU A 301 31.86 -9.69 -25.64
C LEU A 301 32.68 -8.42 -25.46
N GLU A 302 32.29 -7.56 -24.51
CA GLU A 302 33.06 -6.35 -24.24
C GLU A 302 34.38 -6.64 -23.56
N LEU A 303 34.51 -7.76 -22.85
CA LEU A 303 35.78 -8.09 -22.22
C LEU A 303 36.77 -8.70 -23.21
N LEU A 304 36.34 -9.71 -23.97
CA LEU A 304 37.26 -10.37 -24.89
C LEU A 304 37.61 -9.46 -26.07
N THR A 305 36.65 -8.68 -26.56
CA THR A 305 36.83 -7.77 -27.66
C THR A 305 36.22 -6.44 -27.25
N GLY A 306 36.54 -5.37 -27.96
CA GLY A 306 35.92 -4.10 -27.61
C GLY A 306 34.55 -3.86 -28.20
N GLU A 307 33.92 -4.86 -28.80
CA GLU A 307 32.71 -4.65 -29.59
C GLU A 307 31.49 -4.44 -28.70
N LYS A 308 30.43 -3.93 -29.32
CA LYS A 308 29.17 -3.65 -28.66
C LYS A 308 28.02 -4.00 -29.59
N ILE A 309 26.86 -4.26 -29.00
CA ILE A 309 25.66 -4.60 -29.75
C ILE A 309 24.87 -3.32 -30.00
N ILE A 310 24.70 -2.96 -31.27
CA ILE A 310 24.18 -1.67 -31.67
C ILE A 310 22.80 -1.85 -32.30
N PHE A 311 21.84 -1.08 -31.81
CA PHE A 311 20.50 -0.99 -32.39
C PHE A 311 20.35 0.35 -33.11
N ARG A 312 19.74 0.32 -34.29
CA ARG A 312 19.48 1.51 -35.08
C ARG A 312 17.98 1.73 -35.22
N SER A 313 17.59 3.00 -35.27
CA SER A 313 16.19 3.34 -35.52
C SER A 313 15.84 3.11 -36.99
N PRO A 314 14.56 3.00 -37.30
CA PRO A 314 14.16 2.80 -38.70
C PRO A 314 14.63 3.90 -39.64
N ASP A 315 14.79 5.14 -39.16
CA ASP A 315 15.26 6.23 -39.99
C ASP A 315 16.78 6.38 -39.97
N LYS A 316 17.49 5.49 -39.27
CA LYS A 316 18.95 5.46 -39.25
C LYS A 316 19.54 6.78 -38.74
N LYS A 317 18.90 7.37 -37.74
CA LYS A 317 19.41 8.59 -37.13
C LYS A 317 19.71 8.44 -35.64
N GLU A 318 19.37 7.32 -35.02
CA GLU A 318 19.67 7.08 -33.62
C GLU A 318 20.25 5.68 -33.47
N ALA A 319 21.40 5.58 -32.81
CA ALA A 319 22.06 4.32 -32.56
C ALA A 319 22.34 4.19 -31.08
N VAL A 320 21.99 3.04 -30.50
CA VAL A 320 22.16 2.80 -29.07
C VAL A 320 22.89 1.48 -28.86
N HIS A 321 23.48 1.35 -27.69
CA HIS A 321 24.16 0.13 -27.26
C HIS A 321 23.28 -0.61 -26.25
N LEU A 322 23.38 -1.94 -26.28
CA LEU A 322 22.59 -2.76 -25.37
C LEU A 322 23.06 -2.56 -23.93
N CYS A 323 22.11 -2.29 -23.04
CA CYS A 323 22.43 -2.14 -21.63
C CYS A 323 21.14 -2.39 -20.85
N ILE A 324 21.06 -3.53 -20.18
CA ILE A 324 19.87 -3.88 -19.42
C ILE A 324 19.68 -2.90 -18.27
N TYR A 325 18.46 -2.45 -18.07
CA TYR A 325 18.17 -1.54 -16.97
C TYR A 325 17.07 -2.12 -16.08
N GLU A 326 17.03 -1.60 -14.85
CA GLU A 326 16.22 -2.16 -13.78
C GLU A 326 15.06 -1.22 -13.47
N ARG A 327 13.87 -1.79 -13.35
CA ARG A 327 12.69 -1.07 -12.91
C ARG A 327 12.26 -1.64 -11.56
N ASN A 328 12.18 -0.77 -10.55
CA ASN A 328 11.80 -1.15 -9.21
C ASN A 328 10.38 -0.69 -8.94
N GLN A 329 9.53 -1.60 -8.48
CA GLN A 329 8.14 -1.31 -8.18
C GLN A 329 7.92 -1.38 -6.68
N SER A 330 7.32 -0.32 -6.14
CA SER A 330 7.07 -0.17 -4.72
C SER A 330 5.62 -0.53 -4.39
N SER A 331 5.39 -0.78 -3.11
CA SER A 331 4.07 -1.19 -2.63
C SER A 331 3.24 0.02 -2.23
N HIS A 332 1.92 -0.14 -2.32
CA HIS A 332 0.97 0.88 -1.90
C HIS A 332 0.47 0.67 -0.49
N LYS A 333 0.93 -0.38 0.18
CA LYS A 333 0.56 -0.65 1.57
C LYS A 333 1.39 0.22 2.49
N GLY A 334 1.40 -0.12 3.77
CA GLY A 334 2.08 0.73 4.75
C GLY A 334 3.56 0.86 4.46
N VAL A 335 4.12 1.98 4.91
CA VAL A 335 5.53 2.40 4.79
C VAL A 335 6.04 2.15 3.37
N CYS A 336 5.14 2.18 2.39
CA CYS A 336 5.49 2.02 0.98
C CYS A 336 6.42 0.84 0.74
N GLY A 337 7.71 1.11 0.57
CA GLY A 337 8.70 0.06 0.50
C GLY A 337 8.78 -0.61 -0.86
N MET A 338 10.00 -0.97 -1.27
CA MET A 338 10.18 -1.66 -2.54
C MET A 338 9.70 -3.09 -2.43
N ALA A 339 9.06 -3.58 -3.49
CA ALA A 339 8.46 -4.90 -3.45
C ALA A 339 8.67 -5.73 -4.71
N ASN A 340 9.19 -5.18 -5.79
CA ASN A 340 9.44 -5.99 -6.97
C ASN A 340 10.52 -5.35 -7.82
N THR A 341 11.22 -6.17 -8.60
CA THR A 341 12.23 -5.69 -9.53
C THR A 341 12.08 -6.44 -10.85
N THR A 342 12.34 -5.73 -11.95
CA THR A 342 12.25 -6.32 -13.28
C THR A 342 13.36 -5.73 -14.13
N PHE A 343 13.82 -6.50 -15.11
CA PHE A 343 14.92 -6.08 -15.97
C PHE A 343 14.47 -6.01 -17.42
N HIS A 344 14.86 -4.94 -18.12
CA HIS A 344 14.40 -4.68 -19.47
C HIS A 344 15.57 -4.29 -20.36
N VAL A 345 15.36 -4.46 -21.67
CA VAL A 345 16.32 -4.11 -22.70
C VAL A 345 15.93 -2.75 -23.28
N ASN A 346 16.90 -2.08 -23.88
CA ASN A 346 16.75 -0.70 -24.34
C ASN A 346 16.88 -0.56 -25.85
N ASN A 347 16.26 -1.47 -26.59
CA ASN A 347 16.34 -1.41 -28.05
C ASN A 347 15.33 -0.42 -28.60
N ASN A 348 15.66 0.14 -29.78
CA ASN A 348 14.80 1.11 -30.45
C ASN A 348 14.57 0.73 -31.91
N ASN A 349 14.49 -0.57 -32.20
CA ASN A 349 14.29 -1.05 -33.56
C ASN A 349 12.95 -1.72 -33.78
N GLY A 350 12.13 -1.87 -32.74
CA GLY A 350 10.83 -2.47 -32.86
C GLY A 350 10.74 -3.90 -32.37
N THR A 351 11.86 -4.57 -32.16
CA THR A 351 11.85 -5.93 -31.66
C THR A 351 11.38 -5.96 -30.21
N ILE A 352 10.58 -6.97 -29.87
CA ILE A 352 10.11 -7.18 -28.51
C ILE A 352 10.98 -8.23 -27.86
N PHE A 353 11.66 -7.86 -26.78
CA PHE A 353 12.47 -8.77 -25.99
C PHE A 353 11.61 -9.23 -24.81
N PHE A 354 11.21 -10.50 -24.84
CA PHE A 354 10.27 -11.05 -23.88
C PHE A 354 10.98 -11.98 -22.91
N ASP A 355 10.72 -11.79 -21.62
CA ASP A 355 11.23 -12.66 -20.57
C ASP A 355 10.03 -13.40 -19.98
N LEU A 356 10.06 -14.73 -20.07
CA LEU A 356 8.95 -15.54 -19.57
C LEU A 356 8.92 -15.60 -18.06
N TYR A 357 10.05 -15.33 -17.40
CA TYR A 357 10.14 -15.39 -15.95
C TYR A 357 9.21 -14.36 -15.30
N SER A 358 9.32 -13.10 -15.72
CA SER A 358 8.48 -12.05 -15.17
C SER A 358 7.02 -12.29 -15.49
N PHE A 359 6.72 -12.72 -16.71
CA PHE A 359 5.35 -12.98 -17.11
C PHE A 359 4.72 -14.07 -16.26
N ILE A 360 5.46 -15.16 -16.02
CA ILE A 360 4.91 -16.25 -15.24
C ILE A 360 4.76 -15.86 -13.77
N GLN A 361 5.70 -15.06 -13.24
CA GLN A 361 5.49 -14.56 -11.87
C GLN A 361 4.22 -13.74 -11.76
N LYS A 362 4.02 -12.81 -12.70
CA LYS A 362 2.86 -11.94 -12.58
C LYS A 362 1.57 -12.64 -12.96
N SER A 363 1.65 -13.80 -13.63
CA SER A 363 0.45 -14.48 -14.11
C SER A 363 -0.05 -15.55 -13.13
N GLU A 364 0.75 -16.56 -12.83
CA GLU A 364 0.31 -17.70 -12.04
C GLU A 364 0.94 -17.68 -10.65
N LYS A 365 0.55 -18.67 -9.84
CA LYS A 365 0.92 -18.74 -8.43
C LYS A 365 1.44 -20.13 -8.12
N LEU A 366 2.75 -20.23 -7.86
CA LEU A 366 3.40 -21.50 -7.61
C LEU A 366 4.33 -21.39 -6.42
N ASP A 367 4.85 -22.54 -5.98
CA ASP A 367 5.80 -22.56 -4.87
C ASP A 367 7.16 -22.03 -5.30
N SER A 368 7.64 -22.46 -6.46
CA SER A 368 8.92 -22.01 -7.00
C SER A 368 8.74 -21.65 -8.46
N TYR A 369 9.53 -20.67 -8.90
CA TYR A 369 9.45 -20.17 -10.27
C TYR A 369 10.71 -20.48 -11.07
N LYS A 370 11.37 -21.59 -10.77
CA LYS A 370 12.45 -22.08 -11.61
C LYS A 370 11.88 -22.79 -12.83
N LEU A 371 12.75 -23.06 -13.81
CA LEU A 371 12.28 -23.64 -15.06
C LEU A 371 11.78 -25.06 -14.86
N ASP A 372 12.45 -25.82 -14.01
CA ASP A 372 12.04 -27.20 -13.75
C ASP A 372 10.64 -27.26 -13.15
N SER A 373 10.35 -26.38 -12.19
CA SER A 373 9.03 -26.39 -11.55
C SER A 373 7.94 -26.03 -12.55
N ILE A 374 8.18 -25.02 -13.40
CA ILE A 374 7.18 -24.61 -14.37
C ILE A 374 6.96 -25.71 -15.40
N SER A 375 8.03 -26.38 -15.83
CA SER A 375 7.88 -27.48 -16.76
C SER A 375 7.08 -28.62 -16.14
N LYS A 376 7.35 -28.93 -14.86
CA LYS A 376 6.61 -29.98 -14.19
C LYS A 376 5.14 -29.62 -14.03
N ASN A 377 4.86 -28.35 -13.77
CA ASN A 377 3.47 -27.92 -13.62
C ASN A 377 2.73 -27.92 -14.94
N ALA A 378 3.40 -27.59 -16.04
CA ALA A 378 2.72 -27.39 -17.31
C ALA A 378 2.59 -28.68 -18.12
N PHE A 379 3.64 -29.48 -18.20
CA PHE A 379 3.69 -30.65 -19.08
C PHE A 379 3.61 -31.92 -18.23
N SER A 380 2.40 -32.47 -18.11
CA SER A 380 2.17 -33.69 -17.38
C SER A 380 1.11 -34.51 -18.11
N CYS A 381 1.21 -35.82 -18.00
CA CYS A 381 0.27 -36.71 -18.65
C CYS A 381 0.15 -38.00 -17.85
N MET A 382 -0.87 -38.79 -18.18
CA MET A 382 -1.08 -40.10 -17.60
C MET A 382 -0.68 -41.16 -18.61
N GLY A 383 0.12 -42.12 -18.17
CA GLY A 383 0.67 -43.13 -19.04
C GLY A 383 0.26 -44.52 -18.62
N LYS A 384 0.06 -45.38 -19.62
CA LYS A 384 -0.33 -46.77 -19.41
C LYS A 384 0.89 -47.66 -19.63
N VAL A 385 1.11 -48.59 -18.70
CA VAL A 385 2.26 -49.48 -18.76
C VAL A 385 2.00 -50.59 -19.77
N LEU A 386 2.96 -50.83 -20.67
CA LEU A 386 2.86 -51.93 -21.62
C LEU A 386 3.88 -53.04 -21.40
N ASN A 387 4.95 -52.78 -20.67
CA ASN A 387 5.99 -53.78 -20.50
C ASN A 387 6.71 -53.52 -19.20
N ARG A 388 7.39 -54.55 -18.71
CA ARG A 388 8.08 -54.51 -17.42
C ARG A 388 9.40 -55.24 -17.59
N GLY A 389 9.99 -55.66 -16.49
CA GLY A 389 11.21 -56.44 -16.52
C GLY A 389 12.44 -55.55 -16.69
N VAL A 390 13.60 -56.19 -16.54
CA VAL A 390 14.93 -55.55 -16.54
C VAL A 390 14.84 -54.26 -15.73
N ARG A 391 15.61 -53.24 -16.08
CA ARG A 391 15.60 -51.98 -15.35
C ARG A 391 14.86 -50.88 -16.12
N GLU A 392 13.77 -51.22 -16.80
CA GLU A 392 13.11 -50.24 -17.65
C GLU A 392 11.62 -50.57 -17.76
N MET A 393 10.83 -49.56 -18.11
CA MET A 393 9.43 -49.78 -18.43
C MET A 393 9.05 -48.95 -19.65
N THR A 394 8.00 -49.40 -20.33
CA THR A 394 7.45 -48.76 -21.51
C THR A 394 6.06 -48.20 -21.19
N PHE A 395 5.87 -46.92 -21.49
CA PHE A 395 4.61 -46.24 -21.28
C PHE A 395 4.03 -45.80 -22.61
N ILE A 396 2.69 -45.75 -22.67
CA ILE A 396 1.98 -45.22 -23.83
C ILE A 396 1.07 -44.11 -23.35
N GLY A 397 0.81 -43.15 -24.23
CA GLY A 397 -0.10 -42.07 -23.95
C GLY A 397 -0.94 -41.71 -25.15
N ASP A 398 -2.25 -41.57 -24.94
CA ASP A 398 -3.18 -41.43 -26.06
C ASP A 398 -4.39 -40.69 -25.50
N ASP A 399 -5.29 -40.28 -26.41
CA ASP A 399 -6.47 -39.54 -25.99
C ASP A 399 -7.40 -40.38 -25.12
N THR A 400 -7.18 -41.68 -25.06
CA THR A 400 -8.00 -42.57 -24.23
C THR A 400 -7.44 -42.73 -22.82
N THR A 401 -6.40 -41.98 -22.45
CA THR A 401 -5.77 -42.13 -21.16
C THR A 401 -5.99 -40.94 -20.23
N ASP A 402 -5.74 -39.71 -20.70
CA ASP A 402 -5.86 -38.53 -19.84
C ASP A 402 -6.98 -37.60 -20.28
N ALA A 403 -6.90 -37.05 -21.47
CA ALA A 403 -7.83 -36.03 -21.95
C ALA A 403 -7.52 -35.72 -23.40
N LYS A 404 -8.26 -34.81 -24.01
CA LYS A 404 -8.07 -34.50 -25.43
C LYS A 404 -7.08 -33.34 -25.53
N GLY A 405 -5.82 -33.66 -25.76
CA GLY A 405 -4.82 -32.64 -25.97
C GLY A 405 -3.55 -32.82 -25.17
N LYS A 406 -3.65 -33.42 -23.98
CA LYS A 406 -2.49 -33.55 -23.11
C LYS A 406 -1.42 -34.44 -23.73
N ALA A 407 -1.84 -35.56 -24.34
CA ALA A 407 -0.88 -36.45 -24.98
C ALA A 407 -0.17 -35.75 -26.14
N ASP A 408 -0.89 -34.93 -26.90
CA ASP A 408 -0.28 -34.21 -28.01
C ASP A 408 0.81 -33.26 -27.52
N THR A 409 0.52 -32.50 -26.46
CA THR A 409 1.52 -31.59 -25.91
C THR A 409 2.72 -32.35 -25.34
N PHE A 410 2.45 -33.47 -24.67
CA PHE A 410 3.55 -34.26 -24.13
C PHE A 410 4.44 -34.81 -25.25
N ALA A 411 3.83 -35.26 -26.34
CA ALA A 411 4.61 -35.74 -27.48
C ALA A 411 5.39 -34.60 -28.11
N LYS A 412 4.80 -33.41 -28.14
CA LYS A 412 5.50 -32.25 -28.67
C LYS A 412 6.74 -31.92 -27.86
N VAL A 413 6.63 -31.99 -26.53
CA VAL A 413 7.78 -31.67 -25.69
C VAL A 413 8.80 -32.81 -25.68
N LEU A 414 8.35 -34.05 -25.89
CA LEU A 414 9.23 -35.21 -25.84
C LEU A 414 10.20 -35.27 -27.02
N THR A 415 10.02 -34.44 -28.04
CA THR A 415 10.94 -34.45 -29.17
C THR A 415 12.34 -34.06 -28.76
N THR A 416 12.48 -33.27 -27.69
CA THR A 416 13.78 -32.83 -27.22
C THR A 416 14.03 -33.11 -25.74
N GLY A 417 13.08 -33.71 -25.03
CA GLY A 417 13.26 -33.97 -23.62
C GLY A 417 14.25 -35.10 -23.37
N ASN A 418 14.82 -35.10 -22.18
CA ASN A 418 15.84 -36.07 -21.79
C ASN A 418 15.47 -36.86 -20.55
N TYR A 419 14.82 -36.25 -19.56
CA TYR A 419 14.51 -36.91 -18.30
C TYR A 419 13.03 -36.74 -17.98
N VAL A 420 12.42 -37.80 -17.45
CA VAL A 420 11.00 -37.82 -17.12
C VAL A 420 10.83 -38.20 -15.66
N THR A 421 9.92 -37.53 -14.97
CA THR A 421 9.62 -37.81 -13.58
C THR A 421 8.33 -38.62 -13.48
N VAL A 422 8.41 -39.77 -12.81
CA VAL A 422 7.30 -40.68 -12.64
C VAL A 422 6.88 -40.66 -11.17
N ASP A 423 5.57 -40.59 -10.94
CA ASP A 423 4.97 -40.64 -9.61
C ASP A 423 5.44 -39.49 -8.72
N GLU A 424 5.83 -38.38 -9.34
CA GLU A 424 6.23 -37.16 -8.64
C GLU A 424 7.47 -37.35 -7.78
N ASP A 425 8.08 -38.52 -7.82
CA ASP A 425 9.26 -38.76 -7.00
C ASP A 425 10.44 -39.33 -7.78
N ILE A 426 10.20 -40.20 -8.75
CA ILE A 426 11.27 -40.92 -9.43
C ILE A 426 11.71 -40.13 -10.65
N ILE A 427 13.03 -40.04 -10.86
CA ILE A 427 13.60 -39.38 -12.02
C ILE A 427 14.23 -40.45 -12.91
N CYS A 428 13.93 -40.39 -14.21
CA CYS A 428 14.26 -41.48 -15.11
C CYS A 428 14.81 -40.91 -16.42
N LYS A 429 15.65 -41.70 -17.08
CA LYS A 429 16.30 -41.31 -18.32
C LYS A 429 15.61 -41.99 -19.50
N VAL A 430 15.36 -41.22 -20.55
CA VAL A 430 14.68 -41.73 -21.74
C VAL A 430 15.66 -42.55 -22.57
N ILE A 431 15.23 -43.74 -22.96
CA ILE A 431 16.03 -44.61 -23.81
C ILE A 431 15.56 -44.57 -25.26
N ARG A 432 14.27 -44.79 -25.49
CA ARG A 432 13.69 -44.70 -26.82
C ARG A 432 12.39 -43.92 -26.74
N LYS A 433 12.09 -43.20 -27.82
CA LYS A 433 10.87 -42.41 -27.91
C LYS A 433 10.27 -42.57 -29.29
N ASP A 434 8.95 -42.74 -29.34
CA ASP A 434 8.21 -42.84 -30.58
C ASP A 434 7.00 -41.92 -30.51
N ILE A 435 6.82 -41.09 -31.53
CA ILE A 435 5.71 -40.15 -31.60
C ILE A 435 4.67 -40.76 -32.54
N LEU A 436 3.63 -41.34 -31.95
CA LEU A 436 2.55 -41.92 -32.73
C LEU A 436 1.71 -40.81 -33.37
N GLU A 437 0.76 -41.22 -34.20
CA GLU A 437 -0.14 -40.26 -34.83
C GLU A 437 -1.05 -39.57 -33.83
N ASN A 438 -1.29 -40.19 -32.68
CA ASN A 438 -2.20 -39.63 -31.68
C ASN A 438 -1.50 -39.29 -30.37
N GLY A 439 -0.60 -40.13 -29.88
CA GLY A 439 0.03 -39.89 -28.60
C GLY A 439 1.53 -40.09 -28.59
N PHE A 440 2.03 -40.94 -27.71
CA PHE A 440 3.45 -41.18 -27.59
C PHE A 440 3.70 -42.56 -26.99
N LYS A 441 4.92 -43.06 -27.19
CA LYS A 441 5.37 -44.31 -26.59
C LYS A 441 6.82 -44.12 -26.16
N VAL A 442 7.08 -44.26 -24.86
CA VAL A 442 8.40 -43.95 -24.33
C VAL A 442 8.93 -45.15 -23.54
N VAL A 443 10.25 -45.31 -23.54
CA VAL A 443 10.93 -46.32 -22.75
C VAL A 443 11.86 -45.62 -21.78
N LEU A 444 11.73 -45.94 -20.49
CA LEU A 444 12.47 -45.25 -19.44
C LEU A 444 13.24 -46.26 -18.60
N SER A 445 14.45 -45.87 -18.20
CA SER A 445 15.28 -46.66 -17.29
C SER A 445 14.77 -46.43 -15.87
N CYS A 446 13.78 -47.23 -15.48
CA CYS A 446 13.08 -47.07 -14.21
C CYS A 446 12.94 -48.44 -13.56
N PRO A 447 12.89 -48.50 -12.23
CA PRO A 447 12.62 -49.78 -11.57
C PRO A 447 11.22 -50.29 -11.90
N THR A 448 10.94 -51.50 -11.41
CA THR A 448 9.64 -52.12 -11.64
C THR A 448 8.60 -51.54 -10.69
N LEU A 449 7.49 -51.10 -11.26
CA LEU A 449 6.41 -50.49 -10.51
C LEU A 449 5.12 -51.28 -10.71
N PRO A 450 4.46 -51.71 -9.63
CA PRO A 450 3.29 -52.60 -9.75
C PRO A 450 1.95 -51.87 -9.80
N ASN A 451 1.67 -51.23 -10.92
CA ASN A 451 0.38 -50.62 -11.19
C ASN A 451 0.13 -50.65 -12.69
N ASP A 452 -0.88 -49.92 -13.14
CA ASP A 452 -1.23 -49.88 -14.56
C ASP A 452 -1.19 -48.47 -15.13
N ILE A 453 -1.70 -47.49 -14.40
CA ILE A 453 -1.73 -46.10 -14.84
C ILE A 453 -0.83 -45.28 -13.92
N TYR A 454 0.10 -44.53 -14.49
CA TYR A 454 1.04 -43.72 -13.73
C TYR A 454 1.06 -42.32 -14.29
N LYS A 455 1.77 -41.42 -13.59
CA LYS A 455 1.85 -40.02 -13.97
C LYS A 455 3.27 -39.71 -14.44
N LEU A 456 3.37 -39.00 -15.56
CA LEU A 456 4.65 -38.60 -16.13
C LEU A 456 4.68 -37.08 -16.26
N SER A 457 5.85 -36.50 -16.01
CA SER A 457 6.04 -35.06 -16.13
C SER A 457 7.49 -34.78 -16.46
N PHE A 458 7.74 -33.58 -16.98
CA PHE A 458 9.09 -33.14 -17.32
C PHE A 458 9.60 -32.23 -16.21
N GLY A 459 10.67 -32.65 -15.55
CA GLY A 459 11.16 -31.91 -14.40
C GLY A 459 12.67 -31.89 -14.28
N LYS A 460 13.16 -32.20 -13.07
CA LYS A 460 14.56 -32.07 -12.76
C LYS A 460 15.39 -33.13 -13.49
N ASP A 461 16.70 -32.90 -13.49
CA ASP A 461 17.67 -33.84 -14.02
C ASP A 461 18.64 -34.20 -12.91
N ASP A 462 18.88 -35.49 -12.71
CA ASP A 462 19.76 -35.96 -11.64
C ASP A 462 21.21 -36.02 -12.14
N ILE A 463 21.75 -34.84 -12.43
CA ILE A 463 23.12 -34.69 -12.89
C ILE A 463 23.84 -33.66 -12.04
N ASP A 464 25.16 -33.79 -12.00
CA ASP A 464 26.03 -32.88 -11.25
C ASP A 464 26.83 -32.09 -12.28
N LEU A 465 26.38 -30.85 -12.54
CA LEU A 465 27.03 -30.04 -13.58
C LEU A 465 28.46 -29.69 -13.20
N ALA A 466 28.70 -29.38 -11.92
CA ALA A 466 30.04 -29.02 -11.49
C ALA A 466 31.02 -30.18 -11.68
N GLN A 467 30.59 -31.39 -11.32
CA GLN A 467 31.44 -32.56 -11.51
C GLN A 467 31.71 -32.81 -12.98
N MET A 468 30.69 -32.61 -13.82
CA MET A 468 30.88 -32.82 -15.26
C MET A 468 31.87 -31.81 -15.84
N TYR A 469 31.77 -30.54 -15.42
CA TYR A 469 32.75 -29.55 -15.85
C TYR A 469 34.13 -29.87 -15.29
N LYS A 470 34.20 -30.53 -14.14
CA LYS A 470 35.47 -30.87 -13.54
C LYS A 470 36.27 -31.81 -14.43
N ASP A 471 35.61 -32.79 -15.04
CA ASP A 471 36.23 -33.75 -15.95
C ASP A 471 35.55 -33.70 -17.31
N TYR A 472 35.99 -32.75 -18.14
CA TYR A 472 35.30 -32.41 -19.36
C TYR A 472 35.90 -33.16 -20.54
N ASN A 473 35.05 -33.85 -21.30
CA ASN A 473 35.46 -34.58 -22.48
C ASN A 473 34.41 -34.38 -23.56
N LEU A 474 34.54 -35.14 -24.66
CA LEU A 474 33.63 -34.95 -25.79
C LEU A 474 32.20 -35.38 -25.46
N ASN A 475 32.05 -36.51 -24.77
CA ASN A 475 30.72 -37.03 -24.48
C ASN A 475 29.94 -36.06 -23.60
N ILE A 476 30.60 -35.48 -22.60
CA ILE A 476 29.95 -34.50 -21.74
C ILE A 476 29.55 -33.27 -22.53
N ALA A 477 30.40 -32.86 -23.48
CA ALA A 477 30.07 -31.71 -24.31
C ALA A 477 28.82 -31.96 -25.12
N LEU A 478 28.71 -33.13 -25.74
CA LEU A 478 27.54 -33.44 -26.55
C LEU A 478 26.28 -33.57 -25.69
N ASP A 479 26.40 -34.16 -24.51
CA ASP A 479 25.26 -34.23 -23.61
C ASP A 479 24.78 -32.85 -23.20
N MET A 480 25.72 -31.95 -22.87
CA MET A 480 25.34 -30.60 -22.51
C MET A 480 24.71 -29.87 -23.70
N ALA A 481 25.16 -30.19 -24.92
CA ALA A 481 24.52 -29.60 -26.09
C ALA A 481 23.06 -30.03 -26.17
N ARG A 482 22.78 -31.30 -25.92
CA ARG A 482 21.39 -31.76 -25.90
C ARG A 482 20.57 -31.04 -24.83
N TYR A 483 21.13 -30.91 -23.63
CA TYR A 483 20.41 -30.23 -22.55
C TYR A 483 20.12 -28.78 -22.93
N CYS A 484 21.09 -28.11 -23.54
CA CYS A 484 20.92 -26.70 -23.89
C CYS A 484 19.89 -26.51 -25.00
N ILE A 485 19.88 -27.41 -26.00
CA ILE A 485 18.88 -27.27 -27.05
C ILE A 485 17.48 -27.50 -26.49
N HIS A 486 17.34 -28.42 -25.53
CA HIS A 486 16.05 -28.60 -24.88
C HIS A 486 15.65 -27.36 -24.10
N ASP A 487 16.60 -26.74 -23.41
CA ASP A 487 16.29 -25.52 -22.67
C ASP A 487 15.85 -24.40 -23.61
N ALA A 488 16.46 -24.31 -24.78
CA ALA A 488 16.03 -23.32 -25.77
C ALA A 488 14.62 -23.58 -26.26
N CYS A 489 14.29 -24.85 -26.51
CA CYS A 489 12.97 -25.17 -27.05
C CYS A 489 11.85 -25.07 -26.01
N LEU A 490 12.18 -25.22 -24.72
CA LEU A 490 11.15 -25.03 -23.70
C LEU A 490 10.56 -23.63 -23.76
N CYS A 491 11.33 -22.65 -24.20
CA CYS A 491 10.79 -21.30 -24.33
C CYS A 491 9.65 -21.27 -25.33
N GLN A 492 9.82 -21.93 -26.47
CA GLN A 492 8.75 -21.98 -27.46
C GLN A 492 7.56 -22.79 -26.95
N TYR A 493 7.84 -23.90 -26.27
CA TYR A 493 6.73 -24.70 -25.74
C TYR A 493 5.90 -23.90 -24.74
N LEU A 494 6.55 -23.18 -23.84
CA LEU A 494 5.83 -22.35 -22.88
C LEU A 494 5.16 -21.16 -23.55
N TRP A 495 5.78 -20.63 -24.61
CA TRP A 495 5.18 -19.53 -25.36
C TRP A 495 3.86 -19.95 -25.99
N GLU A 496 3.81 -21.16 -26.53
CA GLU A 496 2.57 -21.68 -27.09
C GLU A 496 1.58 -22.11 -26.02
N TYR A 497 2.07 -22.59 -24.88
CA TYR A 497 1.17 -23.08 -23.84
C TYR A 497 0.37 -21.95 -23.20
N TYR A 498 1.00 -20.82 -22.96
CA TYR A 498 0.36 -19.70 -22.27
C TYR A 498 -0.35 -18.73 -23.21
N GLY A 499 -0.24 -18.93 -24.52
CA GLY A 499 -0.98 -18.10 -25.45
C GLY A 499 -0.64 -16.62 -25.39
N VAL A 500 0.65 -16.29 -25.40
CA VAL A 500 1.07 -14.91 -25.23
C VAL A 500 0.58 -14.03 -26.38
N GLU A 501 0.51 -14.57 -27.60
CA GLU A 501 0.10 -13.78 -28.74
C GLU A 501 -1.36 -13.35 -28.64
N THR A 502 -2.25 -14.30 -28.33
CA THR A 502 -3.66 -13.98 -28.19
C THR A 502 -3.91 -12.99 -27.07
N LYS A 503 -3.24 -13.19 -25.94
CA LYS A 503 -3.37 -12.27 -24.82
C LYS A 503 -2.88 -10.88 -25.18
N THR A 504 -1.77 -10.80 -25.91
CA THR A 504 -1.23 -9.51 -26.33
C THR A 504 -2.21 -8.78 -27.24
N ASP A 505 -2.77 -9.49 -28.22
CA ASP A 505 -3.72 -8.85 -29.12
C ASP A 505 -4.96 -8.37 -28.37
N ALA A 506 -5.50 -9.22 -27.49
CA ALA A 506 -6.69 -8.83 -26.74
C ALA A 506 -6.42 -7.61 -25.86
N GLY A 507 -5.29 -7.61 -25.15
CA GLY A 507 -4.98 -6.49 -24.29
C GLY A 507 -4.74 -5.21 -25.06
N ALA A 508 -4.04 -5.29 -26.19
CA ALA A 508 -3.82 -4.09 -26.98
C ALA A 508 -5.12 -3.54 -27.52
N ALA A 509 -6.04 -4.41 -27.94
CA ALA A 509 -7.33 -3.94 -28.41
C ALA A 509 -8.13 -3.27 -27.30
N THR A 510 -8.18 -3.88 -26.11
CA THR A 510 -9.08 -3.42 -25.08
C THR A 510 -8.51 -2.23 -24.31
N TYR A 511 -7.27 -2.34 -23.85
CA TYR A 511 -6.66 -1.31 -23.01
C TYR A 511 -6.20 -0.08 -23.77
N VAL A 512 -6.17 -0.14 -25.11
CA VAL A 512 -5.60 0.92 -25.94
C VAL A 512 -4.17 1.19 -25.49
N LEU A 513 -3.30 0.21 -25.67
CA LEU A 513 -1.90 0.32 -25.29
C LEU A 513 -1.04 -0.37 -26.33
N PRO A 514 0.22 0.03 -26.47
CA PRO A 514 1.12 -0.65 -27.40
C PRO A 514 1.35 -2.09 -27.01
N GLN A 515 1.75 -2.89 -28.01
CA GLN A 515 1.94 -4.32 -27.81
C GLN A 515 3.05 -4.64 -26.82
N SER A 516 3.99 -3.72 -26.60
CA SER A 516 5.09 -3.94 -25.70
C SER A 516 4.83 -3.43 -24.29
N MET A 517 3.63 -2.93 -24.01
CA MET A 517 3.30 -2.33 -22.72
C MET A 517 2.14 -3.02 -22.03
N VAL A 518 1.64 -4.13 -22.59
CA VAL A 518 0.43 -4.74 -22.06
C VAL A 518 0.69 -5.39 -20.71
N PHE A 519 1.82 -6.06 -20.56
CA PHE A 519 2.12 -6.84 -19.35
C PHE A 519 3.06 -6.12 -18.42
N GLU A 520 2.96 -4.80 -18.31
CA GLU A 520 3.88 -4.02 -17.49
C GLU A 520 3.22 -3.19 -16.41
N TYR A 521 1.91 -2.98 -16.48
CA TYR A 521 1.25 -2.05 -15.56
C TYR A 521 0.04 -2.71 -14.92
N ARG A 522 -0.40 -2.12 -13.83
CA ARG A 522 -1.49 -2.65 -13.02
C ARG A 522 -2.81 -1.98 -13.39
N ALA A 523 -3.82 -2.19 -12.55
CA ALA A 523 -5.18 -1.79 -12.90
C ALA A 523 -5.33 -0.28 -13.04
N SER A 524 -4.57 0.51 -12.29
CA SER A 524 -4.74 1.96 -12.33
C SER A 524 -4.34 2.55 -13.67
N THR A 525 -3.62 1.83 -14.50
CA THR A 525 -3.16 2.32 -15.79
C THR A 525 -3.93 1.72 -16.96
N ILE A 526 -4.33 0.45 -16.86
CA ILE A 526 -4.96 -0.22 -17.99
C ILE A 526 -6.44 0.12 -18.12
N ILE A 527 -7.00 0.92 -17.23
CA ILE A 527 -8.39 1.32 -17.31
C ILE A 527 -8.52 2.77 -17.74
N LYS A 528 -7.46 3.35 -18.30
CA LYS A 528 -7.48 4.76 -18.65
C LYS A 528 -7.90 5.02 -20.09
N GLY A 529 -7.58 4.12 -21.02
CA GLY A 529 -8.03 4.26 -22.38
C GLY A 529 -9.53 4.19 -22.53
N PRO A 530 -10.14 3.11 -22.03
CA PRO A 530 -11.61 3.04 -22.02
C PRO A 530 -12.25 4.18 -21.25
N LEU A 531 -11.65 4.60 -20.14
CA LEU A 531 -12.21 5.72 -19.39
C LEU A 531 -12.20 7.00 -20.21
N LEU A 532 -11.09 7.27 -20.92
CA LEU A 532 -11.03 8.46 -21.75
C LEU A 532 -12.03 8.40 -22.89
N LYS A 533 -12.17 7.25 -23.52
CA LYS A 533 -13.16 7.11 -24.59
C LYS A 533 -14.56 7.35 -24.05
N LEU A 534 -14.87 6.81 -22.88
CA LEU A 534 -16.18 6.98 -22.28
C LEU A 534 -16.44 8.45 -21.94
N LEU A 535 -15.44 9.13 -21.38
CA LEU A 535 -15.61 10.53 -21.03
C LEU A 535 -15.83 11.39 -22.26
N LEU A 536 -15.09 11.14 -23.33
CA LEU A 536 -15.28 11.91 -24.55
C LEU A 536 -16.64 11.62 -25.17
N GLU A 537 -17.12 10.38 -25.08
CA GLU A 537 -18.44 10.06 -25.62
C GLU A 537 -19.54 10.72 -24.81
N THR A 538 -19.40 10.78 -23.49
CA THR A 538 -20.38 11.41 -22.63
C THR A 538 -20.17 12.91 -22.49
N LYS A 539 -19.01 13.42 -22.91
CA LYS A 539 -18.66 14.84 -22.82
C LYS A 539 -18.65 15.30 -21.35
N THR A 540 -17.76 14.69 -20.57
CA THR A 540 -17.71 14.91 -19.15
C THR A 540 -16.27 15.00 -18.67
N ILE A 541 -16.02 15.93 -17.76
CA ILE A 541 -14.74 16.07 -17.07
C ILE A 541 -15.03 16.07 -15.57
N LEU A 542 -14.22 15.35 -14.81
CA LEU A 542 -14.36 15.26 -13.36
C LEU A 542 -13.16 15.91 -12.70
N VAL A 543 -13.43 16.80 -11.74
CA VAL A 543 -12.38 17.54 -11.05
C VAL A 543 -12.55 17.41 -9.56
N ARG A 544 -11.46 17.65 -8.83
CA ARG A 544 -11.45 17.66 -7.38
C ARG A 544 -10.90 18.98 -6.89
N SER A 545 -11.40 19.42 -5.72
CA SER A 545 -10.99 20.68 -5.14
C SER A 545 -10.21 20.50 -3.84
N GLU A 546 -10.79 19.81 -2.86
CA GLU A 546 -10.15 19.67 -1.55
C GLU A 546 -9.57 18.27 -1.40
N THR A 547 -8.92 18.06 -0.26
CA THR A 547 -8.18 16.83 -0.02
C THR A 547 -9.12 15.67 0.28
N LYS A 548 -8.56 14.46 0.24
CA LYS A 548 -9.30 13.23 0.46
C LYS A 548 -8.97 12.69 1.84
N GLN A 549 -10.00 12.35 2.61
CA GLN A 549 -9.85 11.81 3.95
C GLN A 549 -10.31 10.37 3.98
N LYS A 550 -9.53 9.51 4.62
CA LYS A 550 -9.75 8.07 4.59
C LYS A 550 -10.31 7.60 5.93
N PHE A 551 -11.38 6.82 5.87
CA PHE A 551 -12.00 6.18 7.02
C PHE A 551 -12.12 4.69 6.76
N PRO A 552 -12.14 3.87 7.80
CA PRO A 552 -12.38 2.44 7.59
C PRO A 552 -13.82 2.17 7.21
N TYR A 553 -14.03 1.06 6.50
CA TYR A 553 -15.38 0.63 6.17
C TYR A 553 -15.43 -0.88 6.13
N GLU A 554 -16.64 -1.42 6.27
CA GLU A 554 -16.88 -2.84 6.46
C GLU A 554 -16.99 -3.54 5.12
N GLY A 555 -16.80 -4.86 5.15
CA GLY A 555 -16.80 -5.66 3.93
C GLY A 555 -17.91 -6.70 3.89
N GLY A 556 -17.69 -7.78 3.14
CA GLY A 556 -18.73 -8.77 2.97
C GLY A 556 -19.02 -9.54 4.24
N LYS A 557 -20.10 -10.31 4.20
CA LYS A 557 -20.57 -11.08 5.35
C LYS A 557 -20.18 -12.55 5.19
N VAL A 558 -19.63 -13.13 6.25
CA VAL A 558 -19.28 -14.55 6.29
C VAL A 558 -20.06 -15.19 7.43
N PHE A 559 -20.76 -16.27 7.14
CA PHE A 559 -21.56 -16.98 8.13
C PHE A 559 -20.72 -18.02 8.86
N ALA A 560 -21.11 -18.30 10.09
CA ALA A 560 -20.43 -19.33 10.87
C ALA A 560 -20.99 -20.70 10.51
N PRO A 561 -20.13 -21.66 10.20
CA PRO A 561 -20.62 -23.01 9.89
C PRO A 561 -21.33 -23.62 11.08
N LYS A 562 -22.40 -24.38 10.78
CA LYS A 562 -23.24 -24.91 11.85
C LYS A 562 -22.70 -26.21 12.41
N GLN A 563 -21.95 -26.98 11.63
CA GLN A 563 -21.36 -28.22 12.14
C GLN A 563 -20.17 -28.56 11.26
N LYS A 564 -19.33 -29.48 11.75
CA LYS A 564 -18.11 -29.87 11.05
C LYS A 564 -18.38 -30.87 9.94
N MET A 565 -18.90 -32.05 10.29
CA MET A 565 -19.09 -33.13 9.35
C MET A 565 -20.57 -33.26 9.00
N PHE A 566 -20.87 -33.53 7.73
CA PHE A 566 -22.23 -33.40 7.22
C PHE A 566 -22.88 -34.72 6.85
N SER A 567 -22.26 -35.50 5.97
CA SER A 567 -22.82 -36.77 5.50
C SER A 567 -24.16 -36.58 4.78
N ASN A 568 -24.38 -35.39 4.23
CA ASN A 568 -25.52 -35.12 3.38
C ASN A 568 -25.06 -34.17 2.27
N ASN A 569 -25.77 -34.21 1.15
CA ASN A 569 -25.38 -33.39 0.01
C ASN A 569 -25.56 -31.91 0.32
N VAL A 570 -24.63 -31.10 -0.18
CA VAL A 570 -24.67 -29.65 -0.03
C VAL A 570 -24.67 -29.03 -1.41
N LEU A 571 -25.61 -28.12 -1.64
CA LEU A 571 -25.79 -27.43 -2.92
C LEU A 571 -25.27 -26.02 -2.79
N ILE A 572 -24.43 -25.60 -3.72
CA ILE A 572 -23.77 -24.30 -3.67
C ILE A 572 -24.44 -23.37 -4.68
N PHE A 573 -24.85 -22.19 -4.21
CA PHE A 573 -25.46 -21.19 -5.06
C PHE A 573 -24.64 -19.91 -4.99
N ASP A 574 -24.34 -19.34 -6.15
CA ASP A 574 -23.36 -18.27 -6.26
C ASP A 574 -23.85 -17.16 -7.18
N TYR A 575 -23.72 -15.91 -6.74
CA TYR A 575 -24.07 -14.78 -7.60
C TYR A 575 -23.10 -14.67 -8.77
N ASN A 576 -23.45 -13.82 -9.73
CA ASN A 576 -22.60 -13.54 -10.88
C ASN A 576 -22.17 -12.08 -10.84
N SER A 577 -20.87 -11.85 -10.66
CA SER A 577 -20.29 -10.50 -10.66
C SER A 577 -21.03 -9.58 -9.70
N LEU A 578 -20.98 -9.93 -8.43
CA LEU A 578 -21.87 -9.30 -7.45
C LEU A 578 -21.62 -7.81 -7.34
N TYR A 579 -20.36 -7.41 -7.19
CA TYR A 579 -20.10 -6.01 -6.89
C TYR A 579 -20.30 -5.11 -8.11
N PRO A 580 -19.81 -5.49 -9.31
CA PRO A 580 -20.17 -4.69 -10.50
C PRO A 580 -21.67 -4.61 -10.75
N ASN A 581 -22.41 -5.69 -10.49
CA ASN A 581 -23.85 -5.64 -10.69
C ASN A 581 -24.52 -4.75 -9.65
N VAL A 582 -24.01 -4.74 -8.42
CA VAL A 582 -24.49 -3.81 -7.41
C VAL A 582 -24.27 -2.38 -7.85
N CYS A 583 -23.08 -2.10 -8.38
CA CYS A 583 -22.77 -0.75 -8.84
C CYS A 583 -23.69 -0.34 -10.00
N ILE A 584 -23.96 -1.25 -10.93
CA ILE A 584 -24.85 -0.94 -12.04
C ILE A 584 -26.28 -0.70 -11.54
N PHE A 585 -26.74 -1.55 -10.62
CA PHE A 585 -28.11 -1.44 -10.12
C PHE A 585 -28.32 -0.14 -9.36
N GLY A 586 -27.40 0.21 -8.46
CA GLY A 586 -27.55 1.43 -7.71
C GLY A 586 -27.04 2.67 -8.38
N ASN A 587 -26.34 2.53 -9.50
CA ASN A 587 -25.72 3.66 -10.20
C ASN A 587 -24.75 4.40 -9.28
N LEU A 588 -23.80 3.64 -8.73
CA LEU A 588 -22.88 4.14 -7.72
C LEU A 588 -21.66 4.72 -8.42
N SER A 589 -21.59 6.04 -8.50
CA SER A 589 -20.47 6.76 -9.09
C SER A 589 -20.21 8.01 -8.26
N PRO A 590 -18.97 8.52 -8.26
CA PRO A 590 -18.70 9.75 -7.51
C PRO A 590 -19.49 10.97 -7.98
N GLU A 591 -19.94 11.00 -9.23
CA GLU A 591 -20.65 12.16 -9.74
C GLU A 591 -22.17 12.02 -9.62
N THR A 592 -22.67 10.90 -9.12
CA THR A 592 -24.10 10.69 -8.96
C THR A 592 -24.52 10.65 -7.50
N LEU A 593 -23.68 11.15 -6.60
CA LEU A 593 -23.97 11.16 -5.17
C LEU A 593 -24.65 12.48 -4.83
N VAL A 594 -25.96 12.42 -4.55
CA VAL A 594 -26.69 13.62 -4.17
C VAL A 594 -26.16 14.17 -2.86
N GLY A 595 -25.92 13.30 -1.89
CA GLY A 595 -25.36 13.74 -0.63
C GLY A 595 -25.36 12.63 0.40
N VAL A 596 -24.84 12.99 1.57
CA VAL A 596 -24.83 12.12 2.74
C VAL A 596 -25.45 12.88 3.89
N VAL A 597 -26.44 12.28 4.53
CA VAL A 597 -27.14 12.88 5.67
C VAL A 597 -26.73 12.10 6.92
N VAL A 598 -26.37 12.84 7.97
CA VAL A 598 -25.93 12.26 9.24
C VAL A 598 -26.75 12.85 10.37
N SER A 599 -26.74 12.14 11.50
CA SER A 599 -27.47 12.57 12.68
C SER A 599 -26.72 12.11 13.92
N THR A 600 -26.78 12.93 14.96
CA THR A 600 -26.09 12.66 16.22
C THR A 600 -27.03 12.23 17.34
N ASN A 601 -28.33 12.13 17.08
CA ASN A 601 -29.29 11.76 18.13
C ASN A 601 -30.56 11.24 17.46
N ARG A 602 -31.42 10.62 18.28
CA ARG A 602 -32.60 9.96 17.74
C ARG A 602 -33.65 10.95 17.25
N LEU A 603 -33.77 12.10 17.90
CA LEU A 603 -34.79 13.07 17.49
C LEU A 603 -34.52 13.58 16.09
N GLU A 604 -33.31 14.07 15.85
CA GLU A 604 -32.97 14.58 14.53
C GLU A 604 -32.95 13.46 13.50
N GLU A 605 -32.57 12.25 13.93
CA GLU A 605 -32.59 11.12 13.01
C GLU A 605 -34.00 10.84 12.52
N GLU A 606 -34.97 10.83 13.43
CA GLU A 606 -36.35 10.56 13.02
C GLU A 606 -36.88 11.66 12.11
N ILE A 607 -36.57 12.92 12.44
CA ILE A 607 -37.03 14.01 11.58
C ILE A 607 -36.44 13.86 10.18
N ASN A 608 -35.14 13.57 10.11
CA ASN A 608 -34.47 13.42 8.83
C ASN A 608 -35.04 12.25 8.04
N ASN A 609 -35.33 11.14 8.69
CA ASN A 609 -35.88 9.99 7.98
C ASN A 609 -37.26 10.31 7.40
N GLN A 610 -38.11 10.95 8.21
CA GLN A 610 -39.44 11.30 7.72
C GLN A 610 -39.36 12.23 6.53
N LEU A 611 -38.48 13.24 6.57
CA LEU A 611 -38.38 14.15 5.43
C LEU A 611 -37.73 13.48 4.22
N LEU A 612 -36.74 12.63 4.45
CA LEU A 612 -35.97 12.03 3.36
C LEU A 612 -36.80 11.02 2.58
N LEU A 613 -37.72 10.32 3.24
CA LEU A 613 -38.53 9.36 2.51
C LEU A 613 -39.41 10.02 1.47
N GLN A 614 -39.71 11.31 1.61
CA GLN A 614 -40.61 11.99 0.69
C GLN A 614 -39.94 13.03 -0.20
N LYS A 615 -38.79 13.58 0.20
CA LYS A 615 -38.08 14.48 -0.71
C LYS A 615 -37.44 13.73 -1.86
N TYR A 616 -36.98 12.50 -1.62
CA TYR A 616 -36.32 11.69 -2.65
C TYR A 616 -37.06 10.37 -2.82
N PRO A 617 -37.98 10.29 -3.79
CA PRO A 617 -38.78 9.07 -3.96
C PRO A 617 -37.95 7.89 -4.42
N PRO A 618 -38.42 6.68 -4.18
CA PRO A 618 -37.60 5.49 -4.43
C PRO A 618 -37.32 5.20 -5.90
N PRO A 619 -38.28 5.30 -6.83
CA PRO A 619 -38.00 4.77 -8.18
C PRO A 619 -36.81 5.42 -8.87
N ARG A 620 -36.49 6.67 -8.55
CA ARG A 620 -35.41 7.41 -9.19
C ARG A 620 -34.19 7.56 -8.30
N TYR A 621 -34.38 7.75 -6.99
CA TYR A 621 -33.28 7.88 -6.06
C TYR A 621 -33.18 6.63 -5.20
N ILE A 622 -31.96 6.19 -4.94
CA ILE A 622 -31.72 5.04 -4.07
C ILE A 622 -30.97 5.52 -2.84
N THR A 623 -31.48 5.16 -1.67
CA THR A 623 -30.93 5.57 -0.39
C THR A 623 -30.34 4.36 0.32
N VAL A 624 -29.11 4.50 0.79
CA VAL A 624 -28.38 3.40 1.40
C VAL A 624 -28.02 3.77 2.82
N HIS A 625 -28.38 2.91 3.78
CA HIS A 625 -27.96 3.04 5.16
C HIS A 625 -26.60 2.39 5.35
N CYS A 626 -25.77 3.01 6.20
CA CYS A 626 -24.40 2.57 6.36
C CYS A 626 -23.98 2.74 7.81
N GLU A 627 -22.92 2.04 8.18
CA GLU A 627 -22.32 2.21 9.49
C GLU A 627 -21.74 3.62 9.60
N PRO A 628 -21.86 4.27 10.76
CA PRO A 628 -21.46 5.67 10.86
C PRO A 628 -19.99 5.91 10.58
N ARG A 629 -19.70 7.10 10.06
CA ARG A 629 -18.33 7.48 9.70
C ARG A 629 -17.47 7.73 10.93
N LEU A 630 -18.03 8.41 11.94
CA LEU A 630 -17.30 8.87 13.11
C LEU A 630 -17.95 8.34 14.38
N PRO A 631 -17.20 8.24 15.48
CA PRO A 631 -17.76 7.65 16.71
C PRO A 631 -18.94 8.39 17.29
N ASN A 632 -19.03 9.71 17.10
CA ASN A 632 -20.06 10.51 17.74
C ASN A 632 -21.39 10.48 16.98
N LEU A 633 -21.47 9.78 15.85
CA LEU A 633 -22.68 9.72 15.04
C LEU A 633 -23.39 8.38 15.24
N ILE A 634 -24.69 8.40 14.98
CA ILE A 634 -25.53 7.20 15.12
C ILE A 634 -26.28 6.85 13.84
N SER A 635 -26.02 7.55 12.74
CA SER A 635 -26.71 7.29 11.49
C SER A 635 -25.87 7.80 10.32
N GLU A 636 -26.14 7.26 9.14
CA GLU A 636 -25.55 7.76 7.91
C GLU A 636 -26.35 7.22 6.74
N ILE A 637 -26.89 8.12 5.91
CA ILE A 637 -27.67 7.73 4.74
C ILE A 637 -27.10 8.42 3.51
N ALA A 638 -26.80 7.65 2.47
CA ALA A 638 -26.24 8.18 1.24
C ALA A 638 -27.26 8.06 0.12
N ILE A 639 -27.46 9.15 -0.62
CA ILE A 639 -28.46 9.21 -1.69
C ILE A 639 -27.75 9.17 -3.04
N PHE A 640 -28.27 8.35 -3.95
CA PHE A 640 -27.71 8.22 -5.29
C PHE A 640 -28.81 8.43 -6.33
N ASP A 641 -28.46 9.08 -7.43
CA ASP A 641 -29.39 9.39 -8.51
C ASP A 641 -29.28 8.34 -9.61
N ARG A 642 -30.41 8.10 -10.29
CA ARG A 642 -30.48 7.09 -11.34
C ARG A 642 -31.04 7.62 -12.64
N SER A 643 -31.14 8.94 -12.80
CA SER A 643 -31.68 9.49 -14.04
C SER A 643 -30.66 9.39 -15.18
N ILE A 644 -29.41 9.71 -14.91
CA ILE A 644 -28.34 9.70 -15.91
C ILE A 644 -27.33 8.65 -15.51
N GLU A 645 -26.97 7.78 -16.45
CA GLU A 645 -26.03 6.69 -16.17
C GLU A 645 -24.67 7.25 -15.78
N GLY A 646 -24.08 6.64 -14.75
CA GLY A 646 -22.79 7.07 -14.25
C GLY A 646 -21.64 6.56 -15.10
N THR A 647 -20.43 6.91 -14.66
CA THR A 647 -19.22 6.59 -15.41
C THR A 647 -18.69 5.20 -15.06
N ILE A 648 -18.61 4.87 -13.77
CA ILE A 648 -18.17 3.53 -13.37
C ILE A 648 -19.05 2.44 -13.94
N PRO A 649 -20.39 2.54 -13.92
CA PRO A 649 -21.21 1.48 -14.52
C PRO A 649 -20.89 1.19 -15.97
N ARG A 650 -20.55 2.18 -16.78
CA ARG A 650 -20.27 1.93 -18.18
C ARG A 650 -18.95 1.18 -18.37
N LEU A 651 -17.93 1.53 -17.58
CA LEU A 651 -16.69 0.75 -17.58
C LEU A 651 -16.96 -0.69 -17.21
N LEU A 652 -17.77 -0.89 -16.16
CA LEU A 652 -18.06 -2.25 -15.72
C LEU A 652 -18.83 -3.01 -16.79
N ARG A 653 -19.74 -2.33 -17.50
CA ARG A 653 -20.46 -2.99 -18.59
C ARG A 653 -19.52 -3.42 -19.70
N THR A 654 -18.55 -2.57 -20.04
CA THR A 654 -17.56 -2.94 -21.06
C THR A 654 -16.80 -4.20 -20.66
N PHE A 655 -16.28 -4.22 -19.43
CA PHE A 655 -15.48 -5.38 -19.00
C PHE A 655 -16.34 -6.63 -18.88
N LEU A 656 -17.60 -6.47 -18.46
CA LEU A 656 -18.51 -7.60 -18.38
C LEU A 656 -18.80 -8.18 -19.75
N ALA A 657 -18.96 -7.31 -20.76
CA ALA A 657 -19.16 -7.80 -22.12
C ALA A 657 -17.96 -8.59 -22.60
N GLU A 658 -16.75 -8.10 -22.31
CA GLU A 658 -15.55 -8.84 -22.72
C GLU A 658 -15.48 -10.20 -22.06
N ARG A 659 -15.79 -10.26 -20.76
CA ARG A 659 -15.76 -11.54 -20.07
C ARG A 659 -16.78 -12.51 -20.65
N ALA A 660 -17.97 -12.02 -20.98
CA ALA A 660 -18.99 -12.88 -21.58
C ALA A 660 -18.52 -13.42 -22.92
N ARG A 661 -17.87 -12.58 -23.72
CA ARG A 661 -17.35 -13.03 -25.00
C ARG A 661 -16.35 -14.16 -24.83
N TYR A 662 -15.42 -14.01 -23.88
CA TYR A 662 -14.39 -15.03 -23.76
C TYR A 662 -14.92 -16.30 -23.11
N LYS A 663 -15.92 -16.20 -22.22
CA LYS A 663 -16.58 -17.40 -21.72
C LYS A 663 -17.27 -18.15 -22.86
N LYS A 664 -17.96 -17.41 -23.74
CA LYS A 664 -18.62 -18.05 -24.87
C LYS A 664 -17.63 -18.79 -25.75
N MET A 665 -16.47 -18.17 -26.03
CA MET A 665 -15.47 -18.88 -26.82
C MET A 665 -14.82 -20.03 -26.06
N LEU A 666 -14.79 -19.97 -24.73
CA LEU A 666 -14.31 -21.12 -23.96
C LEU A 666 -15.27 -22.30 -24.08
N LYS A 667 -16.57 -22.03 -24.12
CA LYS A 667 -17.55 -23.11 -24.16
C LYS A 667 -17.41 -23.96 -25.43
N GLN A 668 -16.93 -23.36 -26.51
CA GLN A 668 -16.79 -24.07 -27.78
C GLN A 668 -15.42 -24.70 -27.98
N ALA A 669 -14.52 -24.60 -27.00
CA ALA A 669 -13.19 -25.15 -27.14
C ALA A 669 -13.19 -26.66 -26.96
N THR A 670 -12.24 -27.32 -27.62
CA THR A 670 -12.11 -28.77 -27.58
C THR A 670 -10.77 -29.22 -27.00
N SER A 671 -9.67 -28.64 -27.47
CA SER A 671 -8.35 -29.00 -26.96
C SER A 671 -8.12 -28.37 -25.60
N SER A 672 -7.13 -28.91 -24.88
CA SER A 672 -6.89 -28.45 -23.51
C SER A 672 -6.22 -27.09 -23.49
N THR A 673 -5.31 -26.83 -24.43
CA THR A 673 -4.59 -25.56 -24.44
C THR A 673 -5.53 -24.37 -24.63
N GLU A 674 -6.45 -24.49 -25.59
CA GLU A 674 -7.40 -23.42 -25.83
C GLU A 674 -8.29 -23.19 -24.62
N LYS A 675 -8.74 -24.27 -23.99
CA LYS A 675 -9.56 -24.15 -22.80
C LYS A 675 -8.81 -23.39 -21.70
N ALA A 676 -7.54 -23.75 -21.49
CA ALA A 676 -6.76 -23.07 -20.46
C ALA A 676 -6.58 -21.59 -20.78
N ILE A 677 -6.27 -21.27 -22.04
CA ILE A 677 -6.04 -19.88 -22.40
C ILE A 677 -7.30 -19.05 -22.20
N TYR A 678 -8.43 -19.56 -22.67
CA TYR A 678 -9.66 -18.77 -22.59
C TYR A 678 -10.14 -18.64 -21.15
N ASP A 679 -9.95 -19.68 -20.34
CA ASP A 679 -10.25 -19.57 -18.92
C ASP A 679 -9.42 -18.49 -18.26
N SER A 680 -8.12 -18.44 -18.59
CA SER A 680 -7.26 -17.41 -18.03
C SER A 680 -7.72 -16.00 -18.43
N MET A 681 -8.11 -15.82 -19.69
CA MET A 681 -8.53 -14.49 -20.13
C MET A 681 -9.84 -14.05 -19.48
N GLN A 682 -10.81 -14.95 -19.36
CA GLN A 682 -12.04 -14.56 -18.69
C GLN A 682 -11.80 -14.25 -17.21
N TYR A 683 -10.89 -14.99 -16.57
CA TYR A 683 -10.52 -14.68 -15.20
C TYR A 683 -9.87 -13.30 -15.10
N THR A 684 -9.02 -12.96 -16.07
CA THR A 684 -8.36 -11.66 -16.07
C THR A 684 -9.39 -10.53 -16.15
N TYR A 685 -10.38 -10.67 -17.02
CA TYR A 685 -11.38 -9.61 -17.13
C TYR A 685 -12.23 -9.51 -15.87
N LYS A 686 -12.52 -10.64 -15.23
CA LYS A 686 -13.22 -10.60 -13.94
C LYS A 686 -12.42 -9.83 -12.90
N ILE A 687 -11.12 -10.10 -12.83
CA ILE A 687 -10.29 -9.42 -11.84
C ILE A 687 -10.21 -7.93 -12.12
N VAL A 688 -10.17 -7.54 -13.39
CA VAL A 688 -10.15 -6.11 -13.73
C VAL A 688 -11.45 -5.45 -13.29
N ALA A 689 -12.59 -6.11 -13.53
CA ALA A 689 -13.86 -5.54 -13.13
C ALA A 689 -13.92 -5.34 -11.62
N ASN A 690 -13.40 -6.30 -10.85
CA ASN A 690 -13.34 -6.11 -9.40
C ASN A 690 -12.34 -5.02 -9.00
N SER A 691 -11.26 -4.89 -9.77
CA SER A 691 -10.25 -3.88 -9.47
C SER A 691 -10.80 -2.47 -9.63
N VAL A 692 -11.79 -2.29 -10.51
CA VAL A 692 -12.40 -0.96 -10.64
C VAL A 692 -13.07 -0.55 -9.32
N TYR A 693 -13.83 -1.45 -8.72
CA TYR A 693 -14.42 -1.18 -7.40
C TYR A 693 -13.34 -0.94 -6.35
N GLY A 694 -12.31 -1.79 -6.35
CA GLY A 694 -11.23 -1.61 -5.40
C GLY A 694 -10.60 -0.23 -5.52
N LEU A 695 -10.41 0.24 -6.75
CA LEU A 695 -9.88 1.58 -6.97
C LEU A 695 -10.84 2.63 -6.43
N MET A 696 -12.14 2.42 -6.65
CA MET A 696 -13.12 3.34 -6.07
C MET A 696 -12.98 3.42 -4.57
N GLY A 697 -12.47 2.37 -3.94
CA GLY A 697 -12.14 2.40 -2.53
C GLY A 697 -10.71 2.76 -2.18
N PHE A 698 -9.92 3.22 -3.14
CA PHE A 698 -8.49 3.49 -2.93
C PHE A 698 -8.25 4.99 -2.84
N ARG A 699 -7.47 5.41 -1.84
CA ARG A 699 -7.38 6.82 -1.49
C ARG A 699 -6.63 7.63 -2.55
N ASN A 700 -5.48 7.12 -3.00
CA ASN A 700 -4.63 7.87 -3.92
C ASN A 700 -5.08 7.76 -5.37
N SER A 701 -6.32 7.38 -5.62
CA SER A 701 -6.85 7.23 -6.96
C SER A 701 -7.70 8.43 -7.36
N ALA A 702 -7.87 8.60 -8.66
CA ALA A 702 -8.71 9.66 -9.18
C ALA A 702 -10.20 9.32 -9.12
N LEU A 703 -10.55 8.06 -8.91
CA LEU A 703 -11.94 7.63 -8.80
C LEU A 703 -12.35 7.35 -7.37
N TYR A 704 -11.70 7.99 -6.40
CA TYR A 704 -11.96 7.72 -5.00
C TYR A 704 -13.36 8.18 -4.63
N SER A 705 -14.10 7.29 -3.95
CA SER A 705 -15.43 7.63 -3.46
C SER A 705 -15.71 6.72 -2.27
N TYR A 706 -15.61 7.29 -1.06
CA TYR A 706 -15.85 6.52 0.15
C TYR A 706 -17.29 6.01 0.20
N ALA A 707 -18.24 6.88 -0.12
CA ALA A 707 -19.65 6.52 -0.04
C ALA A 707 -20.01 5.42 -1.01
N SER A 708 -19.45 5.46 -2.22
CA SER A 708 -19.79 4.46 -3.23
C SER A 708 -19.35 3.06 -2.79
N ALA A 709 -18.13 2.94 -2.27
CA ALA A 709 -17.65 1.64 -1.81
C ALA A 709 -18.46 1.15 -0.61
N LYS A 710 -18.75 2.04 0.34
CA LYS A 710 -19.57 1.66 1.49
C LYS A 710 -20.93 1.14 1.03
N SER A 711 -21.55 1.86 0.10
CA SER A 711 -22.87 1.47 -0.37
C SER A 711 -22.84 0.14 -1.11
N CYS A 712 -21.80 -0.07 -1.92
CA CYS A 712 -21.66 -1.35 -2.63
C CYS A 712 -21.62 -2.51 -1.65
N THR A 713 -20.80 -2.38 -0.61
CA THR A 713 -20.72 -3.43 0.39
C THR A 713 -22.04 -3.63 1.13
N SER A 714 -22.71 -2.53 1.48
CA SER A 714 -23.98 -2.64 2.19
C SER A 714 -25.02 -3.38 1.37
N ILE A 715 -25.13 -3.06 0.09
CA ILE A 715 -26.09 -3.73 -0.77
C ILE A 715 -25.73 -5.20 -0.93
N GLY A 716 -24.43 -5.51 -0.99
CA GLY A 716 -24.03 -6.91 -1.04
C GLY A 716 -24.46 -7.69 0.20
N ARG A 717 -24.27 -7.11 1.38
CA ARG A 717 -24.70 -7.78 2.61
C ARG A 717 -26.20 -7.96 2.64
N ARG A 718 -26.96 -6.95 2.19
CA ARG A 718 -28.40 -7.09 2.14
C ARG A 718 -28.80 -8.25 1.23
N MET A 719 -28.15 -8.37 0.07
CA MET A 719 -28.53 -9.44 -0.85
C MET A 719 -28.21 -10.82 -0.30
N ILE A 720 -27.04 -10.98 0.32
CA ILE A 720 -26.74 -12.29 0.91
C ILE A 720 -27.75 -12.65 1.99
N LEU A 721 -28.10 -11.68 2.85
CA LEU A 721 -29.05 -11.98 3.91
C LEU A 721 -30.42 -12.34 3.33
N TYR A 722 -30.83 -11.65 2.27
CA TYR A 722 -32.11 -11.95 1.63
C TYR A 722 -32.14 -13.37 1.10
N LEU A 723 -31.09 -13.75 0.36
CA LEU A 723 -31.06 -15.11 -0.20
C LEU A 723 -31.04 -16.16 0.91
N GLU A 724 -30.22 -15.94 1.94
CA GLU A 724 -30.15 -16.93 3.02
C GLU A 724 -31.46 -17.07 3.76
N SER A 725 -32.14 -15.95 4.03
CA SER A 725 -33.43 -16.02 4.70
C SER A 725 -34.46 -16.73 3.85
N VAL A 726 -34.44 -16.50 2.53
CA VAL A 726 -35.40 -17.15 1.66
C VAL A 726 -35.14 -18.65 1.55
N LEU A 727 -33.86 -19.06 1.56
CA LEU A 727 -33.52 -20.47 1.36
C LEU A 727 -33.52 -21.29 2.64
N ASN A 728 -33.25 -20.69 3.79
CA ASN A 728 -33.16 -21.46 5.03
C ASN A 728 -34.53 -22.02 5.41
N GLY A 729 -34.62 -23.34 5.49
CA GLY A 729 -35.87 -24.00 5.84
C GLY A 729 -36.93 -23.91 4.76
N ALA A 730 -36.56 -24.24 3.52
CA ALA A 730 -37.50 -24.23 2.41
C ALA A 730 -37.93 -25.65 2.08
N GLU A 731 -39.22 -25.83 1.79
CA GLU A 731 -39.75 -27.17 1.61
C GLU A 731 -40.33 -27.36 0.22
N LEU A 732 -39.93 -28.45 -0.44
CA LEU A 732 -40.49 -28.83 -1.73
C LEU A 732 -41.40 -30.02 -1.50
N SER A 733 -42.71 -29.80 -1.71
CA SER A 733 -43.71 -30.83 -1.47
C SER A 733 -44.72 -30.80 -2.60
N ASN A 734 -45.20 -31.99 -2.98
CA ASN A 734 -46.03 -32.17 -4.18
C ASN A 734 -45.24 -31.56 -5.34
N GLY A 735 -45.86 -30.77 -6.22
CA GLY A 735 -45.14 -30.03 -7.22
C GLY A 735 -44.90 -28.58 -6.84
N MET A 736 -45.07 -28.21 -5.58
CA MET A 736 -44.96 -26.83 -5.15
C MET A 736 -43.75 -26.67 -4.24
N LEU A 737 -43.23 -25.44 -4.20
CA LEU A 737 -42.07 -25.11 -3.39
C LEU A 737 -42.46 -23.93 -2.51
N ARG A 738 -42.27 -24.08 -1.21
CA ARG A 738 -42.56 -23.06 -0.22
C ARG A 738 -41.25 -22.52 0.31
N PHE A 739 -41.06 -21.21 0.15
CA PHE A 739 -39.88 -20.54 0.67
C PHE A 739 -40.12 -20.14 2.12
N ALA A 740 -39.06 -19.70 2.79
CA ALA A 740 -39.17 -19.36 4.21
C ALA A 740 -39.90 -18.05 4.44
N ASN A 741 -39.61 -17.02 3.64
CA ASN A 741 -40.19 -15.70 3.88
C ASN A 741 -40.83 -15.13 2.62
N THR A 742 -41.26 -13.87 2.70
CA THR A 742 -41.92 -13.22 1.58
C THR A 742 -40.88 -12.67 0.61
N LEU A 743 -41.06 -12.96 -0.67
CA LEU A 743 -40.12 -12.54 -1.71
C LEU A 743 -40.30 -11.05 -1.99
N SER A 744 -39.93 -10.24 -1.00
CA SER A 744 -40.09 -8.80 -1.05
C SER A 744 -38.74 -8.14 -1.28
N ASN A 745 -38.71 -7.15 -2.16
CA ASN A 745 -37.51 -6.40 -2.46
C ASN A 745 -37.02 -5.69 -1.21
N PRO A 746 -35.80 -5.94 -0.76
CA PRO A 746 -35.33 -5.34 0.51
C PRO A 746 -34.96 -3.86 0.41
N PHE A 747 -35.18 -3.22 -0.73
CA PHE A 747 -34.84 -1.81 -0.89
C PHE A 747 -36.07 -0.92 -1.02
N TYR A 748 -37.01 -1.26 -1.89
CA TYR A 748 -38.23 -0.49 -2.03
C TYR A 748 -39.30 -1.39 -2.63
N MET A 749 -40.55 -0.94 -2.51
CA MET A 749 -41.68 -1.71 -3.03
C MET A 749 -41.69 -1.69 -4.55
N ASP A 750 -42.07 -2.82 -5.14
CA ASP A 750 -42.13 -2.93 -6.59
C ASP A 750 -43.41 -3.64 -7.01
N ASP A 751 -43.52 -3.99 -8.29
CA ASP A 751 -44.73 -4.58 -8.85
C ASP A 751 -44.69 -6.09 -8.92
N ARG A 752 -43.62 -6.72 -8.42
CA ARG A 752 -43.52 -8.17 -8.51
C ARG A 752 -44.48 -8.84 -7.52
N ASP A 753 -44.80 -10.09 -7.82
CA ASP A 753 -45.58 -10.91 -6.89
C ASP A 753 -44.69 -11.36 -5.74
N ILE A 754 -45.25 -11.37 -4.54
CA ILE A 754 -44.48 -11.68 -3.34
C ILE A 754 -45.02 -12.95 -2.68
N ASN A 755 -45.58 -13.84 -3.48
CA ASN A 755 -46.11 -15.10 -2.95
C ASN A 755 -44.97 -16.04 -2.62
N PRO A 756 -44.94 -16.63 -1.42
CA PRO A 756 -43.89 -17.60 -1.08
C PRO A 756 -44.17 -19.02 -1.53
N ILE A 757 -45.20 -19.24 -2.33
CA ILE A 757 -45.53 -20.56 -2.87
C ILE A 757 -45.39 -20.49 -4.38
N VAL A 758 -44.56 -21.35 -4.95
CA VAL A 758 -44.32 -21.34 -6.38
C VAL A 758 -44.54 -22.75 -6.92
N LYS A 759 -44.94 -22.84 -8.19
CA LYS A 759 -45.21 -24.12 -8.84
C LYS A 759 -43.98 -24.59 -9.61
N THR A 760 -43.60 -25.85 -9.39
CA THR A 760 -42.42 -26.45 -10.00
C THR A 760 -42.83 -27.44 -11.09
N SER A 761 -41.83 -27.92 -11.82
CA SER A 761 -42.02 -28.94 -12.84
C SER A 761 -41.47 -30.30 -12.41
N LEU A 762 -41.09 -30.44 -11.15
CA LEU A 762 -40.55 -31.69 -10.64
C LEU A 762 -41.64 -32.71 -10.42
N PRO A 763 -41.29 -33.99 -10.32
CA PRO A 763 -42.30 -35.02 -10.04
C PRO A 763 -43.01 -34.77 -8.72
N ILE A 764 -44.27 -35.20 -8.67
CA ILE A 764 -45.12 -34.93 -7.52
C ILE A 764 -44.61 -35.65 -6.29
N ASP A 765 -44.10 -36.88 -6.46
CA ASP A 765 -43.75 -37.71 -5.31
C ASP A 765 -42.56 -37.18 -4.51
N TYR A 766 -41.83 -36.20 -5.03
CA TYR A 766 -40.70 -35.66 -4.31
C TYR A 766 -41.15 -34.94 -3.04
N ARG A 767 -40.31 -34.99 -2.01
CA ARG A 767 -40.60 -34.30 -0.76
C ARG A 767 -39.27 -34.06 -0.05
N PHE A 768 -38.86 -32.80 0.04
CA PHE A 768 -37.53 -32.51 0.58
C PHE A 768 -37.56 -31.21 1.37
N ARG A 769 -36.58 -31.07 2.26
CA ARG A 769 -36.42 -29.90 3.11
C ARG A 769 -35.00 -29.37 2.97
N PHE A 770 -34.86 -28.04 3.02
CA PHE A 770 -33.60 -27.37 2.72
C PHE A 770 -33.23 -26.45 3.88
N ARG A 771 -31.96 -26.54 4.30
CA ARG A 771 -31.42 -25.82 5.44
C ARG A 771 -30.11 -25.16 5.05
N SER A 772 -29.83 -23.98 5.60
CA SER A 772 -28.63 -23.22 5.27
C SER A 772 -27.55 -23.43 6.33
N VAL A 773 -26.30 -23.55 5.88
CA VAL A 773 -25.18 -23.91 6.74
C VAL A 773 -24.04 -22.90 6.68
N TYR A 774 -23.66 -22.44 5.48
CA TYR A 774 -22.49 -21.60 5.35
C TYR A 774 -22.67 -20.61 4.21
N GLY A 775 -21.87 -19.55 4.22
CA GLY A 775 -21.88 -18.58 3.16
C GLY A 775 -20.76 -17.56 3.24
N ASP A 776 -20.27 -17.10 2.09
CA ASP A 776 -19.20 -16.10 2.02
C ASP A 776 -19.50 -15.14 0.89
N THR A 777 -19.78 -13.87 1.25
CA THR A 777 -20.07 -12.81 0.29
C THR A 777 -21.22 -13.18 -0.66
N ASP A 778 -20.89 -13.62 -1.87
CA ASP A 778 -21.92 -13.99 -2.85
C ASP A 778 -22.08 -15.51 -2.96
N SER A 779 -22.37 -16.16 -1.84
CA SER A 779 -22.47 -17.62 -1.88
C SER A 779 -23.32 -18.12 -0.73
N VAL A 780 -24.14 -19.12 -1.00
CA VAL A 780 -24.97 -19.77 0.00
C VAL A 780 -24.84 -21.29 -0.16
N PHE A 781 -24.68 -21.98 0.97
CA PHE A 781 -24.63 -23.43 1.02
C PHE A 781 -25.96 -23.91 1.56
N THR A 782 -26.61 -24.85 0.86
CA THR A 782 -27.91 -25.35 1.25
C THR A 782 -27.83 -26.86 1.39
N GLU A 783 -28.19 -27.37 2.56
CA GLU A 783 -28.15 -28.81 2.82
C GLU A 783 -29.47 -29.45 2.42
N ILE A 784 -29.38 -30.57 1.71
CA ILE A 784 -30.55 -31.34 1.29
C ILE A 784 -30.49 -32.70 1.95
N ASP A 785 -31.63 -33.16 2.46
CA ASP A 785 -31.70 -34.43 3.20
C ASP A 785 -31.82 -35.59 2.21
N SER A 786 -30.73 -35.82 1.49
CA SER A 786 -30.65 -36.91 0.54
C SER A 786 -29.19 -37.26 0.31
N GLN A 787 -28.96 -38.35 -0.41
CA GLN A 787 -27.62 -38.84 -0.67
C GLN A 787 -27.30 -39.00 -2.15
N ASP A 788 -28.29 -39.32 -2.99
CA ASP A 788 -28.03 -39.47 -4.41
C ASP A 788 -27.76 -38.12 -5.06
N VAL A 789 -27.02 -38.15 -6.16
CA VAL A 789 -26.53 -36.90 -6.75
C VAL A 789 -27.36 -36.54 -7.98
N ASP A 790 -27.96 -37.53 -8.63
CA ASP A 790 -28.78 -37.24 -9.81
C ASP A 790 -30.03 -36.45 -9.41
N LYS A 791 -30.76 -36.94 -8.40
CA LYS A 791 -31.91 -36.22 -7.91
C LYS A 791 -31.52 -34.85 -7.38
N SER A 792 -30.39 -34.77 -6.65
CA SER A 792 -29.95 -33.50 -6.11
C SER A 792 -29.67 -32.50 -7.22
N ILE A 793 -29.03 -32.95 -8.31
CA ILE A 793 -28.73 -32.05 -9.42
C ILE A 793 -30.00 -31.57 -10.09
N GLU A 794 -30.98 -32.47 -10.25
CA GLU A 794 -32.26 -32.07 -10.84
C GLU A 794 -32.94 -31.00 -10.00
N ILE A 795 -33.03 -31.23 -8.69
CA ILE A 795 -33.66 -30.24 -7.81
C ILE A 795 -32.89 -28.94 -7.82
N ALA A 796 -31.57 -29.01 -7.89
CA ALA A 796 -30.77 -27.79 -7.90
C ALA A 796 -31.03 -26.97 -9.15
N LYS A 797 -31.12 -27.61 -10.31
CA LYS A 797 -31.41 -26.87 -11.53
C LYS A 797 -32.80 -26.22 -11.48
N GLU A 798 -33.80 -26.98 -11.03
CA GLU A 798 -35.14 -26.41 -10.95
C GLU A 798 -35.19 -25.24 -9.96
N LEU A 799 -34.53 -25.39 -8.82
CA LEU A 799 -34.51 -24.34 -7.81
C LEU A 799 -33.80 -23.09 -8.31
N GLU A 800 -32.71 -23.28 -9.07
CA GLU A 800 -32.04 -22.12 -9.65
C GLU A 800 -32.94 -21.38 -10.62
N ARG A 801 -33.65 -22.12 -11.48
CA ARG A 801 -34.56 -21.46 -12.41
C ARG A 801 -35.65 -20.69 -11.66
N LEU A 802 -36.21 -21.29 -10.62
CA LEU A 802 -37.26 -20.60 -9.85
C LEU A 802 -36.72 -19.36 -9.16
N ILE A 803 -35.53 -19.44 -8.57
CA ILE A 803 -34.94 -18.28 -7.89
C ILE A 803 -34.73 -17.15 -8.88
N ASN A 804 -34.18 -17.47 -10.07
CA ASN A 804 -33.95 -16.43 -11.05
C ASN A 804 -35.25 -15.82 -11.54
N SER A 805 -36.28 -16.63 -11.73
CA SER A 805 -37.53 -16.11 -12.28
C SER A 805 -38.31 -15.29 -11.27
N ARG A 806 -38.39 -15.74 -10.02
CA ARG A 806 -39.32 -15.18 -9.06
C ARG A 806 -38.68 -14.46 -7.88
N VAL A 807 -37.52 -14.91 -7.41
CA VAL A 807 -36.94 -14.32 -6.20
C VAL A 807 -36.16 -13.06 -6.54
N LEU A 808 -35.23 -13.15 -7.48
CA LEU A 808 -34.33 -12.04 -7.77
C LEU A 808 -35.00 -11.06 -8.73
N PHE A 809 -34.27 -10.00 -9.09
CA PHE A 809 -34.83 -8.92 -9.87
C PHE A 809 -33.71 -8.16 -10.57
N ASN A 810 -34.11 -7.37 -11.57
CA ASN A 810 -33.22 -6.46 -12.31
C ASN A 810 -32.08 -7.29 -12.90
N ASN A 811 -30.82 -6.95 -12.64
CA ASN A 811 -29.68 -7.65 -13.24
C ASN A 811 -28.97 -8.57 -12.25
N PHE A 812 -29.72 -9.22 -11.37
CA PHE A 812 -29.16 -10.16 -10.41
C PHE A 812 -29.52 -11.58 -10.83
N LYS A 813 -28.51 -12.43 -10.94
CA LYS A 813 -28.70 -13.85 -11.27
C LYS A 813 -27.79 -14.69 -10.38
N ILE A 814 -28.21 -15.93 -10.14
CA ILE A 814 -27.37 -16.87 -9.41
C ILE A 814 -27.13 -18.09 -10.29
N GLU A 815 -26.15 -18.89 -9.87
CA GLU A 815 -25.72 -20.08 -10.57
C GLU A 815 -25.57 -21.23 -9.59
N PHE A 816 -25.88 -22.43 -10.06
CA PHE A 816 -25.71 -23.66 -9.31
C PHE A 816 -24.30 -24.17 -9.59
N GLU A 817 -23.40 -24.04 -8.63
CA GLU A 817 -21.99 -24.33 -8.87
C GLU A 817 -21.72 -25.82 -8.93
N ALA A 818 -21.97 -26.55 -7.85
CA ALA A 818 -21.67 -27.96 -7.78
C ALA A 818 -22.43 -28.59 -6.63
N VAL A 819 -22.22 -29.90 -6.46
CA VAL A 819 -22.74 -30.66 -5.33
C VAL A 819 -21.56 -31.17 -4.53
N TYR A 820 -21.58 -30.92 -3.23
CA TYR A 820 -20.47 -31.27 -2.34
C TYR A 820 -20.86 -32.47 -1.49
N LYS A 821 -20.01 -33.50 -1.52
CA LYS A 821 -20.18 -34.70 -0.70
C LYS A 821 -19.05 -34.78 0.31
N ASN A 822 -19.37 -35.36 1.46
CA ASN A 822 -18.42 -35.52 2.56
C ASN A 822 -17.79 -34.18 2.93
N LEU A 823 -18.61 -33.15 3.01
CA LEU A 823 -18.13 -31.81 3.32
C LEU A 823 -17.64 -31.74 4.75
N ILE A 824 -16.43 -31.22 4.93
CA ILE A 824 -15.82 -31.05 6.24
C ILE A 824 -15.44 -29.58 6.38
N MET A 825 -16.04 -28.92 7.38
CA MET A 825 -15.70 -27.57 7.79
C MET A 825 -14.74 -27.61 8.97
N GLN A 826 -13.74 -26.74 8.95
CA GLN A 826 -12.91 -26.53 10.12
C GLN A 826 -13.05 -25.15 10.73
N SER A 827 -13.04 -24.12 9.89
CA SER A 827 -13.16 -22.74 10.33
C SER A 827 -14.05 -22.02 9.33
N LYS A 828 -14.02 -20.69 9.38
CA LYS A 828 -14.88 -19.92 8.50
C LYS A 828 -14.39 -19.88 7.05
N LYS A 829 -13.14 -20.29 6.78
CA LYS A 829 -12.66 -20.28 5.41
C LYS A 829 -11.83 -21.51 5.09
N LYS A 830 -12.06 -22.62 5.80
CA LYS A 830 -11.29 -23.84 5.61
C LYS A 830 -12.22 -25.02 5.51
N TYR A 831 -12.25 -25.66 4.34
CA TYR A 831 -13.15 -26.79 4.15
C TYR A 831 -12.64 -27.69 3.04
N THR A 832 -12.92 -28.98 3.19
CA THR A 832 -12.56 -29.98 2.20
C THR A 832 -13.79 -30.80 1.82
N THR A 833 -13.88 -31.19 0.56
CA THR A 833 -15.07 -31.88 0.09
C THR A 833 -14.77 -32.63 -1.22
N MET A 834 -15.77 -33.38 -1.69
CA MET A 834 -15.75 -34.01 -3.00
C MET A 834 -16.78 -33.32 -3.89
N LYS A 835 -16.38 -32.95 -5.09
CA LYS A 835 -17.15 -32.07 -5.96
C LYS A 835 -17.73 -32.86 -7.12
N TYR A 836 -19.02 -32.70 -7.36
CA TYR A 836 -19.70 -33.14 -8.57
C TYR A 836 -20.19 -31.89 -9.29
N SER A 837 -19.73 -31.68 -10.52
CA SER A 837 -20.11 -30.49 -11.24
C SER A 837 -21.58 -30.54 -11.64
N ALA A 838 -22.09 -29.42 -12.15
CA ALA A 838 -23.48 -29.34 -12.55
C ALA A 838 -23.79 -30.30 -13.68
N SER A 839 -22.88 -30.44 -14.63
CA SER A 839 -23.05 -31.38 -15.74
C SER A 839 -22.31 -32.68 -15.41
N SER A 840 -22.87 -33.42 -14.46
CA SER A 840 -22.28 -34.66 -14.00
C SER A 840 -23.37 -35.58 -13.49
N ASN A 841 -23.02 -36.85 -13.33
CA ASN A 841 -23.97 -37.88 -12.89
C ASN A 841 -23.33 -38.73 -11.83
N SER A 842 -24.09 -39.71 -11.32
CA SER A 842 -23.61 -40.54 -10.23
C SER A 842 -22.41 -41.38 -10.64
N LYS A 843 -22.44 -41.94 -11.85
CA LYS A 843 -21.35 -42.77 -12.33
C LYS A 843 -20.26 -41.91 -12.94
N SER A 844 -19.76 -40.93 -12.19
CA SER A 844 -18.69 -40.05 -12.65
C SER A 844 -17.73 -39.82 -11.50
N VAL A 845 -16.46 -39.62 -11.85
CA VAL A 845 -15.44 -39.43 -10.82
C VAL A 845 -15.60 -38.05 -10.19
N PRO A 846 -15.57 -37.95 -8.88
CA PRO A 846 -15.64 -36.64 -8.22
C PRO A 846 -14.30 -35.91 -8.35
N GLU A 847 -14.23 -34.71 -7.78
CA GLU A 847 -12.99 -33.97 -7.72
C GLU A 847 -12.74 -33.52 -6.30
N ARG A 848 -11.56 -33.84 -5.76
CA ARG A 848 -11.26 -33.45 -4.40
C ARG A 848 -10.95 -31.96 -4.34
N ILE A 849 -11.67 -31.24 -3.47
CA ILE A 849 -11.54 -29.79 -3.35
C ILE A 849 -11.09 -29.45 -1.94
N ASN A 850 -10.02 -28.67 -1.84
CA ASN A 850 -9.53 -28.10 -0.59
C ASN A 850 -9.59 -26.59 -0.70
N LYS A 851 -10.04 -25.93 0.38
CA LYS A 851 -10.13 -24.48 0.40
C LYS A 851 -9.60 -23.99 1.74
N GLY A 852 -8.42 -23.38 1.74
CA GLY A 852 -7.84 -22.79 2.92
C GLY A 852 -7.16 -23.74 3.86
N THR A 853 -7.14 -25.04 3.55
CA THR A 853 -6.58 -26.02 4.45
C THR A 853 -5.06 -26.01 4.37
N SER A 854 -4.42 -26.80 5.22
CA SER A 854 -2.97 -26.90 5.20
C SER A 854 -2.52 -27.89 4.14
N GLU A 855 -3.06 -27.76 2.95
CA GLU A 855 -2.59 -28.45 1.76
C GLU A 855 -2.42 -27.54 0.57
N THR A 856 -3.08 -26.38 0.54
CA THR A 856 -2.86 -25.35 -0.46
C THR A 856 -1.95 -24.24 0.04
N ARG A 857 -1.73 -24.15 1.34
CA ARG A 857 -0.85 -23.12 1.89
C ARG A 857 0.58 -23.36 1.41
N ARG A 858 1.25 -22.29 1.02
CA ARG A 858 2.59 -22.37 0.45
C ARG A 858 3.68 -22.26 1.51
N ASP A 859 3.33 -22.21 2.79
CA ASP A 859 4.32 -22.02 3.84
C ASP A 859 4.20 -23.05 4.94
N VAL A 860 3.64 -24.22 4.65
CA VAL A 860 3.41 -25.18 5.73
C VAL A 860 4.52 -26.22 5.77
N SER A 861 4.53 -27.14 4.80
CA SER A 861 5.55 -28.16 4.64
C SER A 861 5.18 -29.09 3.50
N LYS A 862 5.98 -30.11 3.25
CA LYS A 862 5.57 -31.24 2.43
C LYS A 862 5.29 -32.49 3.26
N PHE A 863 6.04 -32.68 4.34
CA PHE A 863 5.78 -33.76 5.30
C PHE A 863 4.42 -33.58 5.97
N HIS A 864 4.12 -32.34 6.36
CA HIS A 864 2.85 -32.01 7.01
C HIS A 864 1.67 -32.40 6.13
N LYS A 865 1.74 -32.12 4.84
CA LYS A 865 0.62 -32.37 3.95
C LYS A 865 0.35 -33.86 3.81
N ASN A 866 1.40 -34.67 3.64
CA ASN A 866 1.21 -36.11 3.52
C ASN A 866 0.62 -36.69 4.81
N MET A 867 1.16 -36.30 5.96
CA MET A 867 0.61 -36.80 7.22
C MET A 867 -0.86 -36.40 7.39
N ILE A 868 -1.20 -35.16 7.09
CA ILE A 868 -2.57 -34.72 7.30
C ILE A 868 -3.51 -35.44 6.34
N LYS A 869 -3.07 -35.70 5.10
CA LYS A 869 -3.92 -36.41 4.16
C LYS A 869 -4.19 -37.84 4.62
N THR A 870 -3.13 -38.55 5.00
CA THR A 870 -3.32 -39.94 5.40
C THR A 870 -4.17 -40.03 6.66
N TYR A 871 -3.99 -39.10 7.60
CA TYR A 871 -4.78 -39.17 8.83
C TYR A 871 -6.22 -38.74 8.63
N LYS A 872 -6.48 -37.77 7.74
CA LYS A 872 -7.86 -37.44 7.42
C LYS A 872 -8.58 -38.62 6.78
N THR A 873 -7.92 -39.30 5.84
CA THR A 873 -8.55 -40.47 5.22
C THR A 873 -8.79 -41.57 6.24
N ARG A 874 -7.80 -41.82 7.11
CA ARG A 874 -7.96 -42.85 8.13
C ARG A 874 -9.11 -42.51 9.08
N LEU A 875 -9.21 -41.24 9.48
CA LEU A 875 -10.29 -40.83 10.37
C LEU A 875 -11.65 -40.99 9.72
N SER A 876 -11.76 -40.61 8.45
CA SER A 876 -13.04 -40.78 7.75
C SER A 876 -13.41 -42.25 7.65
N GLU A 877 -12.43 -43.11 7.33
CA GLU A 877 -12.72 -44.54 7.25
C GLU A 877 -13.13 -45.11 8.61
N MET A 878 -12.43 -44.70 9.67
CA MET A 878 -12.76 -45.20 11.00
C MET A 878 -14.14 -44.75 11.45
N LEU A 879 -14.50 -43.49 11.17
CA LEU A 879 -15.84 -43.02 11.49
C LEU A 879 -16.89 -43.73 10.65
N SER A 880 -16.55 -44.08 9.40
CA SER A 880 -17.48 -44.85 8.58
C SER A 880 -17.73 -46.23 9.20
N GLU A 881 -16.66 -46.94 9.56
CA GLU A 881 -16.81 -48.23 10.24
C GLU A 881 -17.48 -48.03 11.58
N GLY A 882 -16.78 -47.37 12.51
CA GLY A 882 -17.39 -46.92 13.75
C GLY A 882 -17.26 -47.88 14.91
N ARG A 883 -16.36 -47.60 15.84
CA ARG A 883 -16.34 -48.29 17.13
C ARG A 883 -16.59 -47.35 18.29
N MET A 884 -15.72 -46.35 18.47
CA MET A 884 -15.87 -45.25 19.43
C MET A 884 -16.47 -45.73 20.75
N ASN A 885 -15.76 -46.67 21.38
CA ASN A 885 -16.26 -47.28 22.61
C ASN A 885 -16.41 -46.23 23.71
N SER A 886 -15.28 -45.67 24.17
CA SER A 886 -15.31 -44.49 25.02
C SER A 886 -14.62 -43.31 24.37
N ASN A 887 -13.33 -43.45 24.02
CA ASN A 887 -12.61 -42.50 23.19
C ASN A 887 -11.64 -43.24 22.28
N GLN A 888 -12.11 -44.33 21.67
CA GLN A 888 -11.21 -45.23 20.93
C GLN A 888 -10.53 -44.52 19.77
N VAL A 889 -11.26 -43.68 19.05
CA VAL A 889 -10.70 -43.01 17.88
C VAL A 889 -9.55 -42.10 18.29
N CYS A 890 -9.74 -41.32 19.36
CA CYS A 890 -8.71 -40.41 19.81
C CYS A 890 -7.46 -41.15 20.24
N ILE A 891 -7.64 -42.23 21.02
CA ILE A 891 -6.49 -43.00 21.49
C ILE A 891 -5.73 -43.59 20.30
N ASP A 892 -6.47 -44.16 19.34
CA ASP A 892 -5.83 -44.77 18.17
C ASP A 892 -5.05 -43.73 17.37
N ILE A 893 -5.66 -42.58 17.10
CA ILE A 893 -4.99 -41.57 16.28
C ILE A 893 -3.75 -41.04 16.99
N LEU A 894 -3.86 -40.75 18.30
CA LEU A 894 -2.70 -40.24 19.00
C LEU A 894 -1.58 -41.27 19.09
N ARG A 895 -1.92 -42.55 19.30
CA ARG A 895 -0.88 -43.57 19.36
C ARG A 895 -0.20 -43.72 18.01
N SER A 896 -0.97 -43.73 16.93
CA SER A 896 -0.37 -43.85 15.60
C SER A 896 0.52 -42.65 15.28
N LEU A 897 0.08 -41.45 15.65
CA LEU A 897 0.89 -40.26 15.44
C LEU A 897 2.19 -40.34 16.23
N GLU A 898 2.12 -40.77 17.49
CA GLU A 898 3.31 -40.90 18.31
C GLU A 898 4.30 -41.87 17.67
N THR A 899 3.80 -43.03 17.22
CA THR A 899 4.68 -44.02 16.60
C THR A 899 5.33 -43.45 15.34
N ASP A 900 4.53 -42.79 14.50
CA ASP A 900 5.07 -42.27 13.24
C ASP A 900 6.14 -41.22 13.47
N LEU A 901 5.89 -40.26 14.37
CA LEU A 901 6.88 -39.23 14.62
C LEU A 901 8.13 -39.78 15.27
N ARG A 902 7.98 -40.74 16.19
CA ARG A 902 9.17 -41.34 16.79
C ARG A 902 10.00 -42.09 15.75
N SER A 903 9.34 -42.81 14.86
CA SER A 903 10.06 -43.52 13.80
C SER A 903 10.78 -42.53 12.88
N GLU A 904 10.12 -41.43 12.54
CA GLU A 904 10.76 -40.43 11.68
C GLU A 904 11.97 -39.81 12.35
N PHE A 905 11.86 -39.50 13.65
CA PHE A 905 12.99 -38.93 14.37
C PHE A 905 14.15 -39.90 14.43
N ASP A 906 13.88 -41.17 14.70
CA ASP A 906 14.97 -42.14 14.87
C ASP A 906 15.63 -42.48 13.54
N SER A 907 14.82 -42.74 12.50
CA SER A 907 15.37 -43.23 11.24
C SER A 907 16.07 -42.14 10.46
N ARG A 908 15.48 -40.93 10.42
CA ARG A 908 15.98 -39.82 9.61
C ARG A 908 16.11 -40.21 8.14
N SER A 909 15.12 -40.92 7.63
CA SER A 909 15.13 -41.37 6.25
C SER A 909 14.48 -40.39 5.28
N SER A 910 13.67 -39.47 5.78
CA SER A 910 13.04 -38.49 4.92
C SER A 910 14.07 -37.45 4.47
N PRO A 911 14.11 -37.10 3.19
CA PRO A 911 15.11 -36.13 2.73
C PRO A 911 14.77 -34.71 3.13
N LEU A 912 15.65 -33.77 2.76
CA LEU A 912 15.43 -32.36 3.10
C LEU A 912 14.33 -31.72 2.27
N GLU A 913 14.04 -32.26 1.08
CA GLU A 913 13.01 -31.67 0.24
C GLU A 913 11.63 -31.72 0.87
N LEU A 914 11.41 -32.62 1.81
CA LEU A 914 10.13 -32.69 2.50
C LEU A 914 10.04 -31.73 3.67
N PHE A 915 11.09 -30.94 3.92
CA PHE A 915 11.12 -30.03 5.06
C PHE A 915 11.47 -28.61 4.63
N MET A 916 11.05 -28.22 3.43
CA MET A 916 11.42 -26.94 2.84
C MET A 916 10.20 -26.06 2.70
N LEU A 917 10.32 -24.80 3.13
CA LEU A 917 9.25 -23.83 3.05
C LEU A 917 9.68 -22.70 2.12
N SER A 918 8.71 -21.88 1.70
CA SER A 918 8.94 -20.85 0.70
C SER A 918 8.51 -19.49 1.23
N ARG A 919 9.20 -18.45 0.75
CA ARG A 919 8.86 -17.08 1.15
C ARG A 919 9.36 -16.10 0.12
N MET A 920 8.67 -14.98 0.00
CA MET A 920 9.00 -13.95 -0.98
C MET A 920 9.76 -12.82 -0.31
N HIS A 921 10.74 -12.26 -1.04
CA HIS A 921 11.61 -11.22 -0.51
C HIS A 921 11.10 -9.84 -0.88
N HIS A 922 11.18 -8.92 0.08
CA HIS A 922 10.79 -7.52 -0.13
C HIS A 922 11.39 -6.69 0.99
N SER A 923 11.22 -5.37 0.88
CA SER A 923 11.76 -4.43 1.85
C SER A 923 10.68 -3.54 2.45
N ASN A 924 9.45 -4.04 2.50
CA ASN A 924 8.31 -3.27 3.00
C ASN A 924 7.99 -3.73 4.42
N TYR A 925 8.78 -3.23 5.37
CA TYR A 925 8.64 -3.62 6.77
C TYR A 925 8.63 -2.39 7.66
N LYS A 926 7.75 -2.41 8.66
CA LYS A 926 7.84 -1.47 9.76
C LYS A 926 8.96 -1.92 10.69
N SER A 927 9.89 -1.00 10.97
CA SER A 927 11.13 -1.28 11.68
C SER A 927 12.07 -2.08 10.78
N ALA A 928 13.37 -1.76 10.81
CA ALA A 928 14.33 -2.34 9.90
C ALA A 928 15.15 -3.47 10.52
N ASP A 929 14.89 -3.83 11.77
CA ASP A 929 15.57 -4.98 12.36
C ASP A 929 15.18 -6.25 11.61
N ASN A 930 13.91 -6.66 11.73
CA ASN A 930 13.24 -7.60 10.83
C ASN A 930 14.04 -8.83 10.45
N PRO A 931 14.10 -9.85 11.30
CA PRO A 931 14.93 -11.03 11.01
C PRO A 931 14.90 -11.53 9.57
N ASN A 932 13.76 -11.45 8.88
CA ASN A 932 13.68 -12.01 7.53
C ASN A 932 14.60 -11.27 6.57
N MET A 933 14.52 -9.93 6.57
CA MET A 933 15.35 -9.13 5.69
C MET A 933 16.82 -9.28 6.05
N TYR A 934 17.14 -9.39 7.34
CA TYR A 934 18.53 -9.61 7.74
C TYR A 934 19.04 -10.94 7.21
N LEU A 935 18.21 -11.99 7.26
CA LEU A 935 18.62 -13.28 6.74
C LEU A 935 18.92 -13.19 5.24
N VAL A 936 18.03 -12.58 4.48
CA VAL A 936 18.25 -12.50 3.03
C VAL A 936 19.47 -11.64 2.72
N THR A 937 19.66 -10.54 3.45
CA THR A 937 20.81 -9.68 3.23
C THR A 937 22.11 -10.40 3.53
N GLU A 938 22.16 -11.17 4.62
CA GLU A 938 23.37 -11.91 4.94
C GLU A 938 23.67 -12.96 3.87
N TYR A 939 22.63 -13.64 3.38
CA TYR A 939 22.84 -14.58 2.29
C TYR A 939 23.42 -13.88 1.07
N ASN A 940 22.87 -12.72 0.70
CA ASN A 940 23.40 -12.00 -0.46
C ASN A 940 24.83 -11.56 -0.22
N LYS A 941 25.17 -11.22 1.01
CA LYS A 941 26.52 -10.77 1.34
C LYS A 941 27.53 -11.91 1.25
N ASN A 942 27.13 -13.14 1.60
CA ASN A 942 28.08 -14.24 1.68
C ASN A 942 27.98 -15.22 0.51
N ASN A 943 27.23 -14.91 -0.54
CA ASN A 943 27.02 -15.87 -1.62
C ASN A 943 27.06 -15.17 -2.97
N PRO A 944 27.45 -15.90 -4.03
CA PRO A 944 27.51 -15.30 -5.37
C PRO A 944 26.16 -14.94 -5.97
N GLU A 945 25.23 -15.88 -5.99
CA GLU A 945 23.90 -15.62 -6.51
C GLU A 945 23.10 -14.79 -5.52
N THR A 946 22.35 -13.82 -6.04
CA THR A 946 21.62 -12.87 -5.22
C THR A 946 20.12 -13.10 -5.33
N ILE A 947 19.43 -12.94 -4.22
CA ILE A 947 17.97 -12.98 -4.18
C ILE A 947 17.45 -11.55 -4.36
N GLU A 948 16.56 -11.37 -5.32
CA GLU A 948 16.08 -10.05 -5.69
C GLU A 948 14.87 -9.65 -4.85
N LEU A 949 14.23 -8.54 -5.21
CA LEU A 949 13.18 -7.94 -4.40
C LEU A 949 11.78 -8.46 -4.72
N GLY A 950 11.66 -9.43 -5.59
CA GLY A 950 10.36 -10.04 -5.82
C GLY A 950 10.48 -11.54 -5.96
N GLU A 951 11.57 -12.10 -5.45
CA GLU A 951 11.92 -13.49 -5.66
C GLU A 951 11.43 -14.35 -4.50
N ARG A 952 11.10 -15.59 -4.80
CA ARG A 952 10.73 -16.58 -3.82
C ARG A 952 11.90 -17.51 -3.55
N TYR A 953 12.15 -17.80 -2.28
CA TYR A 953 13.26 -18.63 -1.88
C TYR A 953 12.80 -19.69 -0.89
N TYR A 954 13.54 -20.78 -0.86
CA TYR A 954 13.34 -21.88 0.07
C TYR A 954 14.16 -21.68 1.33
N PHE A 955 13.62 -22.13 2.45
CA PHE A 955 14.32 -22.11 3.72
C PHE A 955 13.82 -23.25 4.59
N ALA A 956 14.65 -23.63 5.57
CA ALA A 956 14.31 -24.72 6.48
C ALA A 956 14.85 -24.38 7.86
N TYR A 957 14.61 -25.27 8.81
CA TYR A 957 15.08 -25.12 10.18
C TYR A 957 16.18 -26.15 10.43
N ILE A 958 17.36 -25.68 10.82
CA ILE A 958 18.54 -26.51 10.99
C ILE A 958 19.13 -26.26 12.37
N CYS A 959 19.53 -27.33 13.05
CA CYS A 959 20.11 -27.25 14.37
C CYS A 959 21.30 -28.17 14.48
N PRO A 960 22.20 -27.93 15.43
CA PRO A 960 23.37 -28.82 15.59
C PRO A 960 22.95 -30.26 15.86
N ALA A 961 23.74 -31.19 15.33
CA ALA A 961 23.38 -32.60 15.34
C ALA A 961 23.52 -33.25 16.72
N ASN A 962 24.17 -32.59 17.67
CA ASN A 962 24.40 -33.18 18.97
C ASN A 962 23.29 -32.90 19.98
N VAL A 963 22.34 -32.04 19.63
CA VAL A 963 21.29 -31.65 20.58
C VAL A 963 20.31 -32.80 20.75
N PRO A 964 19.75 -32.99 21.93
CA PRO A 964 18.69 -33.99 22.10
C PRO A 964 17.33 -33.40 21.77
N TRP A 965 16.26 -34.16 22.03
CA TRP A 965 14.92 -33.63 21.87
C TRP A 965 14.72 -32.41 22.76
N THR A 966 14.15 -31.36 22.19
CA THR A 966 13.94 -30.10 22.89
C THR A 966 12.47 -29.97 23.28
N LYS A 967 12.21 -29.65 24.54
CA LYS A 967 10.85 -29.47 25.02
C LYS A 967 10.37 -28.04 24.82
N LYS A 968 11.06 -27.07 25.44
CA LYS A 968 10.67 -25.67 25.34
C LYS A 968 11.40 -25.03 24.18
N LEU A 969 10.65 -24.58 23.18
CA LEU A 969 11.22 -23.93 22.00
C LEU A 969 11.28 -22.44 22.26
N VAL A 970 12.48 -21.89 22.37
CA VAL A 970 12.64 -20.51 22.81
C VAL A 970 12.81 -19.55 21.64
N ASN A 971 13.77 -19.80 20.75
CA ASN A 971 14.04 -18.92 19.63
C ASN A 971 14.02 -19.74 18.35
N ILE A 972 13.01 -19.53 17.52
CA ILE A 972 12.79 -20.33 16.34
C ILE A 972 13.34 -19.65 15.09
N LYS A 973 13.23 -18.33 15.01
CA LYS A 973 13.69 -17.61 13.83
C LYS A 973 15.20 -17.54 13.71
N THR A 974 15.93 -17.92 14.76
CA THR A 974 17.38 -17.97 14.69
C THR A 974 17.90 -19.23 14.01
N TYR A 975 17.04 -20.21 13.77
CA TYR A 975 17.44 -21.47 13.16
C TYR A 975 17.09 -21.54 11.68
N GLU A 976 16.59 -20.46 11.09
CA GLU A 976 16.22 -20.45 9.69
C GLU A 976 17.45 -20.38 8.81
N THR A 977 17.54 -21.29 7.83
CA THR A 977 18.63 -21.32 6.88
C THR A 977 18.07 -21.38 5.46
N ILE A 978 18.71 -20.66 4.55
CA ILE A 978 18.28 -20.61 3.16
C ILE A 978 18.88 -21.79 2.41
N ILE A 979 18.04 -22.50 1.67
CA ILE A 979 18.44 -23.72 0.96
C ILE A 979 18.50 -23.37 -0.52
N ASP A 980 19.70 -23.41 -1.09
CA ASP A 980 19.88 -23.15 -2.51
C ASP A 980 20.05 -24.48 -3.25
N ARG A 981 20.30 -24.37 -4.57
CA ARG A 981 20.34 -25.56 -5.41
C ARG A 981 21.57 -26.42 -5.16
N SER A 982 22.57 -25.90 -4.47
CA SER A 982 23.80 -26.62 -4.18
C SER A 982 24.03 -26.75 -2.67
N PHE A 983 22.97 -27.08 -1.93
CA PHE A 983 23.05 -27.21 -0.49
C PHE A 983 23.09 -28.67 -0.10
N LYS A 984 24.10 -29.05 0.66
CA LYS A 984 24.21 -30.38 1.23
C LYS A 984 24.29 -30.26 2.75
N LEU A 985 23.42 -30.97 3.45
CA LEU A 985 23.38 -30.88 4.90
C LEU A 985 24.68 -31.40 5.49
N GLY A 986 25.21 -30.66 6.46
CA GLY A 986 26.48 -31.02 7.04
C GLY A 986 26.38 -32.23 7.93
N SER A 987 27.55 -32.82 8.22
CA SER A 987 27.61 -33.96 9.12
C SER A 987 27.36 -33.57 10.58
N ASN A 988 27.37 -32.28 10.89
CA ASN A 988 27.08 -31.77 12.22
C ASN A 988 25.81 -30.94 12.26
N GLN A 989 24.87 -31.21 11.34
CA GLN A 989 23.62 -30.48 11.25
C GLN A 989 22.47 -31.46 11.08
N ARG A 990 21.28 -31.05 11.53
CA ARG A 990 20.09 -31.88 11.40
C ARG A 990 18.87 -30.99 11.28
N ILE A 991 17.84 -31.54 10.65
CA ILE A 991 16.57 -30.82 10.52
C ILE A 991 15.93 -30.71 11.89
N PHE A 992 15.43 -29.53 12.20
CA PHE A 992 14.86 -29.24 13.52
C PHE A 992 13.41 -29.71 13.49
N TYR A 993 13.20 -30.98 13.82
CA TYR A 993 11.90 -31.62 13.62
C TYR A 993 10.83 -31.09 14.56
N GLU A 994 11.22 -30.45 15.66
CA GLU A 994 10.26 -30.12 16.70
C GLU A 994 9.21 -29.12 16.22
N VAL A 995 9.61 -28.13 15.42
CA VAL A 995 8.65 -27.14 14.94
C VAL A 995 7.59 -27.81 14.07
N TYR A 996 8.04 -28.63 13.12
CA TYR A 996 7.11 -29.30 12.23
C TYR A 996 6.18 -30.23 13.01
N PHE A 997 6.73 -30.98 13.96
CA PHE A 997 5.93 -31.89 14.75
C PHE A 997 4.90 -31.14 15.58
N LYS A 998 5.30 -29.99 16.14
CA LYS A 998 4.37 -29.20 16.94
C LYS A 998 3.20 -28.72 16.09
N ARG A 999 3.48 -28.19 14.91
CA ARG A 999 2.40 -27.71 14.05
C ARG A 999 1.49 -28.85 13.63
N LEU A 1000 2.08 -29.99 13.24
CA LEU A 1000 1.29 -31.12 12.78
C LEU A 1000 0.40 -31.66 13.90
N THR A 1001 0.94 -31.79 15.11
CA THR A 1001 0.14 -32.33 16.20
C THR A 1001 -0.93 -31.36 16.65
N SER A 1002 -0.67 -30.05 16.58
CA SER A 1002 -1.72 -29.09 16.88
C SER A 1002 -2.87 -29.23 15.89
N GLU A 1003 -2.55 -29.38 14.60
CA GLU A 1003 -3.60 -29.51 13.60
C GLU A 1003 -4.37 -30.82 13.78
N ILE A 1004 -3.69 -31.91 14.13
CA ILE A 1004 -4.39 -33.16 14.42
C ILE A 1004 -5.32 -33.00 15.61
N VAL A 1005 -4.85 -32.39 16.69
CA VAL A 1005 -5.65 -32.26 17.90
C VAL A 1005 -6.89 -31.41 17.63
N ASN A 1006 -6.76 -30.37 16.81
CA ASN A 1006 -7.89 -29.49 16.56
C ASN A 1006 -9.03 -30.20 15.82
N LEU A 1007 -8.78 -31.39 15.25
CA LEU A 1007 -9.83 -32.09 14.54
C LEU A 1007 -10.65 -33.01 15.44
N LEU A 1008 -10.02 -33.61 16.45
CA LEU A 1008 -10.70 -34.57 17.29
C LEU A 1008 -11.62 -33.87 18.29
N ASP A 1009 -12.28 -34.66 19.13
CA ASP A 1009 -13.28 -34.16 20.06
C ASP A 1009 -12.88 -34.25 21.53
N ASN A 1010 -12.05 -35.23 21.90
CA ASN A 1010 -11.59 -35.32 23.28
C ASN A 1010 -10.59 -34.23 23.59
N LYS A 1011 -10.50 -33.85 24.86
CA LYS A 1011 -9.61 -32.80 25.30
C LYS A 1011 -8.57 -33.24 26.31
N VAL A 1012 -8.95 -34.07 27.29
CA VAL A 1012 -8.05 -34.37 28.40
C VAL A 1012 -6.83 -35.15 27.91
N LEU A 1013 -7.05 -36.21 27.15
CA LEU A 1013 -5.93 -37.02 26.67
C LEU A 1013 -5.06 -36.24 25.70
N CYS A 1014 -5.68 -35.43 24.84
CA CYS A 1014 -4.92 -34.61 23.90
C CYS A 1014 -4.03 -33.62 24.64
N ILE A 1015 -4.57 -32.95 25.66
CA ILE A 1015 -3.78 -31.99 26.42
C ILE A 1015 -2.65 -32.71 27.17
N SER A 1016 -2.95 -33.88 27.73
CA SER A 1016 -1.91 -34.64 28.43
C SER A 1016 -0.78 -35.02 27.49
N PHE A 1017 -1.12 -35.50 26.28
CA PHE A 1017 -0.11 -35.88 25.31
C PHE A 1017 0.73 -34.68 24.88
N PHE A 1018 0.07 -33.55 24.60
CA PHE A 1018 0.78 -32.36 24.17
C PHE A 1018 1.73 -31.86 25.25
N GLN A 1019 1.28 -31.85 26.51
CA GLN A 1019 2.13 -31.41 27.60
C GLN A 1019 3.28 -32.38 27.83
N ARG A 1020 3.03 -33.68 27.68
CA ARG A 1020 4.09 -34.66 27.85
C ARG A 1020 5.17 -34.48 26.79
N MET A 1021 4.78 -34.21 25.54
CA MET A 1021 5.78 -34.17 24.48
C MET A 1021 6.45 -32.81 24.34
N PHE A 1022 5.69 -31.72 24.28
CA PHE A 1022 6.27 -30.40 24.01
C PHE A 1022 6.22 -29.45 25.18
N GLY A 1023 5.55 -29.80 26.28
CA GLY A 1023 5.50 -28.93 27.44
C GLY A 1023 4.79 -27.61 27.19
N SER A 1024 3.67 -27.64 26.48
CA SER A 1024 2.90 -26.43 26.19
C SER A 1024 1.42 -26.77 26.23
N ARG A 1025 0.61 -25.72 26.17
CA ARG A 1025 -0.84 -25.88 26.19
C ARG A 1025 -1.39 -25.72 24.78
N PRO A 1026 -2.05 -26.74 24.23
CA PRO A 1026 -2.60 -26.61 22.89
C PRO A 1026 -3.64 -25.51 22.82
N THR A 1027 -3.73 -24.87 21.66
CA THR A 1027 -4.79 -23.93 21.37
C THR A 1027 -5.94 -24.65 20.67
N PHE A 1028 -7.16 -24.24 20.97
CA PHE A 1028 -8.35 -24.86 20.41
C PHE A 1028 -9.21 -23.81 19.73
N TYR A 1029 -10.00 -24.27 18.75
CA TYR A 1029 -10.90 -23.38 18.02
C TYR A 1029 -11.99 -22.84 18.94
N MET B 1 45.90 4.54 10.90
CA MET B 1 46.38 4.22 9.55
C MET B 1 46.93 2.80 9.48
N ASN B 2 46.25 1.97 8.68
CA ASN B 2 46.67 0.60 8.44
C ASN B 2 46.89 0.40 6.95
N SER B 3 47.55 -0.69 6.60
CA SER B 3 47.87 -0.97 5.21
C SER B 3 47.54 -2.42 4.87
N VAL B 4 47.13 -2.63 3.62
CA VAL B 4 46.88 -3.97 3.10
C VAL B 4 47.51 -4.07 1.73
N THR B 5 47.88 -5.29 1.35
CA THR B 5 48.55 -5.57 0.09
C THR B 5 47.63 -6.36 -0.84
N ILE B 6 47.62 -5.96 -2.11
CA ILE B 6 46.80 -6.61 -3.12
C ILE B 6 47.71 -7.09 -4.25
N SER B 7 47.14 -7.94 -5.12
CA SER B 7 47.94 -8.59 -6.14
C SER B 7 48.41 -7.61 -7.22
N HIS B 8 47.50 -6.79 -7.72
CA HIS B 8 47.78 -5.90 -8.83
C HIS B 8 47.99 -4.47 -8.35
N ALA B 9 48.16 -3.55 -9.30
CA ALA B 9 48.39 -2.15 -8.97
C ALA B 9 47.17 -1.56 -8.29
N PRO B 10 47.37 -0.62 -7.35
CA PRO B 10 48.61 0.03 -6.89
C PRO B 10 49.38 -0.76 -5.84
N TYR B 11 48.99 -2.02 -5.64
CA TYR B 11 49.70 -2.99 -4.82
C TYR B 11 49.57 -2.73 -3.32
N THR B 12 49.05 -1.55 -2.95
CA THR B 12 48.93 -1.17 -1.55
C THR B 12 47.69 -0.31 -1.37
N ILE B 13 46.93 -0.58 -0.30
CA ILE B 13 45.82 0.27 0.10
C ILE B 13 46.04 0.67 1.55
N THR B 14 46.13 1.99 1.79
CA THR B 14 46.27 2.53 3.13
C THR B 14 44.95 3.13 3.56
N TYR B 15 44.45 2.71 4.72
CA TYR B 15 43.09 3.03 5.14
C TYR B 15 43.04 3.42 6.60
N HIS B 16 42.10 4.31 6.92
CA HIS B 16 41.78 4.69 8.28
C HIS B 16 40.99 3.57 8.97
N ASP B 17 41.02 3.59 10.30
CA ASP B 17 40.39 2.53 11.07
C ASP B 17 38.89 2.44 10.82
N ASP B 18 38.26 3.57 10.49
CA ASP B 18 36.81 3.58 10.28
C ASP B 18 36.39 2.71 9.11
N TRP B 19 37.31 2.41 8.18
CA TRP B 19 37.04 1.54 7.06
C TRP B 19 37.52 0.12 7.29
N GLU B 20 37.74 -0.25 8.55
CA GLU B 20 38.24 -1.60 8.84
C GLU B 20 37.31 -2.72 8.38
N PRO B 21 36.00 -2.70 8.65
CA PRO B 21 35.18 -3.90 8.40
C PRO B 21 34.76 -4.08 6.95
N VAL B 22 35.41 -3.39 6.02
CA VAL B 22 35.08 -3.54 4.61
C VAL B 22 36.31 -3.99 3.83
N MET B 23 37.50 -3.60 4.30
CA MET B 23 38.71 -3.70 3.51
C MET B 23 38.92 -5.11 2.98
N SER B 24 38.84 -6.10 3.87
CA SER B 24 39.07 -7.49 3.46
C SER B 24 38.21 -7.85 2.28
N GLN B 25 36.90 -7.62 2.38
CA GLN B 25 36.01 -7.96 1.29
C GLN B 25 36.39 -7.21 0.03
N LEU B 26 36.73 -5.92 0.17
CA LEU B 26 37.17 -5.13 -0.96
C LEU B 26 38.29 -5.83 -1.72
N VAL B 27 39.28 -6.35 -0.98
CA VAL B 27 40.41 -7.01 -1.63
C VAL B 27 39.91 -8.17 -2.47
N GLU B 28 39.02 -9.00 -1.90
CA GLU B 28 38.52 -10.15 -2.62
C GLU B 28 37.70 -9.73 -3.84
N PHE B 29 37.12 -8.53 -3.82
CA PHE B 29 36.38 -8.02 -4.96
C PHE B 29 37.25 -7.26 -5.94
N TYR B 30 38.50 -6.95 -5.58
CA TYR B 30 39.38 -6.19 -6.46
C TYR B 30 40.36 -7.06 -7.22
N ASN B 31 40.66 -8.25 -6.70
CA ASN B 31 41.61 -9.14 -7.37
C ASN B 31 41.00 -9.81 -8.59
N GLU B 32 39.70 -9.70 -8.80
CA GLU B 32 39.03 -10.35 -9.92
C GLU B 32 38.65 -9.40 -11.03
N VAL B 33 38.80 -8.09 -10.84
CA VAL B 33 38.49 -7.10 -11.86
C VAL B 33 39.65 -6.18 -12.17
N ALA B 34 40.81 -6.36 -11.54
CA ALA B 34 41.92 -5.45 -11.73
C ALA B 34 42.60 -5.66 -13.09
N SER B 35 42.74 -6.92 -13.51
CA SER B 35 43.47 -7.21 -14.74
C SER B 35 42.78 -6.58 -15.95
N TRP B 36 41.46 -6.67 -16.02
CA TRP B 36 40.74 -6.07 -17.14
C TRP B 36 40.72 -4.55 -17.02
N LEU B 37 40.58 -4.03 -15.81
CA LEU B 37 40.49 -2.59 -15.61
C LEU B 37 41.79 -1.90 -16.01
N LEU B 38 42.93 -2.50 -15.69
CA LEU B 38 44.22 -1.88 -15.93
C LEU B 38 44.74 -2.08 -17.35
N ARG B 39 43.91 -2.57 -18.26
CA ARG B 39 44.29 -2.64 -19.67
C ARG B 39 44.13 -1.30 -20.38
N ASP B 40 43.49 -0.32 -19.75
CA ASP B 40 43.19 0.96 -20.36
C ASP B 40 43.71 2.09 -19.50
N GLU B 41 44.07 3.19 -20.14
CA GLU B 41 44.43 4.40 -19.41
C GLU B 41 43.19 5.00 -18.76
N THR B 42 43.32 5.33 -17.47
CA THR B 42 42.17 5.72 -16.67
C THR B 42 42.42 7.06 -15.99
N SER B 43 41.33 7.79 -15.77
CA SER B 43 41.33 8.99 -14.94
C SER B 43 40.56 8.69 -13.67
N PRO B 44 41.20 8.73 -12.49
CA PRO B 44 42.59 9.12 -12.31
C PRO B 44 43.59 7.99 -12.49
N ILE B 45 44.85 8.29 -12.18
CA ILE B 45 45.93 7.31 -12.21
C ILE B 45 45.61 6.25 -11.17
N PRO B 46 45.98 4.99 -11.39
CA PRO B 46 45.69 3.94 -10.40
C PRO B 46 46.10 4.29 -8.99
N ASP B 47 47.19 5.03 -8.80
CA ASP B 47 47.68 5.31 -7.46
C ASP B 47 46.71 6.16 -6.65
N LYS B 48 45.77 6.85 -7.30
CA LYS B 48 44.85 7.75 -6.63
C LYS B 48 43.42 7.19 -6.61
N PHE B 49 43.29 5.86 -6.63
CA PHE B 49 41.97 5.25 -6.61
C PHE B 49 41.33 5.34 -5.23
N PHE B 50 42.13 5.09 -4.19
CA PHE B 50 41.63 4.91 -2.83
C PHE B 50 42.20 5.94 -1.87
N ILE B 51 42.23 7.21 -2.27
CA ILE B 51 42.75 8.24 -1.37
C ILE B 51 41.65 8.89 -0.54
N GLN B 52 40.40 8.55 -0.78
CA GLN B 52 39.31 8.95 0.10
C GLN B 52 39.08 7.97 1.24
N LEU B 53 39.81 6.87 1.27
CA LEU B 53 39.74 5.93 2.39
C LEU B 53 40.60 6.35 3.56
N LYS B 54 41.38 7.42 3.41
CA LYS B 54 42.18 7.95 4.49
C LYS B 54 41.38 8.82 5.44
N GLN B 55 40.28 9.41 4.97
CA GLN B 55 39.45 10.31 5.76
C GLN B 55 38.65 9.54 6.79
N PRO B 56 38.49 10.09 7.99
CA PRO B 56 37.66 9.44 9.01
C PRO B 56 36.17 9.56 8.69
N LEU B 57 35.40 8.64 9.26
CA LEU B 57 33.96 8.61 9.06
C LEU B 57 33.14 8.86 10.32
N ARG B 58 33.78 8.96 11.48
CA ARG B 58 33.04 9.12 12.72
C ARG B 58 32.62 10.55 13.01
N ASN B 59 33.04 11.51 12.19
CA ASN B 59 32.70 12.91 12.40
C ASN B 59 32.06 13.55 11.17
N LYS B 60 31.42 12.75 10.32
CA LYS B 60 30.80 13.24 9.09
C LYS B 60 29.29 13.24 9.22
N ARG B 61 28.65 14.18 8.52
CA ARG B 61 27.20 14.34 8.61
C ARG B 61 26.53 14.30 7.24
N VAL B 62 27.20 14.79 6.20
CA VAL B 62 26.62 14.92 4.87
C VAL B 62 27.57 14.35 3.83
N CYS B 63 27.02 13.63 2.85
CA CYS B 63 27.78 13.08 1.73
C CYS B 63 27.25 13.64 0.43
N VAL B 64 28.15 14.17 -0.40
CA VAL B 64 27.83 14.68 -1.73
C VAL B 64 28.42 13.71 -2.75
N CYS B 65 27.58 13.12 -3.58
CA CYS B 65 27.96 11.95 -4.37
C CYS B 65 27.76 12.21 -5.85
N GLY B 66 28.80 11.94 -6.64
CA GLY B 66 28.70 11.89 -8.09
C GLY B 66 28.58 10.47 -8.58
N ILE B 67 28.75 10.31 -9.89
CA ILE B 67 28.64 9.00 -10.52
C ILE B 67 29.96 8.50 -11.08
N ASP B 68 30.83 9.40 -11.53
CA ASP B 68 32.15 8.94 -12.02
C ASP B 68 33.09 10.14 -12.03
N PRO B 69 34.42 9.93 -12.00
CA PRO B 69 35.36 11.05 -11.97
C PRO B 69 35.25 11.93 -13.20
N TYR B 70 36.04 13.00 -13.23
CA TYR B 70 36.10 13.83 -14.42
C TYR B 70 36.64 13.01 -15.58
N PRO B 71 36.08 13.15 -16.78
CA PRO B 71 36.60 12.40 -17.93
C PRO B 71 38.08 12.64 -18.20
N LYS B 72 38.57 13.85 -17.93
CA LYS B 72 39.99 14.14 -18.07
C LYS B 72 40.47 14.88 -16.83
N ASP B 73 41.72 14.60 -16.45
CA ASP B 73 42.40 15.27 -15.34
C ASP B 73 41.64 15.10 -14.02
N GLY B 74 41.56 13.85 -13.58
CA GLY B 74 41.00 13.54 -12.27
C GLY B 74 42.10 13.50 -11.22
N THR B 75 41.78 14.00 -10.03
CA THR B 75 42.77 14.14 -8.97
C THR B 75 42.63 13.10 -7.87
N GLY B 76 41.57 12.31 -7.87
CA GLY B 76 41.42 11.27 -6.87
C GLY B 76 40.42 11.63 -5.78
N VAL B 77 40.47 12.87 -5.32
CA VAL B 77 39.44 13.38 -4.41
C VAL B 77 38.34 13.99 -5.27
N PRO B 78 37.08 13.64 -5.03
CA PRO B 78 36.01 14.07 -5.93
C PRO B 78 35.83 15.57 -5.94
N PHE B 79 35.47 16.08 -7.12
CA PHE B 79 35.03 17.47 -7.28
C PHE B 79 36.12 18.46 -6.89
N GLU B 80 37.33 18.26 -7.39
CA GLU B 80 38.40 19.22 -7.20
C GLU B 80 39.05 19.57 -8.54
N SER B 81 39.16 20.87 -8.81
CA SER B 81 39.94 21.38 -9.93
C SER B 81 40.97 22.34 -9.39
N PRO B 82 42.23 21.91 -9.24
CA PRO B 82 43.25 22.80 -8.64
C PRO B 82 43.45 24.11 -9.40
N ASN B 83 43.31 24.11 -10.71
CA ASN B 83 43.42 25.33 -11.50
C ASN B 83 42.08 26.02 -11.72
N PHE B 84 41.00 25.49 -11.17
CA PHE B 84 39.66 26.06 -11.26
C PHE B 84 39.23 26.23 -12.72
N THR B 85 39.17 25.10 -13.41
CA THR B 85 38.79 25.06 -14.82
C THR B 85 37.53 24.25 -15.07
N LYS B 86 37.33 23.16 -14.32
CA LYS B 86 36.19 22.28 -14.56
C LYS B 86 34.88 23.02 -14.32
N LYS B 87 33.87 22.68 -15.12
CA LYS B 87 32.61 23.43 -15.08
C LYS B 87 31.82 23.16 -13.81
N SER B 88 31.80 21.91 -13.36
CA SER B 88 30.95 21.54 -12.23
C SER B 88 31.38 22.26 -10.96
N ILE B 89 32.69 22.31 -10.70
CA ILE B 89 33.17 22.97 -9.51
C ILE B 89 32.91 24.48 -9.59
N LYS B 90 33.05 25.05 -10.79
CA LYS B 90 32.75 26.47 -10.97
C LYS B 90 31.30 26.77 -10.66
N GLU B 91 30.38 25.94 -11.15
CA GLU B 91 28.97 26.20 -10.94
C GLU B 91 28.56 25.98 -9.49
N ILE B 92 29.10 24.95 -8.84
CA ILE B 92 28.78 24.74 -7.44
C ILE B 92 29.31 25.89 -6.59
N ALA B 93 30.50 26.41 -6.95
CA ALA B 93 31.04 27.57 -6.25
C ALA B 93 30.17 28.79 -6.46
N SER B 94 29.67 28.98 -7.69
CA SER B 94 28.82 30.12 -7.96
C SER B 94 27.53 30.07 -7.14
N SER B 95 26.88 28.91 -7.11
CA SER B 95 25.65 28.79 -6.34
C SER B 95 25.90 28.99 -4.85
N ILE B 96 26.99 28.42 -4.32
CA ILE B 96 27.20 28.52 -2.89
C ILE B 96 27.62 29.93 -2.50
N SER B 97 28.36 30.63 -3.38
CA SER B 97 28.70 32.02 -3.12
C SER B 97 27.47 32.91 -3.17
N ARG B 98 26.55 32.63 -4.12
CA ARG B 98 25.30 33.37 -4.15
C ARG B 98 24.51 33.16 -2.86
N LEU B 99 24.49 31.94 -2.34
CA LEU B 99 23.81 31.69 -1.07
C LEU B 99 24.48 32.42 0.08
N THR B 100 25.81 32.35 0.18
CA THR B 100 26.51 32.89 1.33
C THR B 100 26.93 34.34 1.18
N GLY B 101 26.96 34.88 -0.03
CA GLY B 101 27.21 36.29 -0.26
C GLY B 101 28.63 36.65 -0.61
N VAL B 102 29.59 35.73 -0.48
CA VAL B 102 30.98 36.04 -0.80
C VAL B 102 31.13 36.23 -2.30
N ILE B 103 31.84 37.29 -2.70
CA ILE B 103 31.93 37.68 -4.09
C ILE B 103 33.33 37.48 -4.65
N ASP B 104 34.36 37.67 -3.84
CA ASP B 104 35.75 37.57 -4.30
C ASP B 104 36.27 36.19 -3.95
N TYR B 105 36.35 35.31 -4.95
CA TYR B 105 36.84 33.96 -4.74
C TYR B 105 37.56 33.47 -5.98
N LYS B 106 38.52 32.58 -5.78
CA LYS B 106 39.32 32.03 -6.87
C LYS B 106 39.32 30.51 -6.91
N GLY B 107 38.59 29.84 -6.03
CA GLY B 107 38.52 28.40 -6.05
C GLY B 107 37.67 27.90 -4.90
N TYR B 108 37.22 26.65 -5.03
CA TYR B 108 36.34 26.06 -4.04
C TYR B 108 36.57 24.56 -3.98
N ASN B 109 36.78 24.04 -2.78
CA ASN B 109 37.04 22.62 -2.55
C ASN B 109 36.07 22.10 -1.50
N LEU B 110 35.46 20.96 -1.77
CA LEU B 110 34.51 20.36 -0.84
C LEU B 110 35.16 19.48 0.22
N ASN B 111 36.47 19.29 0.17
CA ASN B 111 37.16 18.40 1.09
C ASN B 111 37.74 19.17 2.28
N ILE B 112 37.51 20.48 2.34
CA ILE B 112 38.02 21.30 3.43
C ILE B 112 36.91 21.54 4.45
N ILE B 113 35.66 21.52 3.98
CA ILE B 113 34.53 21.75 4.87
C ILE B 113 34.47 20.65 5.93
N ASP B 114 34.03 21.01 7.13
CA ASP B 114 33.96 20.06 8.23
C ASP B 114 32.58 19.41 8.25
N GLY B 115 32.56 18.08 8.38
CA GLY B 115 31.33 17.33 8.36
C GLY B 115 30.80 16.96 7.00
N VAL B 116 31.55 17.25 5.93
CA VAL B 116 31.14 16.95 4.56
C VAL B 116 32.15 16.01 3.95
N ILE B 117 31.67 14.93 3.34
CA ILE B 117 32.53 13.98 2.64
C ILE B 117 32.07 13.93 1.18
N PRO B 118 32.94 14.23 0.22
CA PRO B 118 32.59 14.06 -1.19
C PRO B 118 32.98 12.68 -1.69
N TRP B 119 32.11 12.11 -2.52
CA TRP B 119 32.27 10.72 -2.93
C TRP B 119 31.92 10.57 -4.40
N ASN B 120 32.61 9.63 -5.05
CA ASN B 120 32.29 9.19 -6.40
C ASN B 120 31.80 7.75 -6.34
N TYR B 121 30.68 7.47 -7.01
CA TYR B 121 30.14 6.12 -6.99
C TYR B 121 31.07 5.15 -7.70
N TYR B 122 31.47 5.48 -8.92
CA TYR B 122 32.47 4.71 -9.64
C TYR B 122 33.82 5.40 -9.48
N LEU B 123 34.82 4.65 -9.09
CA LEU B 123 36.10 5.20 -8.68
C LEU B 123 37.08 5.35 -9.84
N SER B 124 36.69 5.02 -11.06
CA SER B 124 37.58 5.12 -12.20
C SER B 124 36.78 5.34 -13.47
N CYS B 125 37.47 5.80 -14.51
CA CYS B 125 36.82 6.21 -15.74
C CYS B 125 37.87 6.28 -16.85
N LYS B 126 37.51 5.77 -18.02
CA LYS B 126 38.37 5.92 -19.19
C LYS B 126 38.41 7.37 -19.64
N LEU B 127 39.53 7.74 -20.26
CA LEU B 127 39.69 9.12 -20.73
C LEU B 127 38.72 9.43 -21.85
N GLY B 128 37.67 10.18 -21.55
CA GLY B 128 36.71 10.58 -22.55
C GLY B 128 35.46 9.73 -22.63
N GLU B 129 35.29 8.76 -21.74
CA GLU B 129 34.13 7.87 -21.76
C GLU B 129 33.54 7.79 -20.37
N THR B 130 32.50 8.58 -20.12
CA THR B 130 31.78 8.53 -18.85
C THR B 130 31.05 7.21 -18.69
N LYS B 131 31.08 6.68 -17.47
CA LYS B 131 30.42 5.43 -17.12
C LYS B 131 30.90 4.27 -17.99
N SER B 132 32.21 4.18 -18.15
CA SER B 132 32.83 3.12 -18.93
C SER B 132 33.42 2.01 -18.08
N HIS B 133 33.33 2.10 -16.76
CA HIS B 133 33.87 1.09 -15.85
C HIS B 133 32.84 0.67 -14.81
N ALA B 134 31.56 0.67 -15.18
CA ALA B 134 30.52 0.35 -14.21
C ALA B 134 30.57 -1.11 -13.79
N ILE B 135 30.76 -2.02 -14.75
CA ILE B 135 30.69 -3.44 -14.45
C ILE B 135 31.84 -3.85 -13.54
N TYR B 136 33.01 -3.22 -13.72
CA TYR B 136 34.14 -3.53 -12.85
C TYR B 136 33.87 -3.12 -11.41
N TRP B 137 33.21 -1.98 -11.22
CA TRP B 137 33.13 -1.38 -9.90
C TRP B 137 31.87 -1.72 -9.12
N ASP B 138 30.83 -2.25 -9.77
CA ASP B 138 29.51 -2.42 -9.16
C ASP B 138 29.53 -2.85 -7.69
N LYS B 139 30.15 -4.00 -7.41
CA LYS B 139 30.13 -4.54 -6.05
C LYS B 139 30.85 -3.62 -5.07
N ILE B 140 32.03 -3.13 -5.47
CA ILE B 140 32.82 -2.25 -4.61
C ILE B 140 32.06 -0.98 -4.30
N SER B 141 31.43 -0.39 -5.33
CA SER B 141 30.66 0.83 -5.15
C SER B 141 29.52 0.63 -4.18
N LYS B 142 28.76 -0.45 -4.37
CA LYS B 142 27.64 -0.73 -3.47
C LYS B 142 28.13 -0.89 -2.04
N LEU B 143 29.20 -1.65 -1.85
CA LEU B 143 29.70 -1.93 -0.51
C LEU B 143 30.19 -0.66 0.19
N LEU B 144 30.99 0.14 -0.51
CA LEU B 144 31.54 1.34 0.10
C LEU B 144 30.47 2.38 0.38
N LEU B 145 29.50 2.55 -0.53
CA LEU B 145 28.42 3.49 -0.27
C LEU B 145 27.58 3.06 0.92
N GLN B 146 27.30 1.75 1.04
CA GLN B 146 26.54 1.27 2.18
C GLN B 146 27.31 1.52 3.47
N HIS B 147 28.63 1.34 3.45
CA HIS B 147 29.42 1.62 4.65
C HIS B 147 29.36 3.10 5.01
N ILE B 148 29.42 3.98 4.00
CA ILE B 148 29.37 5.42 4.28
C ILE B 148 28.02 5.80 4.90
N THR B 149 26.93 5.24 4.37
CA THR B 149 25.61 5.64 4.83
C THR B 149 25.29 5.19 6.25
N LYS B 150 26.11 4.33 6.86
CA LYS B 150 25.91 3.98 8.25
C LYS B 150 26.44 5.04 9.21
N HIS B 151 27.11 6.06 8.70
CA HIS B 151 27.69 7.10 9.55
C HIS B 151 27.11 8.47 9.31
N VAL B 152 26.77 8.80 8.06
CA VAL B 152 26.28 10.13 7.75
C VAL B 152 24.78 10.21 8.00
N SER B 153 24.28 11.43 8.10
CA SER B 153 22.87 11.67 8.36
C SER B 153 22.09 12.07 7.12
N VAL B 154 22.71 12.80 6.19
CA VAL B 154 22.09 13.21 4.95
C VAL B 154 22.97 12.79 3.79
N LEU B 155 22.35 12.24 2.75
CA LEU B 155 23.04 11.85 1.52
C LEU B 155 22.51 12.68 0.37
N TYR B 156 23.40 13.38 -0.31
CA TYR B 156 23.05 14.26 -1.42
C TYR B 156 23.54 13.62 -2.72
N CYS B 157 22.61 13.25 -3.58
CA CYS B 157 22.92 12.59 -4.83
C CYS B 157 22.76 13.56 -5.98
N LEU B 158 23.82 13.71 -6.77
CA LEU B 158 23.83 14.62 -7.91
C LEU B 158 23.65 13.80 -9.18
N GLY B 159 22.55 14.04 -9.89
CA GLY B 159 22.21 13.27 -11.07
C GLY B 159 20.88 12.55 -10.95
N LYS B 160 19.87 13.05 -11.67
CA LYS B 160 18.54 12.47 -11.58
C LYS B 160 18.48 11.09 -12.22
N THR B 161 19.00 10.96 -13.44
CA THR B 161 18.88 9.70 -14.16
C THR B 161 19.76 8.62 -13.55
N ASP B 162 20.94 9.00 -13.04
CA ASP B 162 21.89 8.00 -12.56
C ASP B 162 21.46 7.41 -11.22
N PHE B 163 20.93 8.23 -10.33
CA PHE B 163 20.55 7.80 -8.98
C PHE B 163 19.06 7.62 -8.83
N SER B 164 18.37 7.14 -9.86
CA SER B 164 16.93 6.98 -9.78
C SER B 164 16.53 5.87 -8.83
N ASN B 165 17.31 4.80 -8.75
CA ASN B 165 17.00 3.63 -7.94
C ASN B 165 17.98 3.48 -6.78
N ILE B 166 18.34 4.59 -6.14
CA ILE B 166 19.33 4.53 -5.06
C ILE B 166 18.76 3.82 -3.85
N ARG B 167 17.44 3.86 -3.65
CA ARG B 167 16.86 3.19 -2.50
C ARG B 167 16.95 1.67 -2.62
N ALA B 168 16.95 1.15 -3.84
CA ALA B 168 17.12 -0.29 -4.03
C ALA B 168 18.56 -0.73 -3.81
N LYS B 169 19.51 0.17 -4.03
CA LYS B 169 20.93 -0.14 -3.86
C LYS B 169 21.38 0.01 -2.42
N LEU B 170 20.50 0.40 -1.51
CA LEU B 170 20.82 0.56 -0.11
C LEU B 170 19.82 -0.24 0.72
N GLU B 171 20.29 -0.77 1.84
CA GLU B 171 19.44 -1.58 2.69
C GLU B 171 18.78 -0.75 3.80
N SER B 172 19.59 -0.14 4.65
CA SER B 172 19.04 0.65 5.75
C SER B 172 18.55 2.00 5.24
N PRO B 173 17.40 2.47 5.74
CA PRO B 173 16.92 3.79 5.34
C PRO B 173 17.84 4.91 5.83
N VAL B 174 17.89 5.98 5.04
CA VAL B 174 18.67 7.17 5.37
C VAL B 174 18.08 8.33 4.59
N THR B 175 18.29 9.55 5.09
CA THR B 175 17.79 10.73 4.41
C THR B 175 18.47 10.87 3.05
N THR B 176 17.67 11.04 2.01
CA THR B 176 18.17 11.06 0.64
C THR B 176 17.61 12.27 -0.10
N ILE B 177 18.49 13.02 -0.75
CA ILE B 177 18.12 14.15 -1.59
C ILE B 177 18.72 13.92 -2.96
N VAL B 178 17.87 13.81 -3.98
CA VAL B 178 18.31 13.57 -5.34
C VAL B 178 17.99 14.80 -6.17
N GLY B 179 19.03 15.39 -6.76
CA GLY B 179 18.87 16.59 -7.55
C GLY B 179 19.59 16.51 -8.88
N TYR B 180 19.79 17.64 -9.53
CA TYR B 180 20.38 17.68 -10.85
C TYR B 180 21.89 17.84 -10.77
N HIS B 181 22.58 17.35 -11.80
CA HIS B 181 24.00 17.53 -11.90
C HIS B 181 24.33 19.00 -12.19
N PRO B 182 25.44 19.51 -11.66
CA PRO B 182 25.81 20.89 -11.96
C PRO B 182 26.01 21.16 -13.44
N ALA B 183 26.55 20.19 -14.18
CA ALA B 183 26.84 20.36 -15.60
C ALA B 183 25.69 19.97 -16.50
N ALA B 184 24.46 20.06 -16.02
CA ALA B 184 23.30 19.68 -16.81
C ALA B 184 22.85 20.84 -17.71
N ARG B 185 22.57 20.54 -18.97
CA ARG B 185 22.02 21.59 -19.86
C ARG B 185 20.59 21.89 -19.42
N ASP B 186 19.92 22.88 -20.03
CA ASP B 186 18.56 23.29 -19.60
C ASP B 186 18.66 23.95 -18.22
N HIS B 187 19.84 24.46 -17.88
CA HIS B 187 20.09 25.13 -16.58
C HIS B 187 19.08 24.74 -15.51
N GLN B 188 19.27 23.60 -14.84
CA GLN B 188 18.45 23.18 -13.72
C GLN B 188 19.12 23.41 -12.37
N PHE B 189 20.45 23.47 -12.34
CA PHE B 189 21.14 23.60 -11.06
C PHE B 189 21.05 25.01 -10.49
N GLU B 190 20.84 26.01 -11.33
CA GLU B 190 20.76 27.39 -10.84
C GLU B 190 19.57 27.58 -9.92
N LYS B 191 18.42 26.98 -10.26
CA LYS B 191 17.22 27.07 -9.45
C LYS B 191 17.12 25.97 -8.41
N ASP B 192 18.26 25.44 -7.97
CA ASP B 192 18.32 24.40 -6.95
C ASP B 192 18.72 25.00 -5.62
N ARG B 193 17.96 24.67 -4.58
CA ARG B 193 18.21 25.15 -3.22
C ARG B 193 18.46 24.00 -2.28
N SER B 194 19.30 23.06 -2.70
CA SER B 194 19.50 21.83 -1.94
C SER B 194 20.33 22.07 -0.68
N PHE B 195 21.22 23.05 -0.69
CA PHE B 195 22.10 23.28 0.46
C PHE B 195 21.30 23.77 1.67
N GLU B 196 20.36 24.69 1.44
CA GLU B 196 19.51 25.15 2.54
C GLU B 196 18.65 24.01 3.08
N ILE B 197 18.16 23.15 2.19
CA ILE B 197 17.37 22.00 2.63
C ILE B 197 18.22 21.05 3.46
N ILE B 198 19.47 20.86 3.06
CA ILE B 198 20.39 20.03 3.82
C ILE B 198 20.57 20.58 5.23
N ASN B 199 20.77 21.89 5.32
CA ASN B 199 20.96 22.52 6.63
C ASN B 199 19.70 22.38 7.48
N VAL B 200 18.53 22.57 6.87
CA VAL B 200 17.27 22.45 7.61
C VAL B 200 17.09 21.04 8.13
N LEU B 201 17.37 20.04 7.29
CA LEU B 201 17.23 18.65 7.73
C LEU B 201 18.20 18.33 8.86
N LEU B 202 19.44 18.78 8.75
CA LEU B 202 20.41 18.53 9.81
C LEU B 202 19.96 19.16 11.12
N GLU B 203 19.50 20.41 11.08
CA GLU B 203 19.04 21.04 12.30
C GLU B 203 17.74 20.43 12.79
N LEU B 204 16.99 19.76 11.92
CA LEU B 204 15.81 19.03 12.35
C LEU B 204 16.19 17.75 13.08
N ASP B 205 17.34 17.16 12.74
CA ASP B 205 17.77 15.93 13.38
C ASP B 205 18.80 16.19 14.48
N ASN B 206 18.67 17.31 15.19
CA ASN B 206 19.54 17.67 16.31
C ASN B 206 21.01 17.62 15.94
N LYS B 207 21.34 18.17 14.77
CA LYS B 207 22.71 18.19 14.28
C LYS B 207 23.10 19.61 13.91
N THR B 208 24.39 19.90 14.06
CA THR B 208 24.90 21.21 13.71
C THR B 208 24.83 21.41 12.20
N PRO B 209 24.43 22.59 11.74
CA PRO B 209 24.46 22.87 10.29
C PRO B 209 25.87 22.94 9.74
N ILE B 210 25.99 23.21 8.43
CA ILE B 210 27.27 23.19 7.72
C ILE B 210 27.65 24.61 7.35
N ASN B 211 28.89 24.99 7.64
CA ASN B 211 29.44 26.27 7.21
C ASN B 211 29.84 26.13 5.75
N TRP B 212 28.89 26.38 4.86
CA TRP B 212 29.09 26.11 3.44
C TRP B 212 30.04 27.08 2.76
N ALA B 213 30.41 28.18 3.41
CA ALA B 213 31.38 29.11 2.86
C ALA B 213 32.80 28.83 3.34
N GLN B 214 32.99 27.76 4.12
CA GLN B 214 34.32 27.43 4.63
C GLN B 214 35.22 26.88 3.54
N GLY B 215 34.65 26.27 2.50
CA GLY B 215 35.43 25.64 1.47
C GLY B 215 36.08 26.58 0.48
N PHE B 216 35.74 27.87 0.54
CA PHE B 216 36.37 28.84 -0.35
C PHE B 216 37.85 28.95 -0.06
N ILE B 217 38.63 29.21 -1.12
CA ILE B 217 40.06 29.46 -1.00
C ILE B 217 40.36 30.83 -1.59
N TYR B 218 41.19 31.59 -0.88
CA TYR B 218 41.53 32.95 -1.29
C TYR B 218 43.00 33.07 -1.68
N THR C 2 13.80 19.62 -2.95
CA THR C 2 14.67 20.27 -3.92
C THR C 2 14.16 21.67 -4.29
N SER C 3 12.84 21.81 -4.38
CA SER C 3 12.22 23.06 -4.78
C SER C 3 12.01 23.98 -3.58
N SER C 4 11.49 25.18 -3.85
CA SER C 4 11.29 26.17 -2.79
C SER C 4 10.08 25.84 -1.92
N ALA C 5 9.03 25.25 -2.49
CA ALA C 5 7.89 24.83 -1.69
C ALA C 5 8.31 23.81 -0.65
N ASP C 6 9.19 22.88 -1.04
CA ASP C 6 9.72 21.93 -0.06
C ASP C 6 10.50 22.64 1.04
N LEU C 7 11.24 23.69 0.67
CA LEU C 7 12.01 24.43 1.68
C LEU C 7 11.08 25.10 2.69
N THR C 8 10.01 25.73 2.21
CA THR C 8 9.10 26.38 3.15
C THR C 8 8.32 25.36 3.98
N ASN C 9 8.00 24.20 3.40
CA ASN C 9 7.36 23.14 4.18
C ASN C 9 8.28 22.68 5.30
N LEU C 10 9.56 22.49 5.00
CA LEU C 10 10.52 22.07 6.02
C LEU C 10 10.66 23.13 7.11
N LYS C 11 10.71 24.39 6.71
CA LYS C 11 10.81 25.46 7.71
C LYS C 11 9.59 25.46 8.62
N GLU C 12 8.40 25.30 8.04
CA GLU C 12 7.19 25.27 8.85
C GLU C 12 7.19 24.07 9.80
N LEU C 13 7.66 22.91 9.30
CA LEU C 13 7.74 21.73 10.15
C LEU C 13 8.69 21.94 11.32
N LEU C 14 9.85 22.56 11.07
CA LEU C 14 10.78 22.82 12.15
C LEU C 14 10.18 23.79 13.17
N SER C 15 9.50 24.84 12.68
CA SER C 15 8.88 25.81 13.58
C SER C 15 7.83 25.14 14.46
N LEU C 16 7.00 24.28 13.86
CA LEU C 16 6.00 23.56 14.66
C LEU C 16 6.67 22.64 15.67
N TYR C 17 7.76 21.98 15.27
CA TYR C 17 8.45 21.10 16.21
C TYR C 17 9.03 21.87 17.38
N LYS C 18 9.42 23.13 17.17
CA LYS C 18 9.90 23.93 18.28
C LYS C 18 8.82 24.12 19.34
N SER C 19 7.59 24.40 18.91
CA SER C 19 6.48 24.69 19.82
C SER C 19 5.45 23.56 19.72
N LEU C 20 5.65 22.52 20.52
CA LEU C 20 4.75 21.37 20.56
C LEU C 20 4.00 21.25 21.87
N ARG C 21 4.66 21.53 23.00
CA ARG C 21 3.95 21.50 24.27
C ARG C 21 2.92 22.62 24.37
N PHE C 22 3.15 23.73 23.68
CA PHE C 22 2.22 24.85 23.65
C PHE C 22 1.39 24.84 22.37
N SER C 23 0.63 23.77 22.17
CA SER C 23 -0.04 23.55 20.89
C SER C 23 -1.46 23.03 21.10
N ASP C 24 -2.22 23.01 20.01
CA ASP C 24 -3.60 22.53 20.00
C ASP C 24 -3.79 21.42 18.98
N SER C 25 -5.05 21.04 18.74
CA SER C 25 -5.32 19.92 17.84
C SER C 25 -4.98 20.26 16.39
N VAL C 26 -5.26 21.50 15.95
CA VAL C 26 -5.00 21.87 14.57
C VAL C 26 -3.51 21.84 14.28
N ALA C 27 -2.70 22.39 15.20
CA ALA C 27 -1.26 22.37 15.02
C ALA C 27 -0.73 20.93 15.01
N ILE C 28 -1.29 20.07 15.87
CA ILE C 28 -0.86 18.67 15.90
C ILE C 28 -1.18 17.99 14.57
N GLU C 29 -2.37 18.23 14.03
CA GLU C 29 -2.75 17.63 12.76
C GLU C 29 -1.83 18.10 11.64
N LYS C 30 -1.53 19.41 11.59
CA LYS C 30 -0.62 19.92 10.57
C LYS C 30 0.77 19.32 10.74
N TYR C 31 1.25 19.20 11.97
CA TYR C 31 2.57 18.64 12.22
C TYR C 31 2.64 17.20 11.78
N ASN C 32 1.62 16.40 12.07
CA ASN C 32 1.63 15.00 11.66
C ASN C 32 1.56 14.88 10.14
N SER C 33 0.75 15.72 9.50
CA SER C 33 0.68 15.67 8.03
C SER C 33 2.04 16.01 7.42
N LEU C 34 2.71 17.03 7.95
CA LEU C 34 4.02 17.40 7.44
C LEU C 34 5.05 16.30 7.70
N VAL C 35 4.97 15.66 8.87
CA VAL C 35 5.91 14.58 9.17
C VAL C 35 5.72 13.42 8.19
N GLU C 36 4.47 13.07 7.91
CA GLU C 36 4.21 12.01 6.94
C GLU C 36 4.74 12.38 5.56
N TRP C 37 4.49 13.62 5.13
CA TRP C 37 4.97 14.05 3.82
C TRP C 37 6.49 14.03 3.75
N GLY C 38 7.16 14.51 4.79
CA GLY C 38 8.61 14.53 4.79
C GLY C 38 9.22 13.15 4.80
N THR C 39 8.64 12.24 5.59
CA THR C 39 9.13 10.86 5.59
C THR C 39 8.92 10.21 4.23
N SER C 40 7.78 10.46 3.60
CA SER C 40 7.52 9.89 2.28
C SER C 40 8.50 10.44 1.24
N THR C 41 8.78 11.74 1.28
CA THR C 41 9.64 12.34 0.27
C THR C 41 11.11 11.98 0.47
N TYR C 42 11.59 12.02 1.72
CA TYR C 42 13.02 11.91 1.99
C TYR C 42 13.41 10.59 2.65
N TRP C 43 12.47 9.67 2.88
CA TRP C 43 12.73 8.30 3.31
C TRP C 43 13.19 8.22 4.75
N LYS C 44 13.46 9.35 5.38
CA LYS C 44 13.89 9.37 6.78
C LYS C 44 13.89 10.81 7.27
N ILE C 45 13.33 11.02 8.46
CA ILE C 45 13.24 12.33 9.08
C ILE C 45 13.54 12.17 10.57
N GLY C 46 14.22 13.16 11.15
CA GLY C 46 14.64 13.05 12.54
C GLY C 46 13.51 13.04 13.54
N VAL C 47 12.33 13.51 13.16
CA VAL C 47 11.19 13.59 14.07
C VAL C 47 10.18 12.51 13.71
N GLN C 48 9.45 12.04 14.72
CA GLN C 48 8.43 11.02 14.57
C GLN C 48 7.08 11.58 14.99
N LYS C 49 6.01 10.89 14.58
CA LYS C 49 4.62 11.36 14.87
C LYS C 49 4.29 11.29 16.35
N VAL C 50 3.59 12.31 16.87
CA VAL C 50 3.26 12.36 18.32
C VAL C 50 1.74 12.20 18.46
N THR C 51 1.29 11.51 19.52
CA THR C 51 -0.16 11.23 19.70
C THR C 51 -0.65 11.74 21.04
N ASN C 52 0.19 11.73 22.08
CA ASN C 52 -0.28 12.10 23.42
C ASN C 52 -0.22 13.60 23.62
N VAL C 53 0.98 14.19 23.50
CA VAL C 53 1.20 15.62 23.62
C VAL C 53 0.69 16.12 24.95
N GLU C 54 1.46 15.88 26.02
CA GLU C 54 1.10 16.34 27.37
C GLU C 54 1.66 17.74 27.57
N THR C 55 0.77 18.72 27.70
CA THR C 55 1.19 20.09 27.91
C THR C 55 1.77 20.26 29.31
N SER C 56 2.84 21.07 29.41
CA SER C 56 3.50 21.31 30.68
C SER C 56 4.01 22.73 30.72
N ILE C 57 4.14 23.27 31.94
CA ILE C 57 4.60 24.63 32.17
C ILE C 57 5.87 24.69 33.01
N SER C 58 6.29 23.55 33.59
CA SER C 58 7.41 23.56 34.53
C SER C 58 8.73 23.89 33.87
N ASP C 59 8.79 23.95 32.54
CA ASP C 59 10.03 24.30 31.87
C ASP C 59 10.48 25.71 32.22
N TYR C 60 9.53 26.64 32.33
CA TYR C 60 9.83 28.03 32.62
C TYR C 60 9.70 28.39 34.10
N TYR C 61 9.45 27.41 34.96
CA TYR C 61 9.23 27.66 36.37
C TYR C 61 10.05 26.69 37.21
N ASP C 62 10.33 27.08 38.45
CA ASP C 62 11.11 26.28 39.39
C ASP C 62 10.23 25.87 40.56
N GLU C 63 10.85 25.20 41.53
CA GLU C 63 10.14 24.76 42.72
C GLU C 63 9.71 25.96 43.56
N VAL C 64 8.52 25.85 44.16
CA VAL C 64 7.99 26.94 44.97
C VAL C 64 8.75 27.02 46.28
N LYS C 65 9.17 28.23 46.65
CA LYS C 65 9.89 28.44 47.88
C LYS C 65 8.93 28.57 49.07
N ASN C 66 9.41 28.15 50.24
CA ASN C 66 8.61 28.21 51.46
C ASN C 66 9.38 28.82 52.63
N LYS C 67 10.58 29.32 52.41
CA LYS C 67 11.41 29.90 53.45
C LYS C 67 11.97 31.24 53.00
N PRO C 68 12.29 32.13 53.94
CA PRO C 68 12.89 33.41 53.56
C PRO C 68 14.23 33.20 52.86
N PHE C 69 14.50 34.07 51.89
CA PHE C 69 15.73 33.96 51.10
C PHE C 69 16.38 35.35 51.05
N ASN C 70 17.47 35.46 50.31
CA ASN C 70 18.23 36.70 50.22
C ASN C 70 18.28 37.18 48.78
N ILE C 71 18.05 38.48 48.59
CA ILE C 71 18.10 39.09 47.27
C ILE C 71 18.86 40.41 47.37
N ASP C 72 19.37 40.86 46.22
CA ASP C 72 20.16 42.09 46.17
C ASP C 72 20.32 42.64 44.75
N PRO C 73 20.96 41.92 43.83
CA PRO C 73 21.40 42.56 42.58
C PRO C 73 20.30 42.62 41.53
N GLY C 74 20.27 43.72 40.80
CA GLY C 74 19.41 43.87 39.66
C GLY C 74 18.01 44.34 40.01
N TYR C 75 17.36 44.95 39.03
CA TYR C 75 15.97 45.36 39.19
C TYR C 75 15.06 44.14 39.16
N TYR C 76 13.98 44.19 39.94
CA TYR C 76 13.07 43.06 40.07
C TYR C 76 11.68 43.46 39.60
N ILE C 77 11.02 42.53 38.90
CA ILE C 77 9.65 42.70 38.44
C ILE C 77 8.80 41.67 39.18
N PHE C 78 7.77 42.15 39.88
CA PHE C 78 6.88 41.34 40.68
C PHE C 78 5.52 41.24 39.99
N LEU C 79 5.01 40.03 39.86
CA LEU C 79 3.69 39.77 39.27
C LEU C 79 2.92 38.85 40.20
N PRO C 80 1.72 39.23 40.63
CA PRO C 80 0.93 38.34 41.50
C PRO C 80 0.24 37.25 40.70
N VAL C 81 -0.11 36.18 41.40
CA VAL C 81 -0.80 35.03 40.81
C VAL C 81 -2.24 35.05 41.30
N TYR C 82 -3.19 35.14 40.37
CA TYR C 82 -4.60 35.13 40.72
C TYR C 82 -5.07 33.70 40.98
N PHE C 83 -6.30 33.58 41.45
CA PHE C 83 -6.91 32.29 41.75
C PHE C 83 -7.92 31.94 40.65
N GLY C 84 -7.96 30.68 40.27
CA GLY C 84 -8.89 30.20 39.28
C GLY C 84 -8.23 29.17 38.39
N SER C 85 -8.97 28.75 37.36
CA SER C 85 -8.44 27.82 36.38
C SER C 85 -7.37 28.50 35.54
N VAL C 86 -6.47 27.69 34.99
CA VAL C 86 -5.33 28.17 34.20
C VAL C 86 -5.51 27.71 32.76
N PHE C 87 -5.33 28.63 31.83
CA PHE C 87 -5.42 28.36 30.40
C PHE C 87 -4.15 28.81 29.71
N ILE C 88 -3.81 28.15 28.61
CA ILE C 88 -2.61 28.45 27.84
C ILE C 88 -3.03 28.89 26.45
N TYR C 89 -2.43 29.96 25.95
CA TYR C 89 -2.71 30.49 24.62
C TYR C 89 -1.41 30.58 23.83
N SER C 90 -1.48 30.21 22.55
CA SER C 90 -0.34 30.23 21.65
C SER C 90 -0.67 31.14 20.45
N LYS C 91 0.23 31.14 19.48
CA LYS C 91 0.08 31.98 18.29
C LYS C 91 -0.93 31.33 17.35
N GLY C 92 -2.13 31.90 17.30
CA GLY C 92 -3.17 31.40 16.40
C GLY C 92 -3.61 29.99 16.69
N LYS C 93 -3.81 29.65 17.97
CA LYS C 93 -4.20 28.31 18.38
C LYS C 93 -5.44 28.41 19.27
N ASN C 94 -5.97 27.26 19.64
CA ASN C 94 -7.20 27.19 20.41
C ASN C 94 -6.88 27.19 21.91
N MET C 95 -7.92 27.04 22.73
CA MET C 95 -7.75 27.02 24.19
C MET C 95 -7.26 25.66 24.64
N VAL C 96 -6.30 25.65 25.56
CA VAL C 96 -5.79 24.42 26.17
C VAL C 96 -5.69 24.60 27.67
N GLU C 97 -6.04 23.55 28.40
CA GLU C 97 -6.00 23.53 29.86
C GLU C 97 -4.78 22.76 30.34
N LEU C 98 -4.21 23.20 31.46
CA LEU C 98 -3.08 22.51 32.06
C LEU C 98 -3.49 21.10 32.48
N GLY C 99 -2.87 20.10 31.87
CA GLY C 99 -3.12 18.70 32.18
C GLY C 99 -4.32 18.09 31.52
N SER C 100 -5.38 18.87 31.34
CA SER C 100 -6.64 18.41 30.76
C SER C 100 -7.04 19.30 29.58
N GLY C 101 -6.08 19.54 28.68
CA GLY C 101 -6.30 20.40 27.54
C GLY C 101 -7.48 20.03 26.67
N ASN C 102 -8.48 20.92 26.62
CA ASN C 102 -9.68 20.69 25.84
C ASN C 102 -10.17 22.03 25.28
N SER C 103 -11.02 21.94 24.26
CA SER C 103 -11.57 23.14 23.63
C SER C 103 -12.58 23.79 24.55
N PHE C 104 -12.20 24.90 25.16
CA PHE C 104 -13.05 25.64 26.08
C PHE C 104 -13.58 26.90 25.41
N GLN C 105 -14.88 27.13 25.49
CA GLN C 105 -15.50 28.28 24.86
C GLN C 105 -15.03 29.57 25.53
N ILE C 106 -14.79 30.59 24.71
CA ILE C 106 -14.34 31.89 25.21
C ILE C 106 -15.20 32.99 24.59
N PRO C 107 -15.34 34.15 25.23
CA PRO C 107 -16.12 35.23 24.64
C PRO C 107 -15.50 35.70 23.32
N ASP C 108 -16.37 36.16 22.42
CA ASP C 108 -15.91 36.61 21.11
C ASP C 108 -15.00 37.82 21.23
N GLU C 109 -15.30 38.73 22.18
CA GLU C 109 -14.45 39.90 22.37
C GLU C 109 -13.05 39.49 22.81
N ILE C 110 -12.94 38.49 23.68
CA ILE C 110 -11.63 38.02 24.10
C ILE C 110 -10.86 37.42 22.94
N ARG C 111 -11.54 36.64 22.09
CA ARG C 111 -10.88 36.08 20.92
C ARG C 111 -10.41 37.17 19.96
N SER C 112 -11.24 38.20 19.76
CA SER C 112 -10.83 39.30 18.89
C SER C 112 -9.64 40.05 19.46
N ALA C 113 -9.63 40.28 20.77
CA ALA C 113 -8.50 40.95 21.41
C ALA C 113 -7.23 40.12 21.27
N CYS C 114 -7.34 38.80 21.47
CA CYS C 114 -6.18 37.94 21.30
C CYS C 114 -5.68 37.97 19.86
N ASN C 115 -6.59 37.93 18.89
CA ASN C 115 -6.18 37.98 17.49
C ASN C 115 -5.48 39.29 17.16
N LYS C 116 -6.01 40.41 17.65
CA LYS C 116 -5.42 41.70 17.34
C LYS C 116 -4.07 41.88 18.04
N VAL C 117 -3.93 41.36 19.26
CA VAL C 117 -2.65 41.48 19.96
C VAL C 117 -1.61 40.56 19.33
N LEU C 118 -2.04 39.42 18.76
CA LEU C 118 -1.10 38.58 18.03
C LEU C 118 -0.70 39.22 16.70
N ASP C 119 -1.64 39.89 16.05
CA ASP C 119 -1.33 40.58 14.79
C ASP C 119 -0.47 41.82 15.02
N SER C 120 -0.53 42.42 16.21
CA SER C 120 0.28 43.60 16.49
C SER C 120 1.77 43.26 16.44
N ASP C 121 2.16 42.13 17.03
CA ASP C 121 3.55 41.71 17.05
C ASP C 121 3.61 40.20 17.14
N ASN C 122 4.65 39.62 16.53
CA ASN C 122 4.84 38.17 16.51
C ASN C 122 5.80 37.68 17.59
N GLY C 123 6.30 38.57 18.45
CA GLY C 123 7.25 38.18 19.47
C GLY C 123 6.61 37.73 20.77
N ILE C 124 5.68 36.78 20.67
CA ILE C 124 5.00 36.23 21.85
C ILE C 124 5.09 34.71 21.77
N ASP C 125 5.58 34.09 22.84
CA ASP C 125 5.68 32.63 22.89
C ASP C 125 4.34 32.02 23.31
N PHE C 126 3.88 32.35 24.52
CA PHE C 126 2.62 31.85 25.03
C PHE C 126 2.11 32.81 26.09
N LEU C 127 0.81 32.71 26.36
CA LEU C 127 0.14 33.54 27.36
C LEU C 127 -0.58 32.64 28.35
N ARG C 128 -0.40 32.92 29.64
CA ARG C 128 -1.06 32.19 30.71
C ARG C 128 -2.22 33.03 31.22
N PHE C 129 -3.43 32.46 31.17
CA PHE C 129 -4.65 33.13 31.58
C PHE C 129 -5.19 32.48 32.85
N VAL C 130 -5.77 33.31 33.71
CA VAL C 130 -6.39 32.85 34.95
C VAL C 130 -7.87 33.21 34.94
N LEU C 131 -8.71 32.26 35.34
CA LEU C 131 -10.14 32.42 35.35
C LEU C 131 -10.67 32.26 36.77
N LEU C 132 -11.63 33.10 37.16
CA LEU C 132 -12.22 33.03 38.48
C LEU C 132 -13.68 33.46 38.37
N ASN C 133 -14.57 32.49 38.22
CA ASN C 133 -16.01 32.73 38.17
C ASN C 133 -16.36 33.78 37.12
N ASN C 134 -16.08 33.44 35.86
CA ASN C 134 -16.37 34.30 34.72
C ASN C 134 -15.70 35.65 34.83
N ARG C 135 -14.49 35.69 35.40
CA ARG C 135 -13.69 36.91 35.48
C ARG C 135 -12.34 36.61 34.83
N TRP C 136 -12.27 36.84 33.51
CA TRP C 136 -11.05 36.55 32.77
C TRP C 136 -9.98 37.60 33.09
N ILE C 137 -8.84 37.14 33.59
CA ILE C 137 -7.76 38.03 34.02
C ILE C 137 -6.46 37.54 33.37
N MET C 138 -5.67 38.48 32.87
CA MET C 138 -4.34 38.16 32.40
C MET C 138 -3.48 37.72 33.58
N GLU C 139 -2.70 36.65 33.39
CA GLU C 139 -1.85 36.11 34.45
C GLU C 139 -0.37 36.22 34.13
N ASP C 140 0.06 35.78 32.95
CA ASP C 140 1.48 35.78 32.63
C ASP C 140 1.69 35.94 31.13
N ALA C 141 2.73 36.68 30.77
CA ALA C 141 3.13 36.87 29.38
C ALA C 141 4.64 36.95 29.32
N ILE C 142 5.23 36.24 28.34
CA ILE C 142 6.68 36.18 28.20
C ILE C 142 7.05 36.51 26.76
N SER C 143 8.30 36.96 26.58
CA SER C 143 8.83 37.29 25.27
C SER C 143 10.34 37.36 25.35
N LYS C 144 11.02 36.82 24.34
CA LYS C 144 12.47 36.86 24.29
C LYS C 144 13.02 38.17 23.74
N TYR C 145 12.19 39.00 23.12
CA TYR C 145 12.64 40.24 22.52
C TYR C 145 12.07 41.48 23.20
N GLN C 146 10.77 41.53 23.42
CA GLN C 146 10.13 42.67 24.06
C GLN C 146 10.25 42.55 25.57
N SER C 147 9.56 43.42 26.29
CA SER C 147 9.57 43.45 27.75
C SER C 147 8.15 43.41 28.26
N PRO C 148 7.92 42.81 29.45
CA PRO C 148 6.57 42.75 30.00
C PRO C 148 6.10 44.08 30.57
N VAL C 149 6.23 45.16 29.79
CA VAL C 149 5.73 46.46 30.17
C VAL C 149 4.84 47.00 29.06
N ASN C 150 5.39 47.10 27.85
CA ASN C 150 4.65 47.64 26.72
C ASN C 150 3.56 46.68 26.25
N ILE C 151 3.81 45.38 26.32
CA ILE C 151 2.80 44.40 25.91
C ILE C 151 1.55 44.55 26.78
N PHE C 152 1.74 44.67 28.09
CA PHE C 152 0.62 44.94 28.97
C PHE C 152 0.02 46.31 28.68
N LYS C 153 0.82 47.25 28.20
CA LYS C 153 0.31 48.58 27.89
C LYS C 153 -0.71 48.53 26.75
N LEU C 154 -0.35 47.90 25.63
CA LEU C 154 -1.34 47.85 24.56
C LEU C 154 -2.45 46.84 24.84
N ALA C 155 -2.20 45.84 25.69
CA ALA C 155 -3.30 45.00 26.15
C ALA C 155 -4.31 45.79 26.96
N SER C 156 -3.83 46.71 27.81
CA SER C 156 -4.71 47.59 28.55
C SER C 156 -5.47 48.52 27.62
N GLU C 157 -4.76 49.12 26.64
CA GLU C 157 -5.43 50.07 25.76
C GLU C 157 -6.40 49.39 24.81
N TYR C 158 -6.24 48.08 24.57
CA TYR C 158 -7.22 47.35 23.76
C TYR C 158 -8.58 47.31 24.44
N GLY C 159 -8.61 47.07 25.75
CA GLY C 159 -9.86 47.05 26.48
C GLY C 159 -9.94 45.93 27.51
N LEU C 160 -8.91 45.11 27.59
CA LEU C 160 -8.87 43.98 28.52
C LEU C 160 -7.97 44.33 29.68
N ASN C 161 -8.43 44.02 30.90
CA ASN C 161 -7.73 44.44 32.11
C ASN C 161 -6.37 43.74 32.24
N ILE C 162 -5.46 44.42 32.92
CA ILE C 162 -4.09 43.95 33.07
C ILE C 162 -3.68 44.00 34.54
N PRO C 163 -3.03 42.95 35.05
CA PRO C 163 -2.56 43.01 36.44
C PRO C 163 -1.51 44.10 36.64
N ASN C 164 -1.52 44.67 37.84
CA ASN C 164 -0.62 45.77 38.20
C ASN C 164 0.77 45.23 38.57
N TYR C 165 1.57 44.93 37.54
CA TYR C 165 2.93 44.48 37.75
C TYR C 165 3.75 45.58 38.43
N LEU C 166 4.66 45.17 39.31
CA LEU C 166 5.45 46.10 40.10
C LEU C 166 6.92 46.03 39.71
N GLU C 167 7.60 47.17 39.76
CA GLU C 167 9.03 47.26 39.48
C GLU C 167 9.73 47.81 40.71
N ILE C 168 10.76 47.12 41.19
CA ILE C 168 11.48 47.51 42.38
C ILE C 168 12.98 47.43 42.11
N GLU C 169 13.74 48.17 42.93
CA GLU C 169 15.19 48.26 42.80
C GLU C 169 15.83 48.12 44.19
N ILE C 170 16.98 47.45 44.24
CA ILE C 170 17.67 47.14 45.49
C ILE C 170 19.16 47.39 45.31
N GLU C 171 19.79 47.98 46.33
CA GLU C 171 21.24 48.15 46.37
C GLU C 171 21.94 47.25 47.37
N GLU C 172 21.32 46.96 48.51
CA GLU C 172 21.97 46.26 49.60
C GLU C 172 21.37 44.87 49.79
N ASP C 173 22.14 44.00 50.45
CA ASP C 173 21.72 42.62 50.66
C ASP C 173 20.51 42.58 51.58
N THR C 174 19.33 42.32 51.01
CA THR C 174 18.09 42.32 51.76
C THR C 174 17.53 40.91 51.87
N LEU C 175 16.71 40.73 52.90
CA LEU C 175 16.12 39.44 53.25
C LEU C 175 14.64 39.47 52.90
N PHE C 176 14.22 38.57 52.02
CA PHE C 176 12.82 38.44 51.66
C PHE C 176 12.17 37.37 52.54
N ASP C 177 11.11 37.75 53.23
CA ASP C 177 10.41 36.88 54.15
C ASP C 177 8.91 37.19 54.05
N ASP C 178 8.15 36.69 55.04
CA ASP C 178 6.70 36.91 55.04
C ASP C 178 6.37 38.40 55.17
N GLU C 179 7.20 39.16 55.88
CA GLU C 179 6.95 40.59 56.04
C GLU C 179 6.99 41.31 54.70
N LEU C 180 7.98 41.01 53.87
CA LEU C 180 8.05 41.62 52.56
C LEU C 180 6.92 41.17 51.65
N TYR C 181 6.50 39.90 51.77
CA TYR C 181 5.35 39.43 51.01
C TYR C 181 4.09 40.20 51.39
N SER C 182 3.89 40.41 52.69
CA SER C 182 2.73 41.18 53.14
C SER C 182 2.82 42.62 52.67
N ILE C 183 4.02 43.20 52.68
CA ILE C 183 4.19 44.58 52.22
C ILE C 183 3.84 44.68 50.74
N MET C 184 4.31 43.73 49.93
CA MET C 184 3.97 43.73 48.52
C MET C 184 2.46 43.55 48.30
N GLU C 185 1.84 42.65 49.07
CA GLU C 185 0.41 42.44 48.93
C GLU C 185 -0.37 43.70 49.27
N ARG C 186 0.03 44.41 50.33
CA ARG C 186 -0.63 45.66 50.68
C ARG C 186 -0.40 46.73 49.60
N SER C 187 0.81 46.76 49.03
CA SER C 187 1.09 47.71 47.96
C SER C 187 0.28 47.40 46.71
N PHE C 188 -0.10 46.13 46.50
CA PHE C 188 -0.90 45.78 45.35
C PHE C 188 -2.27 46.43 45.40
N ASP C 189 -2.88 46.48 46.58
CA ASP C 189 -4.19 47.10 46.79
C ASP C 189 -5.26 46.46 45.88
N ASP C 190 -5.21 45.13 45.81
CA ASP C 190 -6.16 44.36 45.02
C ASP C 190 -6.91 43.40 45.93
N THR C 191 -8.24 43.40 45.83
CA THR C 191 -9.06 42.55 46.67
C THR C 191 -9.18 41.13 46.14
N PHE C 192 -8.69 40.85 44.93
CA PHE C 192 -8.77 39.52 44.38
C PHE C 192 -7.83 38.58 45.14
N PRO C 193 -8.19 37.29 45.26
CA PRO C 193 -7.33 36.35 45.98
C PRO C 193 -6.03 36.08 45.25
N LYS C 194 -4.91 36.31 45.91
CA LYS C 194 -3.58 36.10 45.36
C LYS C 194 -2.91 34.96 46.09
N ILE C 195 -2.24 34.08 45.34
CA ILE C 195 -1.60 32.92 45.94
C ILE C 195 -0.11 33.17 46.11
N SER C 196 0.56 33.55 45.03
CA SER C 196 2.02 33.64 45.04
C SER C 196 2.45 34.92 44.33
N ILE C 197 3.72 35.26 44.49
CA ILE C 197 4.33 36.39 43.81
C ILE C 197 5.52 35.88 43.00
N SER C 198 5.56 36.23 41.73
CA SER C 198 6.63 35.84 40.83
C SER C 198 7.59 37.01 40.64
N TYR C 199 8.87 36.77 40.92
CA TYR C 199 9.89 37.81 40.81
C TYR C 199 10.86 37.43 39.70
N ILE C 200 11.05 38.34 38.74
CA ILE C 200 11.91 38.10 37.60
C ILE C 200 12.89 39.26 37.47
N LYS C 201 13.96 39.01 36.71
CA LYS C 201 15.00 40.00 36.47
C LYS C 201 15.03 40.37 35.00
N LEU C 202 15.47 41.60 34.72
CA LEU C 202 15.54 42.09 33.35
C LEU C 202 16.62 41.34 32.58
N GLY C 203 16.21 40.55 31.60
CA GLY C 203 17.14 39.80 30.79
C GLY C 203 16.97 38.30 30.91
N GLU C 204 16.69 37.82 32.13
CA GLU C 204 16.51 36.39 32.36
C GLU C 204 15.11 35.96 31.94
N LEU C 205 15.05 34.91 31.11
CA LEU C 205 13.75 34.40 30.66
C LEU C 205 13.04 33.60 31.73
N LYS C 206 13.79 32.93 32.61
CA LYS C 206 13.18 32.10 33.64
C LYS C 206 12.43 32.97 34.65
N ARG C 207 11.29 32.46 35.10
CA ARG C 207 10.46 33.12 36.11
C ARG C 207 10.36 32.23 37.33
N GLN C 208 10.51 32.82 38.51
CA GLN C 208 10.49 32.08 39.77
C GLN C 208 9.45 32.69 40.70
N VAL C 209 8.61 31.82 41.27
CA VAL C 209 7.52 32.23 42.13
C VAL C 209 7.86 31.84 43.57
N VAL C 210 7.28 32.59 44.51
CA VAL C 210 7.37 32.28 45.93
C VAL C 210 6.00 32.46 46.55
N ASP C 211 5.65 31.56 47.47
CA ASP C 211 4.36 31.56 48.13
C ASP C 211 4.56 31.19 49.60
N PHE C 212 3.71 31.75 50.46
CA PHE C 212 3.75 31.49 51.89
C PHE C 212 2.38 31.06 52.38
N PHE C 213 2.37 30.04 53.23
CA PHE C 213 1.12 29.48 53.75
C PHE C 213 1.42 28.68 55.00
N LYS C 214 0.37 28.34 55.74
CA LYS C 214 0.52 27.50 56.91
C LYS C 214 -0.59 26.44 56.93
N PHE C 215 -0.33 25.34 57.63
CA PHE C 215 -1.30 24.26 57.72
C PHE C 215 -2.31 24.53 58.83
N SER C 216 -3.55 24.11 58.61
CA SER C 216 -4.58 24.23 59.63
C SER C 216 -5.63 23.17 59.38
N PHE C 217 -6.46 22.93 60.41
CA PHE C 217 -7.58 22.00 60.32
C PHE C 217 -8.86 22.76 60.65
N MET C 218 -9.84 22.66 59.76
CA MET C 218 -11.10 23.40 59.91
C MET C 218 -12.27 22.47 59.71
N TYR C 219 -13.34 22.74 60.47
CA TYR C 219 -14.56 21.95 60.41
C TYR C 219 -15.47 22.45 59.28
N ILE C 220 -16.41 21.59 58.89
CA ILE C 220 -17.37 21.90 57.83
C ILE C 220 -18.76 21.84 58.43
N GLU C 221 -19.54 22.90 58.24
CA GLU C 221 -20.89 23.00 58.79
C GLU C 221 -21.97 22.67 57.77
N SER C 222 -22.00 23.38 56.66
CA SER C 222 -23.04 23.19 55.65
C SER C 222 -22.52 23.71 54.31
N ILE C 223 -23.34 23.53 53.27
CA ILE C 223 -23.00 23.93 51.91
C ILE C 223 -24.08 24.89 51.42
N LYS C 224 -23.66 25.93 50.70
CA LYS C 224 -24.61 26.84 50.08
C LYS C 224 -24.03 27.37 48.78
N VAL C 225 -24.89 27.53 47.78
CA VAL C 225 -24.49 28.00 46.47
C VAL C 225 -24.80 29.49 46.35
N ASP C 226 -24.07 30.16 45.47
CA ASP C 226 -24.23 31.59 45.25
C ASP C 226 -24.27 31.90 43.77
N ARG C 227 -25.09 32.88 43.40
CA ARG C 227 -25.22 33.33 42.02
C ARG C 227 -24.27 34.49 41.74
N ILE C 228 -23.75 34.53 40.52
CA ILE C 228 -22.96 35.67 40.06
C ILE C 228 -23.45 36.12 38.69
N GLY C 229 -24.22 35.27 38.03
CA GLY C 229 -24.66 35.57 36.68
C GLY C 229 -25.93 34.84 36.31
N ASP C 230 -26.11 34.64 35.00
CA ASP C 230 -27.31 34.04 34.47
C ASP C 230 -27.34 32.53 34.71
N ASN C 231 -27.86 32.12 35.86
CA ASN C 231 -28.03 30.72 36.22
C ASN C 231 -26.68 29.99 36.22
N ILE C 232 -25.76 30.54 37.00
CA ILE C 232 -24.45 29.93 37.24
C ILE C 232 -24.16 30.04 38.73
N PHE C 233 -23.54 29.00 39.29
CA PHE C 233 -23.40 28.87 40.74
C PHE C 233 -21.95 28.69 41.14
N ILE C 234 -21.64 29.16 42.36
CA ILE C 234 -20.36 28.87 43.01
C ILE C 234 -20.66 28.35 44.42
N PRO C 235 -20.08 27.23 44.83
CA PRO C 235 -20.37 26.70 46.16
C PRO C 235 -19.53 27.37 47.24
N SER C 236 -19.97 27.22 48.48
CA SER C 236 -19.25 27.73 49.62
C SER C 236 -19.68 26.98 50.87
N VAL C 237 -18.71 26.66 51.73
CA VAL C 237 -18.96 25.98 52.99
C VAL C 237 -18.49 26.87 54.12
N ILE C 238 -19.27 26.93 55.20
CA ILE C 238 -18.95 27.76 56.34
C ILE C 238 -18.47 26.89 57.49
N THR C 239 -17.73 27.50 58.40
CA THR C 239 -17.19 26.84 59.58
C THR C 239 -17.92 27.33 60.82
N LYS C 240 -17.47 26.86 61.99
CA LYS C 240 -18.06 27.28 63.25
C LYS C 240 -17.85 28.78 63.48
N SER C 241 -16.66 29.29 63.16
CA SER C 241 -16.35 30.69 63.35
C SER C 241 -16.87 31.57 62.21
N GLY C 242 -17.40 30.98 61.15
CA GLY C 242 -17.91 31.75 60.03
C GLY C 242 -16.87 32.23 59.05
N LYS C 243 -15.65 31.69 59.11
CA LYS C 243 -14.60 32.10 58.20
C LYS C 243 -14.94 31.70 56.76
N LYS C 244 -14.51 32.52 55.82
CA LYS C 244 -14.79 32.31 54.41
C LYS C 244 -13.68 31.47 53.78
N ILE C 245 -14.07 30.42 53.06
CA ILE C 245 -13.16 29.52 52.38
C ILE C 245 -13.36 29.66 50.88
N LEU C 246 -12.26 29.62 50.13
CA LEU C 246 -12.32 29.65 48.68
C LEU C 246 -11.81 28.34 48.11
N VAL C 247 -12.48 27.87 47.06
CA VAL C 247 -12.15 26.60 46.41
C VAL C 247 -12.07 26.82 44.92
N LYS C 248 -11.30 25.96 44.24
CA LYS C 248 -11.08 26.12 42.81
C LYS C 248 -12.35 25.90 42.02
N ASP C 249 -13.05 24.80 42.28
CA ASP C 249 -14.13 24.34 41.43
C ASP C 249 -14.88 23.28 42.23
N VAL C 250 -16.10 22.94 41.77
CA VAL C 250 -16.83 21.87 42.43
C VAL C 250 -16.10 20.54 42.26
N ASP C 251 -15.45 20.35 41.10
CA ASP C 251 -14.65 19.15 40.90
C ASP C 251 -13.60 19.01 41.98
N HIS C 252 -13.10 20.13 42.52
CA HIS C 252 -12.23 20.08 43.68
C HIS C 252 -12.97 19.50 44.88
N LEU C 253 -14.25 19.84 45.04
CA LEU C 253 -15.04 19.28 46.14
C LEU C 253 -15.18 17.78 46.00
N ILE C 254 -15.49 17.29 44.80
CA ILE C 254 -15.61 15.85 44.62
C ILE C 254 -14.26 15.16 44.82
N ARG C 255 -13.18 15.73 44.27
CA ARG C 255 -11.87 15.11 44.41
C ARG C 255 -11.40 15.10 45.85
N SER C 256 -11.82 16.07 46.65
CA SER C 256 -11.44 16.10 48.06
C SER C 256 -12.17 15.05 48.88
N LYS C 257 -13.26 14.50 48.36
CA LYS C 257 -14.08 13.50 49.06
C LYS C 257 -14.53 14.01 50.42
N VAL C 258 -14.96 15.28 50.46
CA VAL C 258 -15.41 15.87 51.71
C VAL C 258 -16.72 15.23 52.16
N ARG C 259 -16.87 15.11 53.48
CA ARG C 259 -18.06 14.51 54.08
C ARG C 259 -18.76 15.54 54.96
N GLU C 260 -20.07 15.36 55.13
CA GLU C 260 -20.85 16.28 55.93
C GLU C 260 -20.44 16.18 57.40
N HIS C 261 -20.30 17.34 58.04
CA HIS C 261 -19.94 17.44 59.46
C HIS C 261 -18.63 16.71 59.76
N THR C 262 -17.57 17.16 59.07
CA THR C 262 -16.23 16.60 59.23
C THR C 262 -15.23 17.74 59.28
N PHE C 263 -13.97 17.39 59.55
CA PHE C 263 -12.87 18.35 59.59
C PHE C 263 -11.85 17.99 58.53
N VAL C 264 -11.33 19.01 57.84
CA VAL C 264 -10.40 18.82 56.74
C VAL C 264 -9.23 19.79 56.88
N LYS C 265 -8.12 19.43 56.23
CA LYS C 265 -6.94 20.26 56.20
C LYS C 265 -7.15 21.45 55.27
N VAL C 266 -6.38 22.51 55.52
CA VAL C 266 -6.52 23.76 54.77
C VAL C 266 -5.19 24.50 54.83
N LYS C 267 -4.84 25.14 53.72
CA LYS C 267 -3.68 26.05 53.67
C LYS C 267 -4.19 27.46 53.93
N LYS C 268 -3.82 28.01 55.09
CA LYS C 268 -4.30 29.32 55.52
C LYS C 268 -3.18 30.35 55.40
N LYS C 269 -3.57 31.56 55.01
CA LYS C 269 -2.64 32.66 54.81
C LYS C 269 -3.07 33.89 55.60
N ASN C 270 -2.42 35.03 55.34
CA ASN C 270 -2.77 36.25 56.07
C ASN C 270 -4.19 36.71 55.75
N THR C 271 -4.58 36.62 54.48
CA THR C 271 -5.87 37.15 54.05
C THR C 271 -6.95 36.07 53.94
N PHE C 272 -6.70 35.03 53.14
CA PHE C 272 -7.68 33.99 52.89
C PHE C 272 -7.00 32.63 52.97
N SER C 273 -7.79 31.58 52.76
CA SER C 273 -7.31 30.21 52.86
C SER C 273 -7.94 29.36 51.76
N ILE C 274 -7.29 28.24 51.45
CA ILE C 274 -7.72 27.35 50.39
C ILE C 274 -7.70 25.91 50.90
N LEU C 275 -8.76 25.16 50.59
CA LEU C 275 -8.81 23.75 50.96
C LEU C 275 -7.83 22.96 50.10
N TYR C 276 -7.22 21.94 50.71
CA TYR C 276 -6.19 21.14 50.06
C TYR C 276 -6.80 19.87 49.49
N ASP C 277 -6.47 19.56 48.24
CA ASP C 277 -6.97 18.37 47.57
C ASP C 277 -6.05 17.18 47.85
N TYR C 278 -6.24 16.10 47.10
CA TYR C 278 -5.45 14.88 47.24
C TYR C 278 -5.56 14.31 48.66
N ASP C 279 -6.79 13.95 49.04
CA ASP C 279 -7.05 13.40 50.36
C ASP C 279 -6.50 11.98 50.47
N THR C 285 -17.71 5.26 44.53
CA THR C 285 -16.58 6.17 44.65
C THR C 285 -16.94 7.56 44.13
N ARG C 286 -16.65 7.80 42.86
CA ARG C 286 -16.96 9.09 42.25
C ARG C 286 -18.46 9.33 42.21
N GLY C 287 -19.24 8.31 41.85
CA GLY C 287 -20.68 8.44 41.82
C GLY C 287 -21.28 8.71 43.18
N GLU C 288 -20.75 8.05 44.22
CA GLU C 288 -21.25 8.27 45.58
C GLU C 288 -21.08 9.73 45.98
N VAL C 289 -19.91 10.31 45.72
CA VAL C 289 -19.68 11.71 46.08
C VAL C 289 -20.52 12.64 45.22
N ILE C 290 -20.61 12.35 43.90
CA ILE C 290 -21.32 13.24 43.00
C ILE C 290 -22.81 13.25 43.31
N LYS C 291 -23.34 12.16 43.87
CA LYS C 291 -24.74 12.18 44.30
C LYS C 291 -24.91 12.73 45.70
N ARG C 292 -23.94 12.49 46.59
CA ARG C 292 -24.03 13.00 47.95
C ARG C 292 -24.03 14.52 47.97
N ILE C 293 -23.14 15.13 47.18
CA ILE C 293 -23.06 16.59 47.19
C ILE C 293 -24.39 17.21 46.77
N ILE C 294 -25.00 16.67 45.71
CA ILE C 294 -26.22 17.29 45.20
C ILE C 294 -27.40 17.00 46.12
N ASP C 295 -27.59 15.75 46.55
CA ASP C 295 -28.76 15.51 47.40
C ASP C 295 -28.58 16.06 48.80
N THR C 296 -27.37 16.51 49.15
CA THR C 296 -27.20 17.29 50.37
C THR C 296 -27.53 18.76 50.12
N ILE C 297 -27.03 19.33 49.02
CA ILE C 297 -27.35 20.72 48.73
C ILE C 297 -28.81 20.86 48.29
N GLY C 298 -29.37 19.85 47.64
CA GLY C 298 -30.76 19.87 47.23
C GLY C 298 -31.04 19.15 45.93
N ARG C 299 -32.27 18.67 45.79
CA ARG C 299 -32.66 17.95 44.58
C ARG C 299 -32.62 18.86 43.35
N ASP C 300 -33.04 20.11 43.51
CA ASP C 300 -33.06 21.07 42.39
C ASP C 300 -31.63 21.56 42.14
N TYR C 301 -30.80 20.66 41.63
CA TYR C 301 -29.42 20.97 41.29
C TYR C 301 -28.94 20.00 40.21
N TYR C 302 -28.12 20.52 39.29
CA TYR C 302 -27.45 19.67 38.32
C TYR C 302 -26.19 20.38 37.84
N VAL C 303 -25.32 19.62 37.17
CA VAL C 303 -23.97 20.05 36.88
C VAL C 303 -23.87 20.49 35.42
N ASN C 304 -23.23 21.63 35.20
CA ASN C 304 -22.81 22.10 33.88
C ASN C 304 -21.29 22.27 33.95
N GLY C 305 -20.57 21.20 33.65
CA GLY C 305 -19.13 21.22 33.76
C GLY C 305 -18.66 21.52 35.17
N LYS C 306 -18.13 22.71 35.39
CA LYS C 306 -17.66 23.14 36.69
C LYS C 306 -18.68 23.94 37.47
N TYR C 307 -19.89 24.12 36.93
CA TYR C 307 -20.89 24.98 37.54
C TYR C 307 -22.11 24.17 37.96
N PHE C 308 -22.94 24.78 38.81
CA PHE C 308 -24.19 24.19 39.25
C PHE C 308 -25.36 25.01 38.73
N SER C 309 -26.52 24.37 38.61
CA SER C 309 -27.68 25.03 38.02
C SER C 309 -28.98 24.44 38.52
N LYS C 310 -30.03 25.25 38.47
CA LYS C 310 -31.38 24.88 38.84
C LYS C 310 -32.03 24.05 37.74
N VAL C 311 -33.33 23.78 37.93
CA VAL C 311 -34.15 23.10 36.93
C VAL C 311 -35.34 24.00 36.60
N GLY C 312 -35.11 25.31 36.65
CA GLY C 312 -36.17 26.29 36.56
C GLY C 312 -37.05 26.14 35.33
N ILE C 313 -38.25 26.69 35.44
CA ILE C 313 -39.27 26.51 34.42
C ILE C 313 -38.88 27.23 33.13
N ALA C 314 -38.10 28.30 33.23
CA ALA C 314 -37.66 29.09 32.08
C ALA C 314 -38.85 29.65 31.30
N GLY C 315 -38.58 30.21 30.13
CA GLY C 315 -39.65 30.80 29.33
C GLY C 315 -39.08 31.57 28.15
N LEU C 316 -39.98 32.26 27.46
CA LEU C 316 -39.61 32.96 26.23
C LEU C 316 -38.61 34.07 26.50
N LYS C 317 -38.63 34.65 27.70
CA LYS C 317 -37.59 35.60 28.07
C LYS C 317 -36.22 34.92 28.11
N GLN C 318 -36.18 33.68 28.61
CA GLN C 318 -34.92 32.94 28.67
C GLN C 318 -34.38 32.62 27.29
N LEU C 319 -35.19 32.77 26.24
CA LEU C 319 -34.71 32.66 24.87
C LEU C 319 -34.34 34.03 24.31
N THR C 320 -35.23 35.01 24.46
CA THR C 320 -35.01 36.32 23.86
C THR C 320 -33.84 37.07 24.49
N ASN C 321 -33.45 36.71 25.71
CA ASN C 321 -32.30 37.38 26.32
C ASN C 321 -31.02 37.13 25.55
N LYS C 322 -30.80 35.89 25.13
CA LYS C 322 -29.58 35.52 24.40
C LYS C 322 -29.69 35.75 22.90
N LEU C 323 -30.87 36.08 22.39
CA LEU C 323 -31.01 36.45 20.99
C LEU C 323 -30.67 37.91 20.72
N ASP C 324 -30.33 38.67 21.77
CA ASP C 324 -29.96 40.09 21.64
C ASP C 324 -31.06 40.88 20.93
N ILE C 325 -32.32 40.60 21.28
CA ILE C 325 -33.46 41.26 20.68
C ILE C 325 -34.27 41.94 21.78
N ASN C 326 -35.09 42.90 21.36
CA ASN C 326 -35.96 43.60 22.29
C ASN C 326 -36.98 42.64 22.89
N GLU C 327 -37.28 42.82 24.17
CA GLU C 327 -38.21 41.93 24.86
C GLU C 327 -39.60 42.04 24.26
N CYS C 328 -40.23 40.89 24.04
CA CYS C 328 -41.58 40.84 23.50
C CYS C 328 -42.19 39.48 23.84
N ALA C 329 -43.51 39.41 23.74
CA ALA C 329 -44.24 38.19 24.06
C ALA C 329 -45.26 37.80 23.00
N THR C 330 -45.24 38.46 21.84
CA THR C 330 -46.17 38.18 20.76
C THR C 330 -45.45 37.39 19.68
N VAL C 331 -45.98 36.20 19.37
CA VAL C 331 -45.31 35.31 18.42
C VAL C 331 -45.32 35.90 17.01
N ASP C 332 -46.37 36.63 16.66
CA ASP C 332 -46.42 37.24 15.34
C ASP C 332 -45.30 38.25 15.14
N GLU C 333 -45.01 39.05 16.17
CA GLU C 333 -43.97 40.06 16.08
C GLU C 333 -42.57 39.46 16.05
N LEU C 334 -42.43 38.18 16.40
CA LEU C 334 -41.11 37.55 16.43
C LEU C 334 -40.43 37.49 15.07
N VAL C 335 -41.09 37.93 14.00
CA VAL C 335 -40.47 38.00 12.69
C VAL C 335 -39.99 39.40 12.34
N ASP C 336 -40.50 40.44 13.02
CA ASP C 336 -40.15 41.81 12.66
C ASP C 336 -38.70 42.11 13.03
N GLU C 337 -38.38 42.06 14.32
CA GLU C 337 -37.04 42.47 14.77
C GLU C 337 -35.94 41.62 14.16
N ILE C 338 -36.27 40.42 13.68
CA ILE C 338 -35.26 39.58 13.02
C ILE C 338 -34.68 40.30 11.81
N ASN C 339 -35.52 41.01 11.05
CA ASN C 339 -35.01 41.75 9.91
C ASN C 339 -34.39 43.09 10.31
N LYS C 340 -34.51 43.47 11.59
CA LYS C 340 -33.92 44.73 12.03
C LYS C 340 -32.41 44.62 12.19
N SER C 341 -31.93 43.47 12.66
CA SER C 341 -30.50 43.25 12.91
C SER C 341 -30.01 42.12 12.02
N GLY C 342 -28.98 42.41 11.22
CA GLY C 342 -28.39 41.38 10.39
C GLY C 342 -27.68 40.30 11.19
N THR C 343 -27.06 40.70 12.30
CA THR C 343 -26.33 39.74 13.12
C THR C 343 -27.26 38.66 13.66
N VAL C 344 -28.44 39.05 14.15
CA VAL C 344 -29.36 38.07 14.72
C VAL C 344 -29.85 37.10 13.67
N LYS C 345 -30.24 37.60 12.49
CA LYS C 345 -30.73 36.72 11.44
C LYS C 345 -29.63 35.78 10.96
N ARG C 346 -28.40 36.30 10.78
CA ARG C 346 -27.30 35.43 10.36
C ARG C 346 -27.03 34.35 11.41
N LYS C 347 -27.02 34.73 12.69
CA LYS C 347 -26.75 33.77 13.75
C LYS C 347 -27.81 32.70 13.80
N ILE C 348 -29.08 33.06 13.58
CA ILE C 348 -30.11 32.04 13.66
C ILE C 348 -30.15 31.18 12.40
N LYS C 349 -29.77 31.73 11.25
CA LYS C 349 -29.73 30.91 10.03
C LYS C 349 -28.61 29.88 10.10
N ASN C 350 -27.39 30.31 10.45
CA ASN C 350 -26.28 29.37 10.48
C ASN C 350 -26.46 28.30 11.54
N GLN C 351 -26.97 28.67 12.72
CA GLN C 351 -27.06 27.74 13.83
C GLN C 351 -28.31 26.88 13.72
N SER C 352 -28.23 25.67 14.28
CA SER C 352 -29.25 24.65 14.08
C SER C 352 -30.45 24.88 14.99
N VAL C 353 -31.31 23.88 15.12
CA VAL C 353 -32.52 23.97 15.92
C VAL C 353 -32.36 23.24 17.25
N PHE C 354 -31.90 21.99 17.22
CA PHE C 354 -31.72 21.23 18.45
C PHE C 354 -30.71 21.90 19.37
N ASP C 355 -29.58 22.34 18.80
CA ASP C 355 -28.57 23.01 19.62
C ASP C 355 -29.07 24.35 20.12
N LEU C 356 -29.99 24.99 19.40
CA LEU C 356 -30.55 26.26 19.86
C LEU C 356 -31.34 26.06 21.16
N SER C 357 -32.25 25.09 21.17
CA SER C 357 -32.98 24.79 22.38
C SER C 357 -32.05 24.26 23.48
N ARG C 358 -31.00 23.53 23.10
CA ARG C 358 -30.07 23.03 24.12
C ARG C 358 -29.33 24.17 24.80
N GLU C 359 -28.85 25.15 24.03
CA GLU C 359 -28.11 26.26 24.60
C GLU C 359 -29.01 27.28 25.28
N CYS C 360 -30.28 27.41 24.85
CA CYS C 360 -31.20 28.29 25.55
C CYS C 360 -31.44 27.82 26.98
N LEU C 361 -31.59 26.52 27.16
CA LEU C 361 -31.87 25.94 28.47
C LEU C 361 -30.61 25.63 29.27
N GLY C 362 -29.43 25.84 28.68
CA GLY C 362 -28.19 25.63 29.41
C GLY C 362 -27.93 24.20 29.84
N TYR C 363 -28.31 23.24 29.00
CA TYR C 363 -28.06 21.84 29.28
C TYR C 363 -26.59 21.50 29.06
N PRO C 364 -26.09 20.43 29.68
CA PRO C 364 -24.79 19.89 29.29
C PRO C 364 -24.92 19.12 27.99
N GLU C 365 -23.77 18.79 27.40
CA GLU C 365 -23.75 18.18 26.08
C GLU C 365 -23.78 16.65 26.17
N ALA C 366 -22.82 16.06 26.88
CA ALA C 366 -22.66 14.62 26.86
C ALA C 366 -23.84 13.91 27.51
N ASP C 367 -24.22 14.33 28.72
CA ASP C 367 -25.29 13.64 29.43
C ASP C 367 -26.63 13.79 28.72
N PHE C 368 -26.91 14.98 28.20
CA PHE C 368 -28.15 15.17 27.46
C PHE C 368 -28.21 14.27 26.25
N ILE C 369 -27.12 14.17 25.49
CA ILE C 369 -27.11 13.34 24.30
C ILE C 369 -27.27 11.87 24.68
N THR C 370 -26.59 11.42 25.72
CA THR C 370 -26.70 10.01 26.09
C THR C 370 -28.06 9.70 26.70
N LEU C 371 -28.78 10.71 27.20
CA LEU C 371 -30.18 10.50 27.57
C LEU C 371 -31.08 10.41 26.34
N VAL C 372 -30.85 11.28 25.35
CA VAL C 372 -31.72 11.33 24.19
C VAL C 372 -31.56 10.07 23.34
N ASN C 373 -30.33 9.56 23.22
CA ASN C 373 -30.07 8.42 22.34
C ASN C 373 -30.72 7.13 22.83
N ASN C 374 -31.24 7.09 24.05
CA ASN C 374 -31.99 5.95 24.54
C ASN C 374 -33.36 6.39 25.04
N MET C 375 -34.05 7.18 24.20
CA MET C 375 -35.39 7.66 24.51
C MET C 375 -36.16 7.79 23.20
N ARG C 376 -37.07 6.85 22.97
CA ARG C 376 -37.76 6.78 21.68
C ARG C 376 -38.77 7.90 21.54
N PHE C 377 -38.87 8.44 20.33
CA PHE C 377 -39.73 9.56 20.01
C PHE C 377 -40.71 9.20 18.90
N LYS C 378 -41.88 9.81 18.95
CA LYS C 378 -42.87 9.73 17.88
C LYS C 378 -43.22 11.16 17.49
N ILE C 379 -43.05 11.48 16.21
CA ILE C 379 -43.11 12.84 15.73
C ILE C 379 -44.12 12.93 14.60
N GLU C 380 -44.46 14.16 14.23
CA GLU C 380 -45.40 14.42 13.14
C GLU C 380 -45.22 15.86 12.70
N ASN C 381 -45.03 16.05 11.39
CA ASN C 381 -44.81 17.37 10.80
C ASN C 381 -43.67 18.08 11.54
N CYS C 382 -42.55 17.37 11.67
CA CYS C 382 -41.29 17.92 12.21
C CYS C 382 -41.45 18.42 13.65
N LYS C 383 -42.42 17.91 14.39
CA LYS C 383 -42.62 18.31 15.78
C LYS C 383 -42.77 17.07 16.65
N VAL C 384 -42.34 17.19 17.89
CA VAL C 384 -42.41 16.07 18.83
C VAL C 384 -43.81 16.00 19.42
N VAL C 385 -44.41 14.81 19.37
CA VAL C 385 -45.73 14.61 19.95
C VAL C 385 -45.78 13.47 20.96
N ASN C 386 -44.81 12.57 21.01
CA ASN C 386 -44.82 11.53 22.02
C ASN C 386 -43.39 11.08 22.30
N PHE C 387 -43.14 10.66 23.54
CA PHE C 387 -41.82 10.16 23.89
C PHE C 387 -41.94 9.14 25.01
N ASN C 388 -40.99 8.20 25.03
CA ASN C 388 -40.91 7.22 26.10
C ASN C 388 -39.46 6.82 26.31
N ILE C 389 -39.17 6.31 27.50
CA ILE C 389 -37.84 5.84 27.85
C ILE C 389 -37.80 4.33 27.65
N GLU C 390 -36.64 3.83 27.23
CA GLU C 390 -36.46 2.40 27.01
C GLU C 390 -35.45 1.78 27.97
N ASN C 391 -34.30 2.41 28.16
CA ASN C 391 -33.29 1.95 29.10
C ASN C 391 -33.03 3.04 30.13
N THR C 392 -33.13 2.67 31.40
CA THR C 392 -32.98 3.63 32.49
C THR C 392 -31.61 3.56 33.16
N ASN C 393 -30.64 2.92 32.52
CA ASN C 393 -29.31 2.85 33.11
C ASN C 393 -28.73 4.24 33.33
N CYS C 394 -28.81 5.08 32.30
CA CYS C 394 -28.33 6.46 32.45
C CYS C 394 -29.13 7.21 33.50
N LEU C 395 -30.38 6.80 33.74
CA LEU C 395 -31.18 7.43 34.77
C LEU C 395 -30.61 7.18 36.16
N ASN C 396 -29.74 6.17 36.32
CA ASN C 396 -29.08 5.98 37.60
C ASN C 396 -28.22 7.18 37.97
N ASN C 397 -27.76 7.93 36.97
CA ASN C 397 -27.12 9.21 37.24
C ASN C 397 -28.18 10.21 37.66
N PRO C 398 -28.08 10.81 38.85
CA PRO C 398 -29.10 11.79 39.26
C PRO C 398 -29.18 13.00 38.36
N SER C 399 -28.07 13.39 37.73
CA SER C 399 -28.10 14.53 36.81
C SER C 399 -29.01 14.24 35.62
N ILE C 400 -29.04 12.99 35.16
CA ILE C 400 -29.93 12.61 34.06
C ILE C 400 -31.38 12.80 34.47
N GLU C 401 -31.72 12.39 35.70
CA GLU C 401 -33.08 12.61 36.19
C GLU C 401 -33.40 14.10 36.28
N THR C 402 -32.44 14.89 36.75
CA THR C 402 -32.67 16.33 36.85
C THR C 402 -32.94 16.94 35.47
N ILE C 403 -32.18 16.51 34.46
CA ILE C 403 -32.43 16.98 33.09
C ILE C 403 -33.80 16.52 32.62
N TYR C 404 -34.15 15.26 32.90
CA TYR C 404 -35.44 14.72 32.48
C TYR C 404 -36.59 15.50 33.11
N GLY C 405 -36.37 16.12 34.27
CA GLY C 405 -37.46 16.80 34.96
C GLY C 405 -38.16 17.84 34.11
N ASN C 406 -37.39 18.67 33.41
CA ASN C 406 -37.95 19.77 32.62
C ASN C 406 -38.02 19.42 31.13
N PHE C 407 -38.21 18.14 30.84
CA PHE C 407 -38.34 17.68 29.46
C PHE C 407 -39.57 18.28 28.78
N ASN C 408 -40.64 18.54 29.52
CA ASN C 408 -41.82 19.15 28.91
C ASN C 408 -41.52 20.57 28.43
N GLN C 409 -40.84 21.37 29.24
CA GLN C 409 -40.45 22.70 28.79
C GLN C 409 -39.49 22.60 27.62
N PHE C 410 -38.61 21.59 27.63
CA PHE C 410 -37.71 21.40 26.51
C PHE C 410 -38.48 21.17 25.22
N VAL C 411 -39.46 20.26 25.24
CA VAL C 411 -40.19 19.95 24.01
C VAL C 411 -41.02 21.15 23.60
N SER C 412 -41.58 21.89 24.58
CA SER C 412 -42.38 23.05 24.24
C SER C 412 -41.55 24.11 23.50
N ILE C 413 -40.37 24.42 24.04
CA ILE C 413 -39.52 25.40 23.36
C ILE C 413 -39.03 24.84 22.04
N PHE C 414 -38.88 23.52 21.93
CA PHE C 414 -38.47 22.90 20.67
C PHE C 414 -39.54 23.13 19.59
N ASN C 415 -40.80 22.86 19.94
CA ASN C 415 -41.87 23.09 18.96
C ASN C 415 -41.98 24.57 18.62
N THR C 416 -41.80 25.45 19.61
CA THR C 416 -41.82 26.88 19.32
C THR C 416 -40.74 27.26 18.32
N VAL C 417 -39.52 26.76 18.53
CA VAL C 417 -38.43 27.07 17.62
C VAL C 417 -38.72 26.56 16.23
N THR C 418 -39.21 25.32 16.12
CA THR C 418 -39.40 24.76 14.79
C THR C 418 -40.51 25.49 14.03
N ASP C 419 -41.62 25.82 14.69
CA ASP C 419 -42.68 26.46 13.93
C ASP C 419 -42.49 27.97 13.80
N VAL C 420 -41.49 28.56 14.48
CA VAL C 420 -41.16 29.94 14.13
C VAL C 420 -40.12 29.96 13.02
N LYS C 421 -39.17 29.01 13.02
CA LYS C 421 -38.18 28.99 11.95
C LYS C 421 -38.82 28.60 10.63
N LYS C 422 -39.84 27.73 10.67
CA LYS C 422 -40.63 27.51 9.47
C LYS C 422 -41.25 28.81 8.99
N ARG C 423 -41.78 29.62 9.91
CA ARG C 423 -42.43 30.86 9.52
C ARG C 423 -41.43 31.82 8.88
N LEU C 424 -40.26 32.00 9.49
CA LEU C 424 -39.28 32.96 9.01
C LEU C 424 -38.24 32.31 8.08
N PHE C 425 -38.55 31.14 7.54
CA PHE C 425 -37.71 30.49 6.53
C PHE C 425 -36.33 30.13 7.06
#